data_1X6A
#
_entry.id   1X6A
#
loop_
_entity.id
_entity.type
_entity.pdbx_description
1 polymer 'LIM domain kinase 2'
2 non-polymer 'ZINC ION'
#
_entity_poly.entity_id   1
_entity_poly.type   'polypeptide(L)'
_entity_poly.pdbx_seq_one_letter_code
;GSSGSSGKDYWGKFGEFCHGCSLLMTGPFMVAGEFKYHPECFACMSCKVIIEDGDAYALVQHATLYCGKCHNEVVSGPSS
G
;
_entity_poly.pdbx_strand_id   A
#
# COMPACT_ATOMS: atom_id res chain seq x y z
N GLY A 1 -5.64 -22.45 13.03
CA GLY A 1 -5.26 -21.67 11.86
C GLY A 1 -3.76 -21.47 11.90
N SER A 2 -3.10 -21.43 10.74
CA SER A 2 -1.65 -21.26 10.68
C SER A 2 -1.25 -20.27 9.59
N SER A 3 -0.09 -19.63 9.79
CA SER A 3 0.55 -18.66 8.92
C SER A 3 1.95 -18.45 9.48
N GLY A 4 2.81 -17.79 8.71
CA GLY A 4 4.19 -17.50 9.07
C GLY A 4 5.01 -17.57 7.79
N SER A 5 5.25 -16.44 7.15
CA SER A 5 6.01 -16.35 5.90
C SER A 5 6.97 -15.18 6.02
N SER A 6 8.17 -15.29 5.45
CA SER A 6 9.21 -14.26 5.52
C SER A 6 9.97 -14.13 4.20
N GLY A 7 11.09 -13.40 4.20
CA GLY A 7 11.94 -13.14 3.05
C GLY A 7 11.80 -11.66 2.73
N LYS A 8 12.67 -10.83 3.30
CA LYS A 8 12.64 -9.38 3.10
C LYS A 8 14.07 -8.88 3.31
N ASP A 9 14.74 -8.52 2.23
CA ASP A 9 16.12 -8.04 2.29
C ASP A 9 16.21 -6.72 3.04
N TYR A 10 17.21 -6.65 3.90
CA TYR A 10 17.58 -5.50 4.72
C TYR A 10 18.51 -4.63 3.88
N TRP A 11 19.52 -5.27 3.28
CA TRP A 11 20.50 -4.67 2.41
C TRP A 11 19.85 -4.44 1.03
N GLY A 12 20.61 -3.99 0.03
CA GLY A 12 20.14 -3.75 -1.34
C GLY A 12 19.01 -2.74 -1.36
N LYS A 13 19.32 -1.45 -1.29
CA LYS A 13 18.34 -0.37 -1.29
C LYS A 13 18.91 0.73 -2.19
N PHE A 14 18.63 0.57 -3.48
CA PHE A 14 19.02 1.43 -4.60
C PHE A 14 17.83 1.56 -5.55
N GLY A 15 17.22 0.44 -5.94
CA GLY A 15 16.06 0.36 -6.82
C GLY A 15 14.80 0.65 -6.02
N GLU A 16 13.65 0.21 -6.54
CA GLU A 16 12.38 0.41 -5.88
C GLU A 16 11.72 -0.94 -5.69
N PHE A 17 11.11 -1.09 -4.52
CA PHE A 17 10.47 -2.30 -4.08
C PHE A 17 9.06 -1.99 -3.63
N CYS A 18 8.10 -2.88 -3.88
CA CYS A 18 6.72 -2.64 -3.44
C CYS A 18 6.76 -2.62 -1.93
N HIS A 19 6.36 -1.52 -1.27
CA HIS A 19 6.36 -1.40 0.18
C HIS A 19 5.77 -2.66 0.83
N GLY A 20 4.63 -3.12 0.34
CA GLY A 20 3.95 -4.29 0.86
C GLY A 20 4.72 -5.60 0.78
N CYS A 21 5.58 -5.83 -0.22
CA CYS A 21 6.30 -7.12 -0.28
C CYS A 21 7.83 -7.02 -0.17
N SER A 22 8.40 -5.82 -0.25
CA SER A 22 9.83 -5.53 -0.23
C SER A 22 10.55 -6.13 -1.46
N LEU A 23 9.85 -6.76 -2.40
CA LEU A 23 10.46 -7.33 -3.61
C LEU A 23 10.62 -6.22 -4.63
N LEU A 24 11.73 -6.28 -5.35
CA LEU A 24 12.18 -5.36 -6.38
C LEU A 24 11.19 -5.40 -7.55
N MET A 25 10.89 -4.25 -8.14
CA MET A 25 9.98 -4.13 -9.28
C MET A 25 10.77 -3.63 -10.49
N THR A 26 10.19 -3.68 -11.68
CA THR A 26 10.84 -3.27 -12.93
C THR A 26 9.90 -2.60 -13.93
N GLY A 27 8.66 -3.08 -14.01
CA GLY A 27 7.60 -2.60 -14.90
C GLY A 27 6.88 -1.39 -14.30
N PRO A 28 5.61 -1.16 -14.67
CA PRO A 28 4.86 -0.02 -14.15
C PRO A 28 4.60 -0.20 -12.66
N PHE A 29 4.31 0.92 -11.99
CA PHE A 29 4.03 0.99 -10.56
C PHE A 29 3.07 2.14 -10.32
N MET A 30 2.57 2.28 -9.09
CA MET A 30 1.65 3.33 -8.69
C MET A 30 2.29 4.09 -7.54
N VAL A 31 2.04 5.41 -7.47
CA VAL A 31 2.59 6.27 -6.43
C VAL A 31 1.46 7.08 -5.79
N ALA A 32 1.41 7.03 -4.47
CA ALA A 32 0.46 7.71 -3.60
C ALA A 32 0.99 7.59 -2.17
N GLY A 33 0.53 8.50 -1.29
CA GLY A 33 0.89 8.52 0.12
C GLY A 33 2.39 8.50 0.37
N GLU A 34 3.19 9.09 -0.53
CA GLU A 34 4.66 9.15 -0.49
C GLU A 34 5.35 7.78 -0.37
N PHE A 35 4.68 6.70 -0.78
CA PHE A 35 5.20 5.33 -0.76
C PHE A 35 5.27 4.84 -2.22
N LYS A 36 5.61 3.56 -2.43
CA LYS A 36 5.72 2.93 -3.74
C LYS A 36 5.15 1.53 -3.63
N TYR A 37 4.40 1.06 -4.63
CA TYR A 37 3.80 -0.27 -4.60
C TYR A 37 3.72 -0.92 -5.96
N HIS A 38 3.67 -2.27 -5.97
CA HIS A 38 3.50 -2.98 -7.24
C HIS A 38 2.09 -2.57 -7.74
N PRO A 39 1.81 -2.62 -9.05
CA PRO A 39 0.50 -2.24 -9.61
C PRO A 39 -0.63 -3.21 -9.20
N GLU A 40 -0.28 -4.28 -8.49
CA GLU A 40 -1.13 -5.33 -7.97
C GLU A 40 -1.27 -5.27 -6.43
N CYS A 41 -0.61 -4.34 -5.75
CA CYS A 41 -0.63 -4.27 -4.29
C CYS A 41 -1.10 -2.94 -3.69
N PHE A 42 -1.76 -2.09 -4.47
CA PHE A 42 -2.32 -0.83 -4.02
C PHE A 42 -3.81 -1.18 -3.96
N ALA A 43 -4.28 -1.61 -2.79
CA ALA A 43 -5.66 -2.06 -2.59
C ALA A 43 -6.29 -1.55 -1.29
N CYS A 44 -7.64 -1.59 -1.20
CA CYS A 44 -8.36 -1.15 0.00
C CYS A 44 -7.92 -2.13 1.09
N MET A 45 -7.39 -1.63 2.21
CA MET A 45 -6.90 -2.46 3.30
C MET A 45 -7.92 -3.53 3.73
N SER A 46 -9.08 -3.05 4.15
CA SER A 46 -10.17 -3.88 4.63
C SER A 46 -10.75 -4.86 3.60
N CYS A 47 -11.10 -4.40 2.39
CA CYS A 47 -11.75 -5.27 1.39
C CYS A 47 -10.83 -5.97 0.36
N LYS A 48 -9.57 -5.57 0.21
CA LYS A 48 -8.59 -6.15 -0.73
C LYS A 48 -8.81 -5.91 -2.24
N VAL A 49 -9.76 -5.05 -2.63
CA VAL A 49 -10.01 -4.73 -4.04
C VAL A 49 -8.78 -4.00 -4.58
N ILE A 50 -8.35 -4.36 -5.78
CA ILE A 50 -7.19 -3.74 -6.42
C ILE A 50 -7.64 -2.40 -7.00
N ILE A 51 -6.87 -1.36 -6.73
CA ILE A 51 -7.10 -0.01 -7.25
C ILE A 51 -6.22 0.07 -8.49
N GLU A 52 -6.77 0.71 -9.52
CA GLU A 52 -6.16 0.90 -10.83
C GLU A 52 -5.86 2.40 -11.00
N ASP A 53 -5.09 2.75 -12.05
CA ASP A 53 -4.68 4.12 -12.39
C ASP A 53 -5.85 5.00 -12.82
N GLY A 54 -6.62 5.45 -11.85
CA GLY A 54 -7.77 6.31 -12.03
C GLY A 54 -8.83 6.06 -10.98
N ASP A 55 -8.92 4.85 -10.40
CA ASP A 55 -9.92 4.56 -9.38
C ASP A 55 -9.58 5.31 -8.11
N ALA A 56 -10.58 6.00 -7.58
CA ALA A 56 -10.56 6.84 -6.39
C ALA A 56 -10.07 6.14 -5.12
N TYR A 57 -8.83 6.41 -4.72
CA TYR A 57 -8.25 5.87 -3.49
C TYR A 57 -8.48 6.94 -2.40
N ALA A 58 -8.24 6.60 -1.14
CA ALA A 58 -8.38 7.49 0.00
C ALA A 58 -7.26 7.16 0.99
N LEU A 59 -6.69 8.19 1.62
CA LEU A 59 -5.60 8.08 2.58
C LEU A 59 -6.06 8.52 3.96
N VAL A 60 -5.35 8.00 4.96
CA VAL A 60 -5.57 8.23 6.36
C VAL A 60 -4.34 8.93 6.95
N GLN A 61 -4.53 9.59 8.08
CA GLN A 61 -3.51 10.30 8.83
C GLN A 61 -2.42 9.35 9.35
N HIS A 62 -2.68 8.03 9.33
CA HIS A 62 -1.79 6.95 9.75
C HIS A 62 -1.48 6.10 8.51
N ALA A 63 -0.58 5.12 8.63
CA ALA A 63 -0.21 4.22 7.54
C ALA A 63 -1.38 3.28 7.24
N THR A 64 -2.34 3.71 6.41
CA THR A 64 -3.51 2.95 6.03
C THR A 64 -4.04 3.53 4.70
N LEU A 65 -4.74 2.72 3.91
CA LEU A 65 -5.28 3.12 2.61
C LEU A 65 -6.65 2.47 2.45
N TYR A 66 -7.63 3.25 1.99
CA TYR A 66 -9.00 2.79 1.76
C TYR A 66 -9.47 3.24 0.37
N CYS A 67 -10.65 2.76 -0.01
CA CYS A 67 -11.27 3.07 -1.29
C CYS A 67 -12.19 4.29 -1.09
N GLY A 68 -12.42 5.14 -2.09
CA GLY A 68 -13.29 6.31 -1.93
C GLY A 68 -14.71 5.94 -1.48
N LYS A 69 -15.25 4.82 -2.01
CA LYS A 69 -16.61 4.37 -1.68
C LYS A 69 -16.79 4.05 -0.19
N CYS A 70 -15.81 3.38 0.40
CA CYS A 70 -15.78 2.93 1.79
C CYS A 70 -15.12 3.88 2.78
N HIS A 71 -14.13 4.69 2.37
CA HIS A 71 -13.50 5.65 3.30
C HIS A 71 -14.55 6.70 3.72
N ASN A 72 -15.66 6.72 2.99
CA ASN A 72 -16.84 7.52 3.15
C ASN A 72 -17.33 7.43 4.60
N GLU A 73 -17.17 6.26 5.23
CA GLU A 73 -17.57 6.01 6.61
C GLU A 73 -16.64 6.69 7.63
N VAL A 74 -15.35 6.82 7.31
CA VAL A 74 -14.32 7.42 8.15
C VAL A 74 -14.44 8.94 8.16
N VAL A 75 -15.12 9.51 7.16
CA VAL A 75 -15.28 10.95 7.03
C VAL A 75 -16.69 11.39 7.42
N SER A 76 -17.73 10.62 7.07
CA SER A 76 -19.15 10.91 7.37
C SER A 76 -19.68 12.28 6.89
N GLY A 77 -18.97 13.00 6.02
CA GLY A 77 -19.31 14.30 5.46
C GLY A 77 -20.80 14.66 5.36
N PRO A 78 -21.54 14.05 4.44
CA PRO A 78 -22.96 14.30 4.20
C PRO A 78 -23.90 13.52 5.15
N SER A 79 -23.41 12.96 6.25
CA SER A 79 -24.18 12.21 7.24
C SER A 79 -24.39 13.07 8.49
N SER A 80 -25.14 12.55 9.45
CA SER A 80 -25.45 13.22 10.71
C SER A 80 -24.31 13.02 11.72
N GLY A 81 -24.26 11.87 12.37
CA GLY A 81 -23.25 11.53 13.37
C GLY A 81 -23.88 11.72 14.74
N GLY A 1 11.95 -24.98 21.43
CA GLY A 1 11.74 -24.75 19.99
C GLY A 1 11.11 -23.37 19.78
N SER A 2 10.07 -23.29 18.94
CA SER A 2 9.33 -22.08 18.60
C SER A 2 10.20 -20.83 18.42
N SER A 3 10.86 -20.72 17.27
CA SER A 3 11.72 -19.60 16.94
C SER A 3 11.84 -19.47 15.41
N GLY A 4 12.39 -18.35 14.95
CA GLY A 4 12.62 -18.01 13.57
C GLY A 4 13.17 -16.60 13.48
N SER A 5 13.81 -16.24 12.38
CA SER A 5 14.38 -14.91 12.21
C SER A 5 14.49 -14.56 10.74
N SER A 6 14.61 -13.26 10.49
CA SER A 6 14.78 -12.63 9.20
C SER A 6 16.27 -12.69 8.81
N GLY A 7 17.15 -12.70 9.82
CA GLY A 7 18.60 -12.73 9.66
C GLY A 7 19.14 -11.43 9.11
N LYS A 8 20.43 -11.41 8.77
CA LYS A 8 21.14 -10.27 8.21
C LYS A 8 20.55 -9.98 6.81
N ASP A 9 20.85 -8.81 6.26
CA ASP A 9 20.36 -8.41 4.94
C ASP A 9 20.87 -9.33 3.84
N TYR A 10 20.19 -9.32 2.69
CA TYR A 10 20.54 -10.16 1.54
C TYR A 10 20.11 -9.56 0.21
N TRP A 11 20.49 -8.32 0.04
CA TRP A 11 20.21 -7.51 -1.14
C TRP A 11 21.51 -7.04 -1.78
N GLY A 12 21.41 -6.14 -2.75
CA GLY A 12 22.53 -5.59 -3.50
C GLY A 12 22.08 -4.89 -4.78
N LYS A 13 20.87 -5.20 -5.24
CA LYS A 13 20.23 -4.63 -6.42
C LYS A 13 19.65 -3.30 -5.98
N PHE A 14 20.36 -2.20 -6.22
CA PHE A 14 19.93 -0.86 -5.84
C PHE A 14 18.87 -0.36 -6.81
N GLY A 15 17.66 -0.86 -6.63
CA GLY A 15 16.50 -0.52 -7.42
C GLY A 15 15.29 -0.25 -6.53
N GLU A 16 14.15 0.02 -7.15
CA GLU A 16 12.88 0.31 -6.50
C GLU A 16 12.14 -1.00 -6.19
N PHE A 17 11.49 -1.07 -5.03
CA PHE A 17 10.74 -2.22 -4.51
C PHE A 17 9.32 -1.83 -4.06
N CYS A 18 8.38 -2.79 -4.03
CA CYS A 18 7.01 -2.57 -3.55
C CYS A 18 7.13 -2.55 -2.04
N HIS A 19 7.10 -1.39 -1.38
CA HIS A 19 7.20 -1.30 0.09
C HIS A 19 6.22 -2.28 0.75
N GLY A 20 5.00 -2.37 0.19
CA GLY A 20 3.94 -3.25 0.67
C GLY A 20 4.35 -4.71 0.80
N CYS A 21 5.27 -5.22 -0.04
CA CYS A 21 5.72 -6.61 0.06
C CYS A 21 7.24 -6.77 0.25
N SER A 22 8.01 -5.70 0.13
CA SER A 22 9.46 -5.71 0.27
C SER A 22 10.12 -6.51 -0.88
N LEU A 23 9.56 -6.51 -2.10
CA LEU A 23 10.12 -7.22 -3.26
C LEU A 23 10.28 -6.28 -4.46
N LEU A 24 11.35 -6.52 -5.20
CA LEU A 24 11.82 -5.83 -6.40
C LEU A 24 10.85 -6.05 -7.56
N MET A 25 10.56 -5.04 -8.37
CA MET A 25 9.68 -5.17 -9.54
C MET A 25 10.53 -5.35 -10.79
N THR A 26 9.90 -5.84 -11.85
CA THR A 26 10.49 -6.07 -13.16
C THR A 26 9.55 -5.55 -14.27
N GLY A 27 8.49 -4.83 -13.90
CA GLY A 27 7.47 -4.23 -14.75
C GLY A 27 7.06 -2.88 -14.16
N PRO A 28 5.98 -2.25 -14.63
CA PRO A 28 5.54 -0.96 -14.10
C PRO A 28 5.07 -1.09 -12.64
N PHE A 29 4.98 0.05 -11.96
CA PHE A 29 4.57 0.20 -10.57
C PHE A 29 3.54 1.34 -10.46
N MET A 30 2.97 1.52 -9.28
CA MET A 30 1.98 2.55 -8.98
C MET A 30 2.60 3.48 -7.94
N VAL A 31 2.47 4.79 -8.14
CA VAL A 31 2.98 5.82 -7.26
C VAL A 31 1.75 6.48 -6.64
N ALA A 32 1.70 6.61 -5.32
CA ALA A 32 0.57 7.21 -4.60
C ALA A 32 1.07 7.80 -3.30
N GLY A 33 0.63 9.02 -2.96
CA GLY A 33 1.03 9.71 -1.74
C GLY A 33 2.55 9.84 -1.58
N GLU A 34 3.30 9.79 -2.70
CA GLU A 34 4.76 9.88 -2.85
C GLU A 34 5.45 8.53 -2.60
N PHE A 35 4.70 7.48 -2.27
CA PHE A 35 5.20 6.13 -2.01
C PHE A 35 5.20 5.32 -3.31
N LYS A 36 5.74 4.10 -3.31
CA LYS A 36 5.82 3.24 -4.50
C LYS A 36 5.37 1.83 -4.14
N TYR A 37 4.36 1.31 -4.83
CA TYR A 37 3.82 -0.02 -4.60
C TYR A 37 3.46 -0.72 -5.90
N HIS A 38 3.55 -2.05 -5.93
CA HIS A 38 3.12 -2.75 -7.15
C HIS A 38 1.59 -2.58 -7.16
N PRO A 39 0.91 -2.49 -8.31
CA PRO A 39 -0.55 -2.33 -8.31
C PRO A 39 -1.25 -3.43 -7.51
N GLU A 40 -0.78 -4.68 -7.55
CA GLU A 40 -1.40 -5.79 -6.79
C GLU A 40 -1.33 -5.58 -5.26
N CYS A 41 -0.52 -4.62 -4.80
CA CYS A 41 -0.33 -4.19 -3.41
C CYS A 41 -1.07 -2.88 -3.10
N PHE A 42 -1.62 -2.20 -4.12
CA PHE A 42 -2.38 -0.97 -3.98
C PHE A 42 -3.83 -1.45 -3.97
N ALA A 43 -4.33 -1.80 -2.78
CA ALA A 43 -5.67 -2.33 -2.57
C ALA A 43 -6.33 -1.71 -1.34
N CYS A 44 -7.67 -1.76 -1.22
CA CYS A 44 -8.31 -1.20 -0.03
C CYS A 44 -7.89 -2.15 1.11
N MET A 45 -7.26 -1.67 2.18
CA MET A 45 -6.79 -2.52 3.28
C MET A 45 -7.87 -3.40 3.90
N SER A 46 -9.12 -2.94 3.88
CA SER A 46 -10.23 -3.67 4.42
C SER A 46 -10.83 -4.64 3.39
N CYS A 47 -11.30 -4.18 2.23
CA CYS A 47 -11.93 -5.09 1.26
C CYS A 47 -11.00 -5.87 0.35
N LYS A 48 -9.70 -5.54 0.32
CA LYS A 48 -8.66 -6.16 -0.50
C LYS A 48 -8.81 -5.95 -2.02
N VAL A 49 -9.86 -5.27 -2.48
CA VAL A 49 -10.03 -5.01 -3.91
C VAL A 49 -8.88 -4.12 -4.36
N ILE A 50 -8.34 -4.41 -5.54
CA ILE A 50 -7.24 -3.66 -6.13
C ILE A 50 -7.79 -2.28 -6.53
N ILE A 51 -6.97 -1.25 -6.34
CA ILE A 51 -7.24 0.15 -6.67
C ILE A 51 -6.61 0.37 -8.06
N GLU A 52 -6.99 1.44 -8.73
CA GLU A 52 -6.49 1.81 -10.04
C GLU A 52 -6.11 3.27 -10.05
N ASP A 53 -5.36 3.66 -11.08
CA ASP A 53 -4.93 5.04 -11.26
C ASP A 53 -6.11 5.97 -11.58
N GLY A 54 -7.26 5.37 -11.92
CA GLY A 54 -8.50 6.01 -12.25
C GLY A 54 -9.59 5.67 -11.22
N ASP A 55 -9.23 5.18 -10.03
CA ASP A 55 -10.17 4.82 -8.96
C ASP A 55 -9.96 5.76 -7.78
N ALA A 56 -10.99 5.90 -6.94
CA ALA A 56 -10.97 6.74 -5.78
C ALA A 56 -10.30 6.02 -4.61
N TYR A 57 -9.31 6.65 -4.00
CA TYR A 57 -8.58 6.12 -2.86
C TYR A 57 -8.38 7.23 -1.84
N ALA A 58 -8.17 6.87 -0.58
CA ALA A 58 -7.95 7.82 0.51
C ALA A 58 -6.90 7.22 1.41
N LEU A 59 -5.87 8.01 1.70
CA LEU A 59 -4.77 7.62 2.55
C LEU A 59 -5.08 8.06 3.98
N VAL A 60 -4.46 7.40 4.95
CA VAL A 60 -4.64 7.67 6.36
C VAL A 60 -3.29 8.12 6.93
N GLN A 61 -3.31 8.83 8.06
CA GLN A 61 -2.13 9.31 8.76
C GLN A 61 -1.19 8.13 9.09
N HIS A 62 -1.75 6.96 9.38
CA HIS A 62 -1.05 5.73 9.69
C HIS A 62 -0.75 4.96 8.40
N ALA A 63 -0.08 3.81 8.50
CA ALA A 63 0.24 2.97 7.35
C ALA A 63 -1.06 2.25 6.94
N THR A 64 -1.94 2.92 6.19
CA THR A 64 -3.21 2.39 5.71
C THR A 64 -3.68 3.18 4.48
N LEU A 65 -4.24 2.45 3.53
CA LEU A 65 -4.78 2.92 2.27
C LEU A 65 -6.20 2.34 2.17
N TYR A 66 -7.20 3.20 2.10
CA TYR A 66 -8.60 2.83 1.99
C TYR A 66 -9.12 3.25 0.61
N CYS A 67 -10.31 2.77 0.23
CA CYS A 67 -10.89 3.11 -1.06
C CYS A 67 -11.79 4.32 -0.79
N GLY A 68 -12.07 5.16 -1.79
CA GLY A 68 -12.92 6.33 -1.60
C GLY A 68 -14.31 5.91 -1.12
N LYS A 69 -14.88 4.85 -1.69
CA LYS A 69 -16.21 4.33 -1.34
C LYS A 69 -16.29 3.91 0.13
N CYS A 70 -15.14 3.59 0.74
CA CYS A 70 -14.98 3.21 2.12
C CYS A 70 -14.66 4.40 3.00
N HIS A 71 -13.68 5.25 2.65
CA HIS A 71 -13.39 6.44 3.45
C HIS A 71 -14.63 7.33 3.54
N ASN A 72 -15.57 7.21 2.61
CA ASN A 72 -16.86 7.90 2.55
C ASN A 72 -17.72 7.55 3.77
N GLU A 73 -17.42 6.46 4.46
CA GLU A 73 -18.09 5.95 5.64
C GLU A 73 -17.49 6.52 6.94
N VAL A 74 -16.29 7.10 6.86
CA VAL A 74 -15.60 7.67 8.02
C VAL A 74 -16.43 8.80 8.65
N VAL A 75 -17.23 9.48 7.83
CA VAL A 75 -18.09 10.61 8.17
C VAL A 75 -19.10 10.26 9.27
N SER A 76 -19.40 8.98 9.46
CA SER A 76 -20.32 8.49 10.47
C SER A 76 -19.83 8.81 11.89
N GLY A 77 -18.51 8.90 12.11
CA GLY A 77 -17.96 9.22 13.43
C GLY A 77 -16.48 9.54 13.38
N PRO A 78 -16.07 10.61 12.67
CA PRO A 78 -14.69 11.03 12.54
C PRO A 78 -14.18 11.59 13.87
N SER A 79 -12.90 11.99 13.86
CA SER A 79 -12.20 12.54 15.02
C SER A 79 -11.69 13.95 14.68
N SER A 80 -10.79 14.44 15.52
CA SER A 80 -10.15 15.75 15.40
C SER A 80 -8.68 15.57 15.75
N GLY A 81 -7.97 16.69 15.88
CA GLY A 81 -6.57 16.80 16.23
C GLY A 81 -6.47 18.08 17.01
N GLY A 1 0.32 -15.44 14.93
CA GLY A 1 0.10 -15.79 13.52
C GLY A 1 0.52 -14.63 12.64
N SER A 2 1.48 -14.81 11.73
CA SER A 2 1.92 -13.74 10.85
C SER A 2 2.59 -14.31 9.59
N SER A 3 3.13 -13.40 8.77
CA SER A 3 3.80 -13.69 7.51
C SER A 3 5.21 -13.08 7.51
N GLY A 4 5.89 -13.24 6.39
CA GLY A 4 7.23 -12.78 6.10
C GLY A 4 8.07 -13.99 5.70
N SER A 5 9.08 -13.77 4.84
CA SER A 5 9.99 -14.79 4.33
C SER A 5 11.22 -14.10 3.73
N SER A 6 12.29 -14.87 3.54
CA SER A 6 13.57 -14.46 2.99
C SER A 6 14.10 -15.57 2.06
N GLY A 7 15.30 -15.41 1.49
CA GLY A 7 15.95 -16.36 0.58
C GLY A 7 15.83 -15.94 -0.88
N LYS A 8 15.65 -14.64 -1.14
CA LYS A 8 15.53 -14.07 -2.48
C LYS A 8 16.96 -13.76 -2.92
N ASP A 9 17.68 -14.80 -3.34
CA ASP A 9 19.07 -14.71 -3.78
C ASP A 9 19.17 -14.21 -5.22
N TYR A 10 19.22 -12.89 -5.43
CA TYR A 10 19.35 -12.31 -6.77
C TYR A 10 19.95 -10.91 -6.70
N TRP A 11 20.41 -10.43 -7.85
CA TRP A 11 21.02 -9.14 -8.06
C TRP A 11 19.90 -8.12 -8.29
N GLY A 12 19.58 -7.34 -7.26
CA GLY A 12 18.55 -6.32 -7.24
C GLY A 12 19.03 -5.21 -6.33
N LYS A 13 19.85 -4.30 -6.87
CA LYS A 13 20.44 -3.17 -6.14
C LYS A 13 20.23 -1.82 -6.84
N PHE A 14 19.59 -1.83 -8.00
CA PHE A 14 19.30 -0.65 -8.80
C PHE A 14 17.80 -0.52 -9.08
N GLY A 15 16.97 -1.28 -8.38
CA GLY A 15 15.53 -1.25 -8.54
C GLY A 15 14.85 -0.99 -7.21
N GLU A 16 13.60 -0.60 -7.30
CA GLU A 16 12.74 -0.28 -6.18
C GLU A 16 12.11 -1.54 -5.60
N PHE A 17 11.65 -1.41 -4.35
CA PHE A 17 11.00 -2.46 -3.57
C PHE A 17 9.67 -1.95 -3.02
N CYS A 18 8.61 -2.77 -3.05
CA CYS A 18 7.32 -2.40 -2.49
C CYS A 18 7.53 -2.56 -0.99
N HIS A 19 7.67 -1.46 -0.24
CA HIS A 19 7.84 -1.46 1.20
C HIS A 19 6.69 -2.26 1.82
N GLY A 20 5.46 -1.98 1.36
CA GLY A 20 4.24 -2.64 1.81
C GLY A 20 4.44 -4.15 1.95
N CYS A 21 4.70 -4.85 0.83
CA CYS A 21 4.93 -6.31 0.94
C CYS A 21 6.34 -6.72 1.35
N SER A 22 7.30 -5.79 1.30
CA SER A 22 8.70 -6.02 1.61
C SER A 22 9.33 -6.91 0.53
N LEU A 23 8.96 -6.69 -0.75
CA LEU A 23 9.46 -7.46 -1.91
C LEU A 23 9.75 -6.52 -3.09
N LEU A 24 10.78 -6.88 -3.85
CA LEU A 24 11.33 -6.21 -5.04
C LEU A 24 10.31 -6.11 -6.19
N MET A 25 10.19 -4.94 -6.86
CA MET A 25 9.27 -4.76 -8.00
C MET A 25 10.02 -5.08 -9.29
N THR A 26 9.30 -5.46 -10.34
CA THR A 26 9.88 -5.84 -11.64
C THR A 26 9.16 -5.14 -12.79
N GLY A 27 7.85 -5.29 -12.89
CA GLY A 27 7.01 -4.70 -13.92
C GLY A 27 6.70 -3.24 -13.59
N PRO A 28 5.58 -2.70 -14.07
CA PRO A 28 5.18 -1.32 -13.79
C PRO A 28 4.82 -1.18 -12.30
N PHE A 29 4.65 0.06 -11.86
CA PHE A 29 4.30 0.47 -10.50
C PHE A 29 3.32 1.64 -10.57
N MET A 30 2.79 2.06 -9.43
CA MET A 30 1.85 3.17 -9.33
C MET A 30 2.36 4.16 -8.27
N VAL A 31 1.95 5.43 -8.38
CA VAL A 31 2.34 6.52 -7.49
C VAL A 31 1.14 7.30 -6.99
N ALA A 32 1.08 7.52 -5.68
CA ALA A 32 0.09 8.26 -4.92
C ALA A 32 0.82 8.77 -3.67
N GLY A 33 0.50 9.97 -3.18
CA GLY A 33 1.14 10.54 -2.01
C GLY A 33 2.67 10.67 -2.08
N GLU A 34 3.29 10.50 -3.26
CA GLU A 34 4.73 10.57 -3.56
C GLU A 34 5.47 9.24 -3.29
N PHE A 35 4.74 8.17 -2.96
CA PHE A 35 5.28 6.84 -2.65
C PHE A 35 5.33 5.98 -3.94
N LYS A 36 5.72 4.72 -3.81
CA LYS A 36 5.82 3.74 -4.88
C LYS A 36 5.26 2.44 -4.35
N TYR A 37 4.41 1.73 -5.10
CA TYR A 37 3.83 0.47 -4.65
C TYR A 37 3.58 -0.46 -5.81
N HIS A 38 3.48 -1.78 -5.55
CA HIS A 38 3.17 -2.64 -6.72
C HIS A 38 1.72 -2.29 -7.13
N PRO A 39 1.35 -2.42 -8.41
CA PRO A 39 0.00 -2.09 -8.89
C PRO A 39 -1.10 -2.99 -8.31
N GLU A 40 -0.87 -4.30 -8.19
CA GLU A 40 -1.89 -5.22 -7.64
C GLU A 40 -2.16 -4.96 -6.14
N CYS A 41 -1.42 -4.04 -5.53
CA CYS A 41 -1.57 -3.70 -4.12
C CYS A 41 -2.31 -2.38 -3.93
N PHE A 42 -2.69 -1.69 -5.02
CA PHE A 42 -3.45 -0.47 -4.99
C PHE A 42 -4.89 -0.99 -4.93
N ALA A 43 -5.38 -1.24 -3.72
CA ALA A 43 -6.69 -1.79 -3.46
C ALA A 43 -7.28 -1.28 -2.15
N CYS A 44 -8.61 -1.33 -1.98
CA CYS A 44 -9.22 -0.89 -0.72
C CYS A 44 -8.89 -2.01 0.29
N MET A 45 -8.24 -1.77 1.43
CA MET A 45 -7.94 -2.88 2.35
C MET A 45 -9.21 -3.60 2.85
N SER A 46 -10.26 -2.83 3.16
CA SER A 46 -11.54 -3.29 3.69
C SER A 46 -12.33 -4.23 2.78
N CYS A 47 -12.29 -3.96 1.48
CA CYS A 47 -13.02 -4.75 0.49
C CYS A 47 -12.13 -5.57 -0.46
N LYS A 48 -10.82 -5.34 -0.44
CA LYS A 48 -9.76 -5.98 -1.24
C LYS A 48 -9.85 -5.77 -2.76
N VAL A 49 -10.82 -5.01 -3.27
CA VAL A 49 -10.92 -4.77 -4.70
C VAL A 49 -9.76 -3.89 -5.15
N ILE A 50 -9.21 -4.20 -6.33
CA ILE A 50 -8.13 -3.44 -6.93
C ILE A 50 -8.77 -2.12 -7.37
N ILE A 51 -8.01 -1.03 -7.27
CA ILE A 51 -8.40 0.32 -7.66
C ILE A 51 -7.63 0.58 -8.96
N GLU A 52 -8.27 1.22 -9.94
CA GLU A 52 -7.63 1.51 -11.22
C GLU A 52 -7.22 2.98 -11.27
N ASP A 53 -6.43 3.35 -12.28
CA ASP A 53 -5.93 4.71 -12.50
C ASP A 53 -7.03 5.76 -12.60
N GLY A 54 -8.21 5.29 -12.99
CA GLY A 54 -9.42 6.06 -13.19
C GLY A 54 -10.39 6.02 -12.02
N ASP A 55 -10.27 5.12 -11.05
CA ASP A 55 -11.23 5.04 -9.93
C ASP A 55 -10.87 6.02 -8.78
N ALA A 56 -11.78 6.22 -7.84
CA ALA A 56 -11.63 7.12 -6.70
C ALA A 56 -10.95 6.47 -5.49
N TYR A 57 -9.66 6.71 -5.34
CA TYR A 57 -8.86 6.21 -4.22
C TYR A 57 -8.96 7.19 -3.05
N ALA A 58 -8.38 6.82 -1.90
CA ALA A 58 -8.35 7.64 -0.71
C ALA A 58 -7.15 7.17 0.10
N LEU A 59 -6.23 8.08 0.44
CA LEU A 59 -5.04 7.83 1.25
C LEU A 59 -5.24 8.51 2.60
N VAL A 60 -4.52 8.01 3.60
CA VAL A 60 -4.54 8.48 4.98
C VAL A 60 -3.09 8.79 5.38
N GLN A 61 -2.92 9.62 6.41
CA GLN A 61 -1.63 10.03 6.96
C GLN A 61 -0.68 8.83 7.10
N HIS A 62 -1.17 7.73 7.69
CA HIS A 62 -0.43 6.49 7.88
C HIS A 62 -0.42 5.69 6.57
N ALA A 63 0.53 4.76 6.40
CA ALA A 63 0.67 3.94 5.19
C ALA A 63 -0.49 2.95 5.01
N THR A 64 -1.64 3.44 4.57
CA THR A 64 -2.84 2.64 4.37
C THR A 64 -3.65 3.29 3.23
N LEU A 65 -4.28 2.46 2.38
CA LEU A 65 -5.05 2.89 1.21
C LEU A 65 -6.48 2.32 1.25
N TYR A 66 -7.45 3.16 0.87
CA TYR A 66 -8.87 2.87 0.84
C TYR A 66 -9.52 3.41 -0.43
N CYS A 67 -10.80 3.04 -0.66
CA CYS A 67 -11.57 3.54 -1.80
C CYS A 67 -12.33 4.74 -1.24
N GLY A 68 -12.79 5.68 -2.06
CA GLY A 68 -13.53 6.84 -1.59
C GLY A 68 -14.80 6.47 -0.80
N LYS A 69 -15.60 5.49 -1.28
CA LYS A 69 -16.84 5.07 -0.60
C LYS A 69 -16.58 4.53 0.81
N CYS A 70 -15.48 3.77 0.96
CA CYS A 70 -15.05 3.22 2.23
C CYS A 70 -14.57 4.35 3.14
N HIS A 71 -13.76 5.28 2.64
CA HIS A 71 -13.27 6.38 3.46
C HIS A 71 -14.45 7.22 3.97
N ASN A 72 -15.46 7.41 3.13
CA ASN A 72 -16.68 8.16 3.42
C ASN A 72 -17.42 7.60 4.65
N GLU A 73 -17.23 6.32 4.98
CA GLU A 73 -17.85 5.67 6.12
C GLU A 73 -16.89 5.59 7.31
N VAL A 74 -15.58 5.60 7.08
CA VAL A 74 -14.57 5.54 8.15
C VAL A 74 -14.62 6.82 8.99
N VAL A 75 -14.89 7.97 8.37
CA VAL A 75 -14.98 9.24 9.09
C VAL A 75 -16.09 9.22 10.16
N SER A 76 -17.01 8.25 10.11
CA SER A 76 -18.08 8.10 11.07
C SER A 76 -17.44 7.47 12.32
N GLY A 77 -17.00 8.32 13.25
CA GLY A 77 -16.37 7.93 14.49
C GLY A 77 -17.24 8.40 15.65
N PRO A 78 -18.28 7.63 16.03
CA PRO A 78 -19.14 7.99 17.15
C PRO A 78 -18.29 7.96 18.43
N SER A 79 -17.99 9.15 18.96
CA SER A 79 -17.19 9.32 20.16
C SER A 79 -17.89 8.70 21.37
N SER A 80 -17.15 8.44 22.45
CA SER A 80 -17.69 7.86 23.67
C SER A 80 -16.73 8.07 24.82
N GLY A 81 -15.48 7.62 24.68
CA GLY A 81 -14.41 7.73 25.65
C GLY A 81 -13.22 7.03 25.03
N GLY A 1 35.95 -34.64 14.57
CA GLY A 1 35.35 -33.30 14.60
C GLY A 1 35.06 -32.88 13.17
N SER A 2 34.14 -31.94 12.98
CA SER A 2 33.74 -31.44 11.67
C SER A 2 33.57 -29.92 11.77
N SER A 3 33.45 -29.23 10.63
CA SER A 3 33.27 -27.79 10.53
C SER A 3 32.68 -27.49 9.15
N GLY A 4 32.42 -26.22 8.86
CA GLY A 4 31.87 -25.74 7.60
C GLY A 4 31.97 -24.21 7.58
N SER A 5 31.75 -23.59 6.43
CA SER A 5 31.79 -22.14 6.21
C SER A 5 31.11 -21.84 4.87
N SER A 6 30.78 -20.57 4.60
CA SER A 6 30.17 -20.13 3.37
C SER A 6 30.29 -18.60 3.26
N GLY A 7 29.96 -18.07 2.10
CA GLY A 7 29.96 -16.66 1.72
C GLY A 7 28.73 -16.42 0.84
N LYS A 8 28.39 -15.16 0.59
CA LYS A 8 27.24 -14.79 -0.23
C LYS A 8 27.41 -13.38 -0.78
N ASP A 9 26.59 -13.05 -1.76
CA ASP A 9 26.56 -11.78 -2.44
C ASP A 9 25.91 -10.77 -1.51
N TYR A 10 26.73 -10.00 -0.78
CA TYR A 10 26.28 -8.96 0.14
C TYR A 10 25.54 -7.90 -0.67
N TRP A 11 26.23 -7.36 -1.67
CA TRP A 11 25.76 -6.35 -2.59
C TRP A 11 24.85 -7.02 -3.62
N GLY A 12 24.13 -6.23 -4.41
CA GLY A 12 23.23 -6.75 -5.41
C GLY A 12 22.64 -5.61 -6.24
N LYS A 13 21.40 -5.82 -6.69
CA LYS A 13 20.62 -4.90 -7.51
C LYS A 13 20.61 -3.49 -6.94
N PHE A 14 20.51 -3.37 -5.62
CA PHE A 14 20.46 -2.10 -4.89
C PHE A 14 19.41 -1.14 -5.44
N GLY A 15 18.38 -1.67 -6.10
CA GLY A 15 17.34 -0.87 -6.70
C GLY A 15 16.09 -0.76 -5.83
N GLU A 16 14.98 -0.42 -6.48
CA GLU A 16 13.68 -0.23 -5.88
C GLU A 16 12.93 -1.56 -5.77
N PHE A 17 12.28 -1.75 -4.62
CA PHE A 17 11.47 -2.91 -4.25
C PHE A 17 10.11 -2.37 -3.75
N CYS A 18 9.03 -3.17 -3.82
CA CYS A 18 7.70 -2.75 -3.37
C CYS A 18 7.78 -2.57 -1.85
N HIS A 19 7.64 -1.35 -1.34
CA HIS A 19 7.69 -0.94 0.07
C HIS A 19 6.57 -1.52 0.95
N GLY A 20 5.96 -2.63 0.53
CA GLY A 20 4.90 -3.36 1.18
C GLY A 20 5.32 -4.83 1.26
N CYS A 21 5.81 -5.41 0.15
CA CYS A 21 6.23 -6.83 0.18
C CYS A 21 7.76 -7.10 0.20
N SER A 22 8.62 -6.09 0.06
CA SER A 22 10.06 -6.26 0.02
C SER A 22 10.53 -7.10 -1.19
N LEU A 23 9.82 -7.06 -2.32
CA LEU A 23 10.17 -7.78 -3.56
C LEU A 23 10.33 -6.74 -4.68
N LEU A 24 11.26 -7.00 -5.58
CA LEU A 24 11.67 -6.21 -6.73
C LEU A 24 10.48 -5.89 -7.65
N MET A 25 10.59 -4.84 -8.47
CA MET A 25 9.59 -4.39 -9.44
C MET A 25 10.14 -4.61 -10.85
N THR A 26 9.25 -4.83 -11.81
CA THR A 26 9.59 -5.06 -13.21
C THR A 26 8.76 -4.07 -14.04
N GLY A 27 7.45 -4.29 -14.10
CA GLY A 27 6.49 -3.45 -14.81
C GLY A 27 6.28 -2.14 -14.05
N PRO A 28 5.28 -1.33 -14.43
CA PRO A 28 5.01 -0.07 -13.74
C PRO A 28 4.60 -0.27 -12.28
N PHE A 29 4.64 0.81 -11.52
CA PHE A 29 4.29 0.86 -10.11
C PHE A 29 3.28 1.99 -9.89
N MET A 30 2.50 1.88 -8.82
CA MET A 30 1.48 2.86 -8.46
C MET A 30 2.10 3.89 -7.52
N VAL A 31 2.02 5.16 -7.89
CA VAL A 31 2.53 6.29 -7.12
C VAL A 31 1.32 6.97 -6.49
N ALA A 32 1.38 7.22 -5.18
CA ALA A 32 0.34 7.87 -4.41
C ALA A 32 1.05 8.56 -3.26
N GLY A 33 0.72 9.82 -2.97
CA GLY A 33 1.33 10.58 -1.89
C GLY A 33 2.86 10.60 -1.97
N GLU A 34 3.43 10.55 -3.19
CA GLU A 34 4.87 10.53 -3.48
C GLU A 34 5.51 9.16 -3.24
N PHE A 35 4.80 8.15 -2.77
CA PHE A 35 5.32 6.81 -2.49
C PHE A 35 5.31 5.93 -3.75
N LYS A 36 5.70 4.66 -3.62
CA LYS A 36 5.76 3.67 -4.70
C LYS A 36 5.41 2.31 -4.14
N TYR A 37 4.52 1.57 -4.80
CA TYR A 37 4.06 0.23 -4.43
C TYR A 37 3.68 -0.53 -5.70
N HIS A 38 3.69 -1.87 -5.69
CA HIS A 38 3.26 -2.56 -6.92
C HIS A 38 1.74 -2.35 -7.01
N PRO A 39 1.13 -2.25 -8.21
CA PRO A 39 -0.30 -2.03 -8.38
C PRO A 39 -1.13 -3.11 -7.67
N GLU A 40 -0.79 -4.38 -7.84
CA GLU A 40 -1.47 -5.53 -7.22
C GLU A 40 -1.41 -5.50 -5.67
N CYS A 41 -0.70 -4.53 -5.09
CA CYS A 41 -0.54 -4.34 -3.67
C CYS A 41 -0.85 -2.92 -3.21
N PHE A 42 -1.59 -2.17 -4.01
CA PHE A 42 -2.03 -0.82 -3.73
C PHE A 42 -3.54 -1.06 -3.82
N ALA A 43 -4.13 -1.42 -2.69
CA ALA A 43 -5.54 -1.76 -2.59
C ALA A 43 -6.15 -1.28 -1.28
N CYS A 44 -7.49 -1.15 -1.24
CA CYS A 44 -8.19 -0.72 -0.03
C CYS A 44 -7.99 -1.76 1.06
N MET A 45 -7.49 -1.39 2.23
CA MET A 45 -7.28 -2.32 3.35
C MET A 45 -8.58 -3.11 3.63
N SER A 46 -9.72 -2.41 3.69
CA SER A 46 -11.04 -2.96 3.96
C SER A 46 -11.61 -4.02 3.01
N CYS A 47 -11.11 -4.11 1.78
CA CYS A 47 -11.62 -5.07 0.80
C CYS A 47 -10.57 -5.72 -0.12
N LYS A 48 -9.31 -5.25 -0.09
CA LYS A 48 -8.20 -5.72 -0.90
C LYS A 48 -8.39 -5.52 -2.40
N VAL A 49 -9.42 -4.80 -2.86
CA VAL A 49 -9.60 -4.57 -4.28
C VAL A 49 -8.56 -3.52 -4.66
N ILE A 50 -7.93 -3.72 -5.81
CA ILE A 50 -6.89 -2.85 -6.33
C ILE A 50 -7.42 -1.42 -6.51
N ILE A 51 -6.51 -0.46 -6.39
CA ILE A 51 -6.70 0.97 -6.52
C ILE A 51 -5.69 1.36 -7.61
N GLU A 52 -6.18 1.63 -8.81
CA GLU A 52 -5.33 2.03 -9.93
C GLU A 52 -5.00 3.53 -9.84
N ASP A 53 -4.17 4.01 -10.77
CA ASP A 53 -3.71 5.40 -10.90
C ASP A 53 -4.82 6.43 -11.14
N GLY A 54 -6.09 5.98 -11.16
CA GLY A 54 -7.26 6.81 -11.37
C GLY A 54 -8.43 6.47 -10.43
N ASP A 55 -8.30 5.47 -9.56
CA ASP A 55 -9.36 5.05 -8.64
C ASP A 55 -9.64 6.04 -7.52
N ALA A 56 -10.81 5.92 -6.89
CA ALA A 56 -11.20 6.76 -5.78
C ALA A 56 -10.51 6.19 -4.55
N TYR A 57 -9.51 6.88 -3.99
CA TYR A 57 -8.77 6.40 -2.82
C TYR A 57 -8.55 7.49 -1.78
N ALA A 58 -8.04 7.07 -0.62
CA ALA A 58 -7.73 7.90 0.53
C ALA A 58 -6.54 7.31 1.28
N LEU A 59 -5.67 8.16 1.84
CA LEU A 59 -4.49 7.78 2.62
C LEU A 59 -4.70 8.35 4.01
N VAL A 60 -5.08 7.49 4.96
CA VAL A 60 -5.36 7.85 6.34
C VAL A 60 -4.07 7.68 7.16
N GLN A 61 -3.78 8.65 8.03
CA GLN A 61 -2.61 8.74 8.92
C GLN A 61 -1.28 8.34 8.24
N HIS A 62 -1.15 8.63 6.94
CA HIS A 62 0.00 8.34 6.08
C HIS A 62 0.63 6.95 6.39
N ALA A 63 -0.21 5.94 6.64
CA ALA A 63 0.19 4.57 6.96
C ALA A 63 -0.78 3.49 6.49
N THR A 64 -2.04 3.82 6.15
CA THR A 64 -3.05 2.87 5.69
C THR A 64 -3.77 3.41 4.45
N LEU A 65 -4.14 2.55 3.49
CA LEU A 65 -4.81 2.90 2.24
C LEU A 65 -6.27 2.44 2.24
N TYR A 66 -7.17 3.30 1.75
CA TYR A 66 -8.61 3.03 1.67
C TYR A 66 -9.21 3.45 0.33
N CYS A 67 -10.40 2.92 -0.02
CA CYS A 67 -11.11 3.24 -1.25
C CYS A 67 -12.08 4.38 -0.89
N GLY A 68 -12.52 5.19 -1.85
CA GLY A 68 -13.44 6.29 -1.61
C GLY A 68 -14.74 5.82 -0.96
N LYS A 69 -15.34 4.71 -1.43
CA LYS A 69 -16.60 4.18 -0.87
C LYS A 69 -16.47 3.85 0.62
N CYS A 70 -15.31 3.35 1.01
CA CYS A 70 -14.97 2.99 2.38
C CYS A 70 -14.65 4.24 3.18
N HIS A 71 -13.80 5.11 2.68
CA HIS A 71 -13.42 6.34 3.38
C HIS A 71 -14.67 7.18 3.69
N ASN A 72 -15.65 7.14 2.77
CA ASN A 72 -16.92 7.84 2.87
C ASN A 72 -17.73 7.39 4.08
N GLU A 73 -17.64 6.13 4.50
CA GLU A 73 -18.36 5.56 5.64
C GLU A 73 -17.95 6.22 6.97
N VAL A 74 -16.69 6.65 7.08
CA VAL A 74 -16.15 7.28 8.26
C VAL A 74 -16.61 8.74 8.31
N VAL A 75 -16.40 9.50 7.23
CA VAL A 75 -16.80 10.92 7.20
C VAL A 75 -18.33 11.04 7.24
N SER A 76 -19.07 10.11 6.63
CA SER A 76 -20.54 10.13 6.62
C SER A 76 -21.04 9.37 7.85
N GLY A 77 -20.50 9.68 9.03
CA GLY A 77 -20.87 9.04 10.27
C GLY A 77 -19.83 9.34 11.34
N PRO A 78 -19.84 10.53 11.97
CA PRO A 78 -18.88 10.91 13.00
C PRO A 78 -18.92 10.03 14.26
N SER A 79 -19.91 9.15 14.39
CA SER A 79 -20.09 8.23 15.50
C SER A 79 -20.42 6.88 14.88
N SER A 80 -19.45 5.97 14.84
CA SER A 80 -19.63 4.64 14.27
C SER A 80 -20.38 3.73 15.26
N GLY A 81 -20.45 2.44 14.96
CA GLY A 81 -21.13 1.46 15.80
C GLY A 81 -20.29 1.18 17.03
N GLY A 1 7.75 -16.50 11.56
CA GLY A 1 8.81 -15.67 10.99
C GLY A 1 9.54 -16.43 9.90
N SER A 2 9.85 -15.78 8.78
CA SER A 2 10.54 -16.44 7.67
C SER A 2 11.98 -16.81 8.04
N SER A 3 12.52 -17.80 7.34
CA SER A 3 13.88 -18.28 7.53
C SER A 3 14.86 -17.37 6.80
N GLY A 4 15.93 -16.97 7.47
CA GLY A 4 16.97 -16.10 6.94
C GLY A 4 16.53 -14.65 6.90
N SER A 5 17.45 -13.73 7.23
CA SER A 5 17.24 -12.28 7.27
C SER A 5 17.12 -11.63 5.88
N SER A 6 16.52 -12.32 4.89
CA SER A 6 16.33 -11.85 3.51
C SER A 6 17.65 -11.53 2.78
N GLY A 7 18.77 -11.96 3.34
CA GLY A 7 20.13 -11.78 2.88
C GLY A 7 21.01 -11.66 4.13
N LYS A 8 22.33 -11.56 3.97
CA LYS A 8 23.22 -11.37 5.11
C LYS A 8 23.29 -9.85 5.30
N ASP A 9 23.20 -9.10 4.19
CA ASP A 9 23.20 -7.67 4.07
C ASP A 9 21.84 -7.27 3.49
N TYR A 10 21.56 -5.96 3.54
CA TYR A 10 20.31 -5.39 3.03
C TYR A 10 20.56 -4.23 2.09
N TRP A 11 21.75 -3.61 2.14
CA TRP A 11 22.19 -2.48 1.34
C TRP A 11 22.66 -2.83 -0.08
N GLY A 12 22.42 -4.05 -0.56
CA GLY A 12 22.85 -4.51 -1.87
C GLY A 12 22.17 -3.98 -3.14
N LYS A 13 21.07 -3.21 -3.17
CA LYS A 13 20.49 -2.76 -4.45
C LYS A 13 19.68 -1.46 -4.38
N PHE A 14 20.03 -0.50 -5.23
CA PHE A 14 19.39 0.80 -5.37
C PHE A 14 18.37 0.72 -6.49
N GLY A 15 17.21 0.18 -6.15
CA GLY A 15 16.11 0.03 -7.07
C GLY A 15 14.77 0.31 -6.43
N GLU A 16 13.72 0.17 -7.24
CA GLU A 16 12.34 0.40 -6.87
C GLU A 16 11.69 -0.94 -6.47
N PHE A 17 11.42 -1.11 -5.18
CA PHE A 17 10.81 -2.32 -4.63
C PHE A 17 9.48 -1.93 -3.97
N CYS A 18 8.50 -2.85 -3.93
CA CYS A 18 7.21 -2.58 -3.28
C CYS A 18 7.50 -2.66 -1.80
N HIS A 19 7.46 -1.55 -1.06
CA HIS A 19 7.73 -1.54 0.38
C HIS A 19 6.99 -2.66 1.11
N GLY A 20 5.70 -2.82 0.80
CA GLY A 20 4.86 -3.83 1.40
C GLY A 20 5.52 -5.21 1.38
N CYS A 21 6.08 -5.66 0.24
CA CYS A 21 6.73 -6.98 0.23
C CYS A 21 8.27 -6.97 0.32
N SER A 22 8.91 -5.83 0.07
CA SER A 22 10.37 -5.67 0.06
C SER A 22 10.98 -6.26 -1.23
N LEU A 23 10.18 -6.67 -2.22
CA LEU A 23 10.62 -7.27 -3.50
C LEU A 23 10.46 -6.27 -4.66
N LEU A 24 11.33 -6.43 -5.65
CA LEU A 24 11.49 -5.66 -6.88
C LEU A 24 10.32 -5.85 -7.86
N MET A 25 10.29 -5.00 -8.88
CA MET A 25 9.33 -4.99 -9.98
C MET A 25 10.07 -4.61 -11.25
N THR A 26 9.44 -4.87 -12.39
CA THR A 26 9.98 -4.59 -13.71
C THR A 26 8.98 -3.73 -14.48
N GLY A 27 7.71 -4.17 -14.50
CA GLY A 27 6.59 -3.51 -15.15
C GLY A 27 6.12 -2.28 -14.35
N PRO A 28 4.86 -1.85 -14.53
CA PRO A 28 4.32 -0.69 -13.83
C PRO A 28 4.15 -0.92 -12.33
N PHE A 29 3.88 0.17 -11.63
CA PHE A 29 3.66 0.24 -10.19
C PHE A 29 2.66 1.36 -9.90
N MET A 30 2.22 1.48 -8.64
CA MET A 30 1.28 2.51 -8.21
C MET A 30 1.97 3.38 -7.17
N VAL A 31 1.61 4.67 -7.14
CA VAL A 31 2.14 5.69 -6.25
C VAL A 31 0.99 6.51 -5.68
N ALA A 32 1.08 6.82 -4.39
CA ALA A 32 0.13 7.61 -3.62
C ALA A 32 0.87 8.04 -2.35
N GLY A 33 0.63 9.25 -1.84
CA GLY A 33 1.29 9.77 -0.64
C GLY A 33 2.83 9.73 -0.72
N GLU A 34 3.41 9.75 -1.92
CA GLU A 34 4.85 9.69 -2.22
C GLU A 34 5.42 8.28 -2.04
N PHE A 35 4.60 7.25 -1.78
CA PHE A 35 5.02 5.87 -1.58
C PHE A 35 5.10 5.09 -2.90
N LYS A 36 5.59 3.84 -2.90
CA LYS A 36 5.73 2.99 -4.08
C LYS A 36 5.23 1.60 -3.74
N TYR A 37 4.25 1.08 -4.49
CA TYR A 37 3.67 -0.25 -4.23
C TYR A 37 3.41 -1.03 -5.51
N HIS A 38 3.36 -2.37 -5.40
CA HIS A 38 3.07 -3.20 -6.58
C HIS A 38 1.60 -3.07 -7.00
N PRO A 39 1.26 -3.31 -8.28
CA PRO A 39 -0.11 -3.23 -8.78
C PRO A 39 -1.01 -4.34 -8.23
N GLU A 40 -0.44 -5.39 -7.65
CA GLU A 40 -1.17 -6.52 -7.06
C GLU A 40 -1.26 -6.37 -5.54
N CYS A 41 -0.86 -5.23 -4.97
CA CYS A 41 -0.91 -5.00 -3.53
C CYS A 41 -1.52 -3.66 -3.13
N PHE A 42 -1.59 -2.68 -4.04
CA PHE A 42 -2.18 -1.38 -3.74
C PHE A 42 -3.70 -1.57 -3.68
N ALA A 43 -4.26 -1.67 -2.47
CA ALA A 43 -5.68 -1.90 -2.26
C ALA A 43 -6.27 -1.23 -1.01
N CYS A 44 -7.60 -1.21 -0.91
CA CYS A 44 -8.29 -0.63 0.26
C CYS A 44 -7.91 -1.53 1.45
N MET A 45 -7.34 -1.04 2.55
CA MET A 45 -6.97 -1.91 3.67
C MET A 45 -8.16 -2.63 4.28
N SER A 46 -9.33 -2.02 4.32
CA SER A 46 -10.51 -2.64 4.91
C SER A 46 -11.10 -3.75 4.02
N CYS A 47 -10.90 -3.73 2.69
CA CYS A 47 -11.51 -4.74 1.81
C CYS A 47 -10.56 -5.54 0.90
N LYS A 48 -9.29 -5.13 0.79
CA LYS A 48 -8.24 -5.75 -0.03
C LYS A 48 -8.46 -5.66 -1.54
N VAL A 49 -9.50 -4.99 -2.05
CA VAL A 49 -9.66 -4.90 -3.50
C VAL A 49 -8.67 -3.85 -4.00
N ILE A 50 -8.01 -4.17 -5.12
CA ILE A 50 -7.03 -3.33 -5.77
C ILE A 50 -7.70 -2.01 -6.17
N ILE A 51 -6.93 -0.93 -6.16
CA ILE A 51 -7.36 0.39 -6.54
C ILE A 51 -6.61 0.61 -7.86
N GLU A 52 -7.32 0.35 -8.95
CA GLU A 52 -6.84 0.47 -10.32
C GLU A 52 -6.56 1.93 -10.68
N ASP A 53 -5.77 2.13 -11.72
CA ASP A 53 -5.41 3.44 -12.27
C ASP A 53 -6.71 3.96 -12.87
N GLY A 54 -7.33 4.94 -12.20
CA GLY A 54 -8.58 5.57 -12.59
C GLY A 54 -9.61 5.56 -11.46
N ASP A 55 -9.44 4.71 -10.44
CA ASP A 55 -10.34 4.62 -9.28
C ASP A 55 -10.01 5.78 -8.32
N ALA A 56 -10.61 5.87 -7.13
CA ALA A 56 -10.35 6.95 -6.17
C ALA A 56 -9.97 6.39 -4.81
N TYR A 57 -8.72 6.55 -4.37
CA TYR A 57 -8.26 6.09 -3.06
C TYR A 57 -8.61 7.17 -2.00
N ALA A 58 -8.12 6.97 -0.79
CA ALA A 58 -8.26 7.85 0.36
C ALA A 58 -6.93 7.71 1.06
N LEU A 59 -6.13 8.78 1.01
CA LEU A 59 -4.79 8.84 1.60
C LEU A 59 -4.93 9.55 2.95
N VAL A 60 -4.78 8.78 4.03
CA VAL A 60 -4.88 9.23 5.41
C VAL A 60 -3.48 9.60 5.87
N GLN A 61 -3.34 10.44 6.90
CA GLN A 61 -2.04 10.84 7.44
C GLN A 61 -1.26 9.61 7.92
N HIS A 62 -1.98 8.60 8.43
CA HIS A 62 -1.40 7.36 8.90
C HIS A 62 -1.13 6.51 7.66
N ALA A 63 -0.11 5.64 7.70
CA ALA A 63 0.25 4.77 6.60
C ALA A 63 -0.72 3.58 6.49
N THR A 64 -1.99 3.89 6.29
CA THR A 64 -3.13 3.00 6.13
C THR A 64 -3.96 3.67 5.04
N LEU A 65 -4.17 3.00 3.90
CA LEU A 65 -4.92 3.56 2.76
C LEU A 65 -6.27 2.87 2.60
N TYR A 66 -7.25 3.59 2.02
CA TYR A 66 -8.60 3.09 1.80
C TYR A 66 -9.13 3.47 0.41
N CYS A 67 -10.31 2.96 0.04
CA CYS A 67 -10.94 3.30 -1.24
C CYS A 67 -11.86 4.47 -0.85
N GLY A 68 -12.08 5.43 -1.72
CA GLY A 68 -12.94 6.58 -1.46
C GLY A 68 -14.34 6.18 -1.00
N LYS A 69 -14.96 5.17 -1.61
CA LYS A 69 -16.31 4.74 -1.23
C LYS A 69 -16.37 4.17 0.20
N CYS A 70 -15.28 3.55 0.64
CA CYS A 70 -15.16 2.99 1.98
C CYS A 70 -14.77 4.09 2.96
N HIS A 71 -13.87 5.01 2.59
CA HIS A 71 -13.49 6.12 3.46
C HIS A 71 -14.71 7.05 3.64
N ASN A 72 -15.68 7.01 2.72
CA ASN A 72 -16.90 7.80 2.77
C ASN A 72 -17.67 7.42 4.05
N GLU A 73 -17.63 6.13 4.41
CA GLU A 73 -18.30 5.63 5.60
C GLU A 73 -17.54 6.04 6.86
N VAL A 74 -16.20 6.14 6.77
CA VAL A 74 -15.35 6.54 7.88
C VAL A 74 -15.72 7.98 8.26
N VAL A 75 -15.84 8.89 7.28
CA VAL A 75 -16.21 10.27 7.55
C VAL A 75 -17.70 10.37 7.91
N SER A 76 -18.56 9.47 7.41
CA SER A 76 -19.98 9.45 7.72
C SER A 76 -20.17 8.63 9.00
N GLY A 77 -19.40 8.98 10.03
CA GLY A 77 -19.40 8.36 11.34
C GLY A 77 -20.16 9.26 12.32
N PRO A 78 -20.16 8.89 13.61
CA PRO A 78 -20.82 9.64 14.67
C PRO A 78 -20.02 10.91 14.99
N SER A 79 -20.33 11.56 16.12
CA SER A 79 -19.62 12.76 16.56
C SER A 79 -18.17 12.43 16.96
N SER A 80 -17.38 13.45 17.29
CA SER A 80 -16.00 13.24 17.71
C SER A 80 -15.93 12.44 19.01
N GLY A 81 -14.77 11.90 19.37
CA GLY A 81 -14.57 11.12 20.57
C GLY A 81 -13.10 11.18 20.91
N GLY A 1 16.76 -25.24 22.86
CA GLY A 1 16.87 -25.23 21.40
C GLY A 1 15.84 -24.28 20.83
N SER A 2 15.20 -24.66 19.72
CA SER A 2 14.19 -23.87 19.03
C SER A 2 14.77 -22.50 18.62
N SER A 3 16.04 -22.48 18.19
CA SER A 3 16.70 -21.25 17.75
C SER A 3 16.00 -20.79 16.47
N GLY A 4 16.25 -19.55 16.06
CA GLY A 4 15.68 -18.95 14.87
C GLY A 4 16.69 -18.01 14.24
N SER A 5 16.19 -17.16 13.34
CA SER A 5 17.01 -16.21 12.64
C SER A 5 16.54 -14.78 12.88
N SER A 6 17.47 -13.86 12.72
CA SER A 6 17.37 -12.42 12.87
C SER A 6 18.61 -11.82 12.19
N GLY A 7 18.70 -10.49 12.12
CA GLY A 7 19.82 -9.81 11.51
C GLY A 7 19.53 -8.31 11.43
N LYS A 8 20.38 -7.57 10.72
CA LYS A 8 20.25 -6.13 10.53
C LYS A 8 20.81 -5.82 9.15
N ASP A 9 20.23 -4.85 8.43
CA ASP A 9 20.64 -4.50 7.07
C ASP A 9 20.88 -3.00 6.96
N TYR A 10 22.14 -2.57 6.80
CA TYR A 10 22.49 -1.16 6.65
C TYR A 10 22.64 -0.81 5.17
N TRP A 11 23.09 -1.77 4.36
CA TRP A 11 23.31 -1.61 2.93
C TRP A 11 21.97 -1.47 2.19
N GLY A 12 22.01 -1.27 0.87
CA GLY A 12 20.82 -1.10 0.04
C GLY A 12 21.19 -0.99 -1.44
N LYS A 13 20.20 -0.71 -2.28
CA LYS A 13 20.33 -0.56 -3.71
C LYS A 13 19.56 0.68 -4.18
N PHE A 14 19.79 1.07 -5.42
CA PHE A 14 19.13 2.22 -6.03
C PHE A 14 17.72 1.88 -6.49
N GLY A 15 17.43 0.59 -6.71
CA GLY A 15 16.14 0.12 -7.14
C GLY A 15 15.06 0.32 -6.08
N GLU A 16 13.80 0.14 -6.47
CA GLU A 16 12.65 0.31 -5.60
C GLU A 16 11.97 -1.02 -5.36
N PHE A 17 11.36 -1.14 -4.19
CA PHE A 17 10.67 -2.35 -3.76
C PHE A 17 9.26 -2.00 -3.29
N CYS A 18 8.30 -2.93 -3.39
CA CYS A 18 6.94 -2.67 -2.94
C CYS A 18 7.06 -2.46 -1.44
N HIS A 19 6.73 -1.28 -0.91
CA HIS A 19 6.84 -1.02 0.53
C HIS A 19 6.08 -2.09 1.34
N GLY A 20 5.06 -2.71 0.75
CA GLY A 20 4.27 -3.76 1.38
C GLY A 20 4.95 -5.12 1.42
N CYS A 21 5.90 -5.44 0.51
CA CYS A 21 6.57 -6.75 0.55
C CYS A 21 8.11 -6.74 0.46
N SER A 22 8.78 -5.60 0.36
CA SER A 22 10.23 -5.46 0.23
C SER A 22 10.82 -6.12 -1.04
N LEU A 23 10.00 -6.66 -1.95
CA LEU A 23 10.45 -7.29 -3.20
C LEU A 23 10.38 -6.25 -4.32
N LEU A 24 11.29 -6.40 -5.28
CA LEU A 24 11.53 -5.57 -6.46
C LEU A 24 10.42 -5.61 -7.52
N MET A 25 10.38 -4.59 -8.37
CA MET A 25 9.48 -4.40 -9.51
C MET A 25 10.38 -4.04 -10.68
N THR A 26 9.97 -4.40 -11.90
CA THR A 26 10.76 -4.11 -13.10
C THR A 26 9.94 -3.53 -14.25
N GLY A 27 8.62 -3.69 -14.22
CA GLY A 27 7.67 -3.18 -15.21
C GLY A 27 6.93 -1.98 -14.62
N PRO A 28 5.65 -1.76 -14.99
CA PRO A 28 4.90 -0.63 -14.45
C PRO A 28 4.54 -0.86 -12.99
N PHE A 29 4.28 0.24 -12.29
CA PHE A 29 3.89 0.33 -10.89
C PHE A 29 3.03 1.58 -10.76
N MET A 30 2.14 1.63 -9.78
CA MET A 30 1.28 2.79 -9.58
C MET A 30 1.99 3.72 -8.59
N VAL A 31 1.88 5.02 -8.82
CA VAL A 31 2.47 6.04 -7.97
C VAL A 31 1.31 6.60 -7.15
N ALA A 32 1.45 6.66 -5.83
CA ALA A 32 0.45 7.19 -4.92
C ALA A 32 1.07 7.30 -3.53
N GLY A 33 0.54 8.21 -2.72
CA GLY A 33 0.97 8.43 -1.36
C GLY A 33 2.46 8.69 -1.20
N GLU A 34 3.15 9.27 -2.19
CA GLU A 34 4.58 9.57 -2.20
C GLU A 34 5.49 8.37 -1.90
N PHE A 35 4.98 7.14 -2.09
CA PHE A 35 5.69 5.89 -1.87
C PHE A 35 5.66 5.06 -3.15
N LYS A 36 6.15 3.80 -3.12
CA LYS A 36 6.20 2.91 -4.27
C LYS A 36 5.58 1.57 -3.86
N TYR A 37 4.64 1.05 -4.65
CA TYR A 37 4.00 -0.23 -4.32
C TYR A 37 3.82 -1.06 -5.56
N HIS A 38 3.81 -2.40 -5.38
CA HIS A 38 3.54 -3.23 -6.55
C HIS A 38 2.09 -2.90 -6.94
N PRO A 39 1.75 -2.87 -8.23
CA PRO A 39 0.39 -2.52 -8.63
C PRO A 39 -0.64 -3.54 -8.12
N GLU A 40 -0.28 -4.82 -8.10
CA GLU A 40 -1.13 -5.92 -7.63
C GLU A 40 -1.29 -5.96 -6.10
N CYS A 41 -0.71 -4.99 -5.37
CA CYS A 41 -0.81 -4.88 -3.92
C CYS A 41 -1.49 -3.56 -3.51
N PHE A 42 -1.95 -2.77 -4.48
CA PHE A 42 -2.63 -1.49 -4.28
C PHE A 42 -4.11 -1.84 -4.10
N ALA A 43 -4.61 -1.92 -2.86
CA ALA A 43 -6.01 -2.26 -2.60
C ALA A 43 -6.54 -1.73 -1.27
N CYS A 44 -7.88 -1.59 -1.11
CA CYS A 44 -8.46 -1.12 0.16
C CYS A 44 -8.14 -2.14 1.24
N MET A 45 -7.51 -1.75 2.34
CA MET A 45 -7.18 -2.71 3.40
C MET A 45 -8.43 -3.43 3.90
N SER A 46 -9.50 -2.68 4.13
CA SER A 46 -10.77 -3.18 4.62
C SER A 46 -11.58 -4.09 3.68
N CYS A 47 -11.29 -4.12 2.38
CA CYS A 47 -12.05 -4.97 1.44
C CYS A 47 -11.26 -5.77 0.40
N LYS A 48 -9.95 -5.54 0.28
CA LYS A 48 -9.07 -6.21 -0.66
C LYS A 48 -9.62 -6.17 -2.09
N VAL A 49 -9.72 -4.97 -2.65
CA VAL A 49 -10.18 -4.76 -4.02
C VAL A 49 -9.02 -4.01 -4.67
N ILE A 50 -8.54 -4.54 -5.78
CA ILE A 50 -7.43 -3.93 -6.49
C ILE A 50 -7.90 -2.58 -7.04
N ILE A 51 -7.19 -1.52 -6.68
CA ILE A 51 -7.48 -0.17 -7.15
C ILE A 51 -6.81 -0.07 -8.52
N GLU A 52 -7.39 0.71 -9.42
CA GLU A 52 -6.93 0.93 -10.79
C GLU A 52 -6.99 2.43 -11.07
N ASP A 53 -6.61 2.87 -12.27
CA ASP A 53 -6.62 4.27 -12.70
C ASP A 53 -8.08 4.70 -13.00
N GLY A 54 -9.01 4.31 -12.12
CA GLY A 54 -10.42 4.59 -12.24
C GLY A 54 -11.23 4.28 -10.99
N ASP A 55 -10.62 4.06 -9.83
CA ASP A 55 -11.37 3.82 -8.59
C ASP A 55 -10.73 4.71 -7.54
N ALA A 56 -11.59 5.44 -6.83
CA ALA A 56 -11.16 6.38 -5.81
C ALA A 56 -10.45 5.69 -4.65
N TYR A 57 -9.41 6.34 -4.16
CA TYR A 57 -8.59 5.91 -3.05
C TYR A 57 -8.42 7.12 -2.14
N ALA A 58 -8.01 6.88 -0.90
CA ALA A 58 -7.77 7.92 0.07
C ALA A 58 -6.62 7.43 0.93
N LEU A 59 -5.73 8.35 1.25
CA LEU A 59 -4.54 8.13 2.05
C LEU A 59 -4.79 8.79 3.39
N VAL A 60 -4.76 8.01 4.48
CA VAL A 60 -4.96 8.55 5.81
C VAL A 60 -3.59 8.78 6.40
N GLN A 61 -3.31 10.04 6.75
CA GLN A 61 -2.10 10.56 7.36
C GLN A 61 -0.81 9.93 6.82
N HIS A 62 -0.68 9.85 5.49
CA HIS A 62 0.48 9.26 4.81
C HIS A 62 0.87 7.93 5.48
N ALA A 63 -0.11 7.06 5.79
CA ALA A 63 0.10 5.78 6.46
C ALA A 63 -0.87 4.65 6.07
N THR A 64 -2.17 4.89 5.85
CA THR A 64 -3.11 3.81 5.51
C THR A 64 -3.85 4.09 4.19
N LEU A 65 -4.11 3.02 3.41
CA LEU A 65 -4.76 3.07 2.11
C LEU A 65 -6.19 2.49 2.16
N TYR A 66 -7.16 3.34 1.85
CA TYR A 66 -8.57 2.98 1.81
C TYR A 66 -9.15 3.35 0.44
N CYS A 67 -10.39 2.92 0.19
CA CYS A 67 -11.09 3.21 -1.06
C CYS A 67 -11.90 4.48 -0.77
N GLY A 68 -12.28 5.24 -1.80
CA GLY A 68 -13.06 6.45 -1.63
C GLY A 68 -14.38 6.18 -0.91
N LYS A 69 -15.10 5.11 -1.28
CA LYS A 69 -16.38 4.77 -0.64
C LYS A 69 -16.22 4.57 0.85
N CYS A 70 -15.16 3.84 1.23
CA CYS A 70 -14.81 3.54 2.60
C CYS A 70 -14.44 4.81 3.35
N HIS A 71 -13.58 5.66 2.79
CA HIS A 71 -13.21 6.90 3.44
C HIS A 71 -14.44 7.82 3.58
N ASN A 72 -15.41 7.72 2.68
CA ASN A 72 -16.66 8.49 2.70
C ASN A 72 -17.64 7.90 3.72
N GLU A 73 -17.60 6.59 3.96
CA GLU A 73 -18.47 5.88 4.88
C GLU A 73 -17.98 5.96 6.32
N VAL A 74 -16.66 5.88 6.53
CA VAL A 74 -16.05 5.92 7.85
C VAL A 74 -16.31 7.22 8.60
N VAL A 75 -16.72 8.29 7.92
CA VAL A 75 -17.01 9.57 8.56
C VAL A 75 -18.16 9.42 9.56
N SER A 76 -18.95 8.34 9.43
CA SER A 76 -20.05 8.05 10.33
C SER A 76 -19.45 7.76 11.73
N GLY A 77 -18.22 7.22 11.77
CA GLY A 77 -17.42 6.86 12.93
C GLY A 77 -18.02 5.72 13.76
N PRO A 78 -17.22 4.89 14.42
CA PRO A 78 -17.73 3.82 15.25
C PRO A 78 -18.10 4.47 16.59
N SER A 79 -19.37 4.40 17.01
CA SER A 79 -19.81 5.00 18.27
C SER A 79 -19.21 4.32 19.52
N SER A 80 -18.45 3.24 19.36
CA SER A 80 -17.82 2.52 20.46
C SER A 80 -16.76 3.42 21.11
N GLY A 81 -16.67 3.32 22.43
CA GLY A 81 -15.75 4.04 23.29
C GLY A 81 -15.72 3.31 24.62
N GLY A 1 2.69 -15.86 17.26
CA GLY A 1 4.10 -16.12 16.97
C GLY A 1 4.27 -16.28 15.49
N SER A 2 5.01 -15.38 14.86
CA SER A 2 5.29 -15.40 13.43
C SER A 2 6.75 -15.82 13.24
N SER A 3 7.10 -16.26 12.04
CA SER A 3 8.45 -16.68 11.70
C SER A 3 8.60 -16.65 10.19
N GLY A 4 9.80 -16.36 9.70
CA GLY A 4 10.12 -16.31 8.29
C GLY A 4 11.63 -16.42 8.13
N SER A 5 12.05 -16.99 7.00
CA SER A 5 13.46 -17.18 6.68
C SER A 5 13.67 -17.09 5.16
N SER A 6 13.01 -16.12 4.52
CA SER A 6 13.13 -15.92 3.08
C SER A 6 14.59 -15.72 2.70
N GLY A 7 15.04 -16.49 1.71
CA GLY A 7 16.41 -16.45 1.22
C GLY A 7 17.41 -16.68 2.35
N LYS A 8 18.62 -16.20 2.16
CA LYS A 8 19.76 -16.22 3.09
C LYS A 8 20.43 -14.86 2.87
N ASP A 9 21.27 -14.44 3.80
CA ASP A 9 21.96 -13.15 3.69
C ASP A 9 22.91 -13.22 2.50
N TYR A 10 22.53 -12.55 1.42
CA TYR A 10 23.25 -12.46 0.16
C TYR A 10 22.70 -11.30 -0.67
N TRP A 11 21.38 -11.22 -0.84
CA TRP A 11 20.70 -10.20 -1.61
C TRP A 11 20.87 -8.80 -1.01
N GLY A 12 21.67 -7.95 -1.68
CA GLY A 12 21.90 -6.56 -1.27
C GLY A 12 20.63 -5.81 -1.63
N LYS A 13 20.54 -5.32 -2.86
CA LYS A 13 19.42 -4.60 -3.47
C LYS A 13 19.88 -4.14 -4.84
N PHE A 14 18.94 -4.02 -5.78
CA PHE A 14 19.26 -3.58 -7.14
C PHE A 14 18.47 -2.31 -7.43
N GLY A 15 17.15 -2.44 -7.52
CA GLY A 15 16.23 -1.36 -7.82
C GLY A 15 15.31 -1.05 -6.67
N GLU A 16 14.15 -0.53 -7.05
CA GLU A 16 13.05 -0.12 -6.22
C GLU A 16 12.28 -1.38 -5.79
N PHE A 17 11.65 -1.34 -4.62
CA PHE A 17 10.87 -2.45 -4.06
C PHE A 17 9.46 -1.98 -3.66
N CYS A 18 8.48 -2.89 -3.71
CA CYS A 18 7.10 -2.62 -3.33
C CYS A 18 7.14 -2.50 -1.81
N HIS A 19 7.06 -1.28 -1.28
CA HIS A 19 7.11 -0.93 0.13
C HIS A 19 6.31 -1.93 0.96
N GLY A 20 5.02 -2.05 0.67
CA GLY A 20 4.11 -2.94 1.37
C GLY A 20 4.53 -4.40 1.47
N CYS A 21 5.23 -4.98 0.47
CA CYS A 21 5.62 -6.39 0.55
C CYS A 21 7.12 -6.69 0.65
N SER A 22 8.00 -5.72 0.43
CA SER A 22 9.45 -5.92 0.49
C SER A 22 9.91 -6.89 -0.63
N LEU A 23 9.46 -6.67 -1.88
CA LEU A 23 9.81 -7.48 -3.07
C LEU A 23 10.10 -6.52 -4.22
N LEU A 24 11.01 -6.93 -5.11
CA LEU A 24 11.45 -6.19 -6.29
C LEU A 24 10.30 -6.00 -7.27
N MET A 25 10.39 -4.98 -8.12
CA MET A 25 9.41 -4.67 -9.15
C MET A 25 10.10 -4.73 -10.50
N THR A 26 9.37 -5.21 -11.51
CA THR A 26 9.89 -5.34 -12.86
C THR A 26 9.09 -4.42 -13.79
N GLY A 27 7.82 -4.16 -13.46
CA GLY A 27 6.92 -3.32 -14.21
C GLY A 27 6.65 -1.99 -13.52
N PRO A 28 5.87 -1.10 -14.17
CA PRO A 28 5.51 0.22 -13.67
C PRO A 28 4.65 0.18 -12.40
N PHE A 29 4.47 1.35 -11.78
CA PHE A 29 3.68 1.53 -10.57
C PHE A 29 3.07 2.93 -10.54
N MET A 30 2.21 3.20 -9.56
CA MET A 30 1.55 4.49 -9.35
C MET A 30 2.12 5.08 -8.06
N VAL A 31 2.07 6.38 -7.87
CA VAL A 31 2.58 7.03 -6.66
C VAL A 31 1.43 7.71 -5.94
N ALA A 32 1.31 7.42 -4.64
CA ALA A 32 0.33 7.93 -3.71
C ALA A 32 0.91 7.78 -2.31
N GLY A 33 0.51 8.66 -1.39
CA GLY A 33 0.99 8.59 -0.01
C GLY A 33 2.51 8.53 0.11
N GLU A 34 3.24 9.20 -0.79
CA GLU A 34 4.69 9.30 -0.87
C GLU A 34 5.47 7.96 -0.90
N PHE A 35 4.82 6.81 -1.12
CA PHE A 35 5.49 5.49 -1.17
C PHE A 35 5.22 4.80 -2.51
N LYS A 36 5.96 3.72 -2.77
CA LYS A 36 5.89 2.95 -4.00
C LYS A 36 5.38 1.54 -3.71
N TYR A 37 4.27 1.11 -4.34
CA TYR A 37 3.69 -0.22 -4.17
C TYR A 37 3.51 -0.86 -5.54
N HIS A 38 3.37 -2.20 -5.60
CA HIS A 38 3.17 -2.84 -6.89
C HIS A 38 1.79 -2.51 -7.44
N PRO A 39 1.59 -2.59 -8.77
CA PRO A 39 0.31 -2.33 -9.43
C PRO A 39 -0.73 -3.39 -9.08
N GLU A 40 -0.32 -4.43 -8.37
CA GLU A 40 -1.14 -5.55 -7.92
C GLU A 40 -1.22 -5.61 -6.39
N CYS A 41 -0.73 -4.60 -5.65
CA CYS A 41 -0.75 -4.54 -4.19
C CYS A 41 -1.00 -3.10 -3.68
N PHE A 42 -1.90 -2.39 -4.36
CA PHE A 42 -2.37 -1.04 -4.11
C PHE A 42 -3.87 -1.33 -4.07
N ALA A 43 -4.40 -1.67 -2.88
CA ALA A 43 -5.80 -2.03 -2.68
C ALA A 43 -6.38 -1.54 -1.36
N CYS A 44 -7.72 -1.52 -1.24
CA CYS A 44 -8.38 -1.08 0.00
C CYS A 44 -7.99 -2.06 1.12
N MET A 45 -7.40 -1.63 2.24
CA MET A 45 -7.01 -2.54 3.33
C MET A 45 -8.20 -3.35 3.87
N SER A 46 -9.37 -2.72 3.97
CA SER A 46 -10.60 -3.31 4.47
C SER A 46 -11.28 -4.31 3.52
N CYS A 47 -10.97 -4.29 2.21
CA CYS A 47 -11.62 -5.23 1.27
C CYS A 47 -10.70 -5.91 0.25
N LYS A 48 -9.42 -5.56 0.20
CA LYS A 48 -8.37 -6.11 -0.68
C LYS A 48 -8.63 -5.89 -2.19
N VAL A 49 -9.68 -5.20 -2.61
CA VAL A 49 -9.90 -4.98 -4.03
C VAL A 49 -8.82 -4.02 -4.55
N ILE A 50 -8.21 -4.42 -5.66
CA ILE A 50 -7.17 -3.70 -6.36
C ILE A 50 -7.71 -2.33 -6.80
N ILE A 51 -6.88 -1.31 -6.65
CA ILE A 51 -7.12 0.07 -7.04
C ILE A 51 -6.31 0.23 -8.32
N GLU A 52 -6.99 0.63 -9.40
CA GLU A 52 -6.45 0.83 -10.74
C GLU A 52 -6.60 2.32 -11.08
N ASP A 53 -6.03 2.75 -12.22
CA ASP A 53 -6.13 4.13 -12.68
C ASP A 53 -7.57 4.35 -13.16
N GLY A 54 -8.41 4.84 -12.25
CA GLY A 54 -9.81 5.12 -12.48
C GLY A 54 -10.64 4.88 -11.22
N ASP A 55 -10.18 4.01 -10.30
CA ASP A 55 -10.92 3.77 -9.06
C ASP A 55 -10.41 4.82 -8.06
N ALA A 56 -11.29 5.30 -7.20
CA ALA A 56 -10.94 6.32 -6.21
C ALA A 56 -10.28 5.71 -4.98
N TYR A 57 -9.05 6.14 -4.74
CA TYR A 57 -8.24 5.72 -3.60
C TYR A 57 -8.40 6.77 -2.49
N ALA A 58 -8.01 6.43 -1.28
CA ALA A 58 -8.08 7.30 -0.11
C ALA A 58 -6.90 6.94 0.79
N LEU A 59 -5.91 7.82 0.88
CA LEU A 59 -4.72 7.64 1.69
C LEU A 59 -5.04 8.07 3.12
N VAL A 60 -4.63 7.30 4.12
CA VAL A 60 -4.90 7.63 5.52
C VAL A 60 -3.60 7.53 6.33
N GLN A 61 -3.30 8.64 7.02
CA GLN A 61 -2.18 8.91 7.91
C GLN A 61 -0.88 8.23 7.49
N HIS A 62 -0.55 8.29 6.19
CA HIS A 62 0.65 7.70 5.58
C HIS A 62 0.99 6.32 6.15
N ALA A 63 -0.02 5.52 6.48
CA ALA A 63 0.16 4.19 7.04
C ALA A 63 -0.88 3.18 6.56
N THR A 64 -1.96 3.60 5.90
CA THR A 64 -3.00 2.72 5.39
C THR A 64 -3.58 3.33 4.10
N LEU A 65 -4.23 2.49 3.29
CA LEU A 65 -4.86 2.84 2.03
C LEU A 65 -6.26 2.25 2.02
N TYR A 66 -7.24 3.03 1.58
CA TYR A 66 -8.63 2.66 1.50
C TYR A 66 -9.21 3.07 0.14
N CYS A 67 -10.47 2.69 -0.08
CA CYS A 67 -11.21 3.03 -1.29
C CYS A 67 -12.05 4.25 -0.91
N GLY A 68 -12.40 5.10 -1.87
CA GLY A 68 -13.21 6.27 -1.58
C GLY A 68 -14.58 5.92 -0.97
N LYS A 69 -15.25 4.88 -1.46
CA LYS A 69 -16.58 4.50 -0.93
C LYS A 69 -16.54 4.03 0.51
N CYS A 70 -15.41 3.46 0.94
CA CYS A 70 -15.23 2.92 2.28
C CYS A 70 -14.60 3.97 3.19
N HIS A 71 -13.75 4.87 2.67
CA HIS A 71 -13.20 5.94 3.49
C HIS A 71 -14.37 6.90 3.81
N ASN A 72 -15.40 6.93 2.96
CA ASN A 72 -16.61 7.75 3.13
C ASN A 72 -17.30 7.42 4.46
N GLU A 73 -17.26 6.15 4.90
CA GLU A 73 -17.87 5.68 6.15
C GLU A 73 -17.27 6.42 7.36
N VAL A 74 -16.02 6.86 7.28
CA VAL A 74 -15.30 7.57 8.33
C VAL A 74 -15.89 8.96 8.50
N VAL A 75 -16.06 9.69 7.39
CA VAL A 75 -16.59 11.04 7.41
C VAL A 75 -18.11 11.06 7.61
N SER A 76 -18.78 9.92 7.44
CA SER A 76 -20.21 9.75 7.57
C SER A 76 -20.76 9.97 9.00
N GLY A 77 -19.91 10.30 9.97
CA GLY A 77 -20.28 10.56 11.35
C GLY A 77 -19.04 10.75 12.21
N PRO A 78 -19.21 11.05 13.51
CA PRO A 78 -18.10 11.24 14.44
C PRO A 78 -17.36 9.90 14.58
N SER A 79 -16.12 9.84 14.09
CA SER A 79 -15.36 8.59 14.17
C SER A 79 -14.90 8.26 15.58
N SER A 80 -14.57 9.25 16.43
CA SER A 80 -14.14 8.97 17.78
C SER A 80 -15.34 8.60 18.67
N GLY A 81 -15.05 8.11 19.87
CA GLY A 81 -16.05 7.74 20.85
C GLY A 81 -16.55 8.99 21.54
N GLY A 1 -8.68 -25.17 9.66
CA GLY A 1 -8.13 -24.84 8.34
C GLY A 1 -7.24 -23.61 8.45
N SER A 2 -5.92 -23.83 8.42
CA SER A 2 -4.90 -22.79 8.49
C SER A 2 -3.82 -23.11 7.45
N SER A 3 -2.83 -22.22 7.30
CA SER A 3 -1.70 -22.34 6.38
C SER A 3 -0.66 -21.30 6.84
N GLY A 4 0.35 -21.07 6.01
CA GLY A 4 1.44 -20.13 6.21
C GLY A 4 2.45 -20.29 5.06
N SER A 5 3.36 -19.34 4.93
CA SER A 5 4.42 -19.30 3.93
C SER A 5 5.69 -18.78 4.59
N SER A 6 6.85 -18.97 3.95
CA SER A 6 8.16 -18.56 4.41
C SER A 6 8.89 -17.92 3.23
N GLY A 7 10.16 -17.59 3.43
CA GLY A 7 11.04 -16.99 2.44
C GLY A 7 12.09 -16.17 3.15
N LYS A 8 13.31 -16.14 2.61
CA LYS A 8 14.44 -15.42 3.14
C LYS A 8 15.28 -14.90 1.97
N ASP A 9 14.69 -14.07 1.13
CA ASP A 9 15.42 -13.49 0.02
C ASP A 9 16.24 -12.33 0.57
N TYR A 10 17.33 -11.94 -0.12
CA TYR A 10 18.20 -10.84 0.32
C TYR A 10 18.86 -10.12 -0.85
N TRP A 11 18.99 -10.80 -2.00
CA TRP A 11 19.59 -10.25 -3.20
C TRP A 11 18.63 -9.17 -3.72
N GLY A 12 19.01 -7.90 -3.58
CA GLY A 12 18.25 -6.75 -4.01
C GLY A 12 19.12 -5.85 -4.86
N LYS A 13 18.55 -5.23 -5.89
CA LYS A 13 19.24 -4.31 -6.80
C LYS A 13 18.94 -2.89 -6.33
N PHE A 14 19.46 -1.88 -7.04
CA PHE A 14 19.23 -0.48 -6.71
C PHE A 14 17.89 0.02 -7.27
N GLY A 15 17.09 -0.86 -7.83
CA GLY A 15 15.80 -0.48 -8.38
C GLY A 15 14.77 -0.25 -7.28
N GLU A 16 13.55 0.01 -7.70
CA GLU A 16 12.44 0.27 -6.81
C GLU A 16 11.80 -1.05 -6.33
N PHE A 17 11.32 -1.08 -5.08
CA PHE A 17 10.69 -2.24 -4.44
C PHE A 17 9.33 -1.86 -3.85
N CYS A 18 8.40 -2.81 -3.68
CA CYS A 18 7.10 -2.53 -3.09
C CYS A 18 7.41 -2.28 -1.61
N HIS A 19 7.28 -1.02 -1.16
CA HIS A 19 7.55 -0.61 0.23
C HIS A 19 6.87 -1.58 1.21
N GLY A 20 5.64 -2.01 0.86
CA GLY A 20 4.83 -2.91 1.64
C GLY A 20 5.33 -4.35 1.74
N CYS A 21 5.96 -4.94 0.71
CA CYS A 21 6.42 -6.34 0.81
C CYS A 21 7.92 -6.63 0.75
N SER A 22 8.78 -5.66 0.44
CA SER A 22 10.25 -5.84 0.34
C SER A 22 10.66 -6.45 -1.02
N LEU A 23 9.73 -7.02 -1.79
CA LEU A 23 10.01 -7.62 -3.11
C LEU A 23 10.01 -6.52 -4.17
N LEU A 24 10.90 -6.72 -5.14
CA LEU A 24 11.16 -5.86 -6.30
C LEU A 24 10.00 -5.90 -7.30
N MET A 25 9.94 -4.93 -8.21
CA MET A 25 8.95 -4.84 -9.28
C MET A 25 9.73 -4.72 -10.58
N THR A 26 9.85 -5.82 -11.30
CA THR A 26 10.55 -5.84 -12.56
C THR A 26 9.58 -5.32 -13.63
N GLY A 27 9.30 -4.01 -13.65
CA GLY A 27 8.37 -3.38 -14.58
C GLY A 27 7.80 -2.10 -13.99
N PRO A 28 6.57 -1.68 -14.35
CA PRO A 28 5.95 -0.47 -13.84
C PRO A 28 5.63 -0.53 -12.35
N PHE A 29 5.26 0.61 -11.77
CA PHE A 29 4.90 0.81 -10.38
C PHE A 29 3.86 1.92 -10.26
N MET A 30 3.20 1.97 -9.11
CA MET A 30 2.17 2.94 -8.80
C MET A 30 2.67 3.87 -7.69
N VAL A 31 2.35 5.16 -7.79
CA VAL A 31 2.76 6.17 -6.82
C VAL A 31 1.48 6.83 -6.28
N ALA A 32 1.38 6.91 -4.96
CA ALA A 32 0.27 7.51 -4.23
C ALA A 32 0.84 7.99 -2.91
N GLY A 33 0.49 9.21 -2.48
CA GLY A 33 0.99 9.77 -1.22
C GLY A 33 2.51 9.97 -1.22
N GLU A 34 3.16 9.81 -2.38
CA GLU A 34 4.59 9.93 -2.69
C GLU A 34 5.35 8.59 -2.47
N PHE A 35 4.70 7.60 -1.88
CA PHE A 35 5.23 6.26 -1.59
C PHE A 35 5.07 5.37 -2.83
N LYS A 36 5.55 4.11 -2.79
CA LYS A 36 5.46 3.21 -3.93
C LYS A 36 5.07 1.80 -3.51
N TYR A 37 4.05 1.22 -4.16
CA TYR A 37 3.54 -0.10 -3.87
C TYR A 37 3.19 -0.87 -5.13
N HIS A 38 3.13 -2.21 -5.02
CA HIS A 38 2.77 -3.02 -6.20
C HIS A 38 1.30 -2.73 -6.52
N PRO A 39 0.87 -2.79 -7.80
CA PRO A 39 -0.50 -2.52 -8.21
C PRO A 39 -1.52 -3.40 -7.48
N GLU A 40 -1.33 -4.73 -7.47
CA GLU A 40 -2.25 -5.63 -6.78
C GLU A 40 -2.33 -5.28 -5.30
N CYS A 41 -1.18 -5.00 -4.70
CA CYS A 41 -1.07 -4.66 -3.30
C CYS A 41 -1.51 -3.23 -2.95
N PHE A 42 -2.19 -2.55 -3.87
CA PHE A 42 -2.74 -1.22 -3.70
C PHE A 42 -4.24 -1.52 -3.68
N ALA A 43 -4.72 -1.92 -2.51
CA ALA A 43 -6.10 -2.32 -2.28
C ALA A 43 -6.70 -1.68 -1.03
N CYS A 44 -8.02 -1.77 -0.89
CA CYS A 44 -8.71 -1.22 0.28
C CYS A 44 -8.49 -2.21 1.43
N MET A 45 -7.95 -1.79 2.57
CA MET A 45 -7.74 -2.66 3.73
C MET A 45 -9.09 -3.21 4.19
N SER A 46 -10.07 -2.32 4.35
CA SER A 46 -11.42 -2.60 4.80
C SER A 46 -12.22 -3.59 3.98
N CYS A 47 -11.88 -3.81 2.70
CA CYS A 47 -12.66 -4.73 1.85
C CYS A 47 -11.82 -5.66 0.95
N LYS A 48 -10.50 -5.48 0.88
CA LYS A 48 -9.52 -6.22 0.07
C LYS A 48 -9.56 -5.96 -1.44
N VAL A 49 -10.54 -5.22 -1.98
CA VAL A 49 -10.63 -4.92 -3.42
C VAL A 49 -9.42 -4.09 -3.86
N ILE A 50 -8.87 -4.43 -5.02
CA ILE A 50 -7.73 -3.76 -5.64
C ILE A 50 -8.23 -2.39 -6.12
N ILE A 51 -7.40 -1.34 -6.13
CA ILE A 51 -7.76 0.01 -6.55
C ILE A 51 -6.84 0.43 -7.70
N GLU A 52 -7.28 0.22 -8.94
CA GLU A 52 -6.56 0.57 -10.15
C GLU A 52 -6.68 2.07 -10.41
N ASP A 53 -5.93 2.59 -11.39
CA ASP A 53 -5.92 4.02 -11.79
C ASP A 53 -7.26 4.61 -12.21
N GLY A 54 -8.28 3.79 -12.42
CA GLY A 54 -9.60 4.22 -12.85
C GLY A 54 -10.58 4.47 -11.72
N ASP A 55 -10.33 3.97 -10.49
CA ASP A 55 -11.25 4.17 -9.37
C ASP A 55 -10.65 5.17 -8.39
N ALA A 56 -11.47 6.05 -7.84
CA ALA A 56 -11.06 7.09 -6.91
C ALA A 56 -10.61 6.54 -5.56
N TYR A 57 -9.31 6.58 -5.31
CA TYR A 57 -8.69 6.14 -4.06
C TYR A 57 -8.73 7.32 -3.07
N ALA A 58 -8.09 7.14 -1.92
CA ALA A 58 -7.94 8.11 -0.85
C ALA A 58 -6.61 7.79 -0.19
N LEU A 59 -5.94 8.78 0.42
CA LEU A 59 -4.66 8.57 1.08
C LEU A 59 -4.70 9.27 2.41
N VAL A 60 -4.95 8.52 3.47
CA VAL A 60 -5.00 9.07 4.81
C VAL A 60 -3.59 8.87 5.38
N GLN A 61 -3.03 9.93 5.93
CA GLN A 61 -1.70 10.02 6.55
C GLN A 61 -1.44 9.01 7.67
N HIS A 62 -2.48 8.25 8.07
CA HIS A 62 -2.48 7.24 9.11
C HIS A 62 -1.65 5.99 8.74
N ALA A 63 -1.04 5.96 7.53
CA ALA A 63 -0.22 4.91 6.95
C ALA A 63 -1.07 3.78 6.34
N THR A 64 -2.39 3.95 6.27
CA THR A 64 -3.33 2.98 5.74
C THR A 64 -3.97 3.55 4.46
N LEU A 65 -4.36 2.66 3.54
CA LEU A 65 -4.98 2.99 2.26
C LEU A 65 -6.45 2.58 2.32
N TYR A 66 -7.32 3.40 1.73
CA TYR A 66 -8.76 3.22 1.67
C TYR A 66 -9.26 3.58 0.27
N CYS A 67 -10.44 3.07 -0.06
CA CYS A 67 -11.09 3.38 -1.33
C CYS A 67 -11.98 4.58 -0.96
N GLY A 68 -12.37 5.41 -1.93
CA GLY A 68 -13.24 6.55 -1.67
C GLY A 68 -14.50 6.16 -0.89
N LYS A 69 -15.20 5.08 -1.29
CA LYS A 69 -16.42 4.61 -0.61
C LYS A 69 -16.16 4.25 0.85
N CYS A 70 -15.15 3.42 1.08
CA CYS A 70 -14.74 2.96 2.41
C CYS A 70 -14.32 4.13 3.30
N HIS A 71 -13.62 5.12 2.76
CA HIS A 71 -13.20 6.28 3.54
C HIS A 71 -14.47 7.10 3.88
N ASN A 72 -15.41 7.21 2.93
CA ASN A 72 -16.67 7.91 3.09
C ASN A 72 -17.55 7.28 4.18
N GLU A 73 -17.28 6.04 4.58
CA GLU A 73 -18.04 5.36 5.61
C GLU A 73 -17.60 5.79 7.01
N VAL A 74 -16.30 5.79 7.28
CA VAL A 74 -15.76 6.15 8.60
C VAL A 74 -16.06 7.61 8.95
N VAL A 75 -16.01 8.53 7.99
CA VAL A 75 -16.27 9.95 8.23
C VAL A 75 -17.70 10.23 8.73
N SER A 76 -18.61 9.24 8.67
CA SER A 76 -19.98 9.39 9.12
C SER A 76 -20.09 9.44 10.66
N GLY A 77 -19.02 9.20 11.42
CA GLY A 77 -19.08 9.22 12.88
C GLY A 77 -17.73 9.50 13.53
N PRO A 78 -17.70 9.79 14.85
CA PRO A 78 -16.51 10.09 15.62
C PRO A 78 -15.72 8.83 15.99
N SER A 79 -15.24 8.09 14.99
CA SER A 79 -14.46 6.87 15.20
C SER A 79 -13.15 7.23 15.91
N SER A 80 -12.61 6.36 16.77
CA SER A 80 -11.36 6.62 17.48
C SER A 80 -10.66 5.31 17.83
N GLY A 81 -9.47 5.39 18.42
CA GLY A 81 -8.66 4.26 18.84
C GLY A 81 -8.15 4.53 20.22
N GLY A 1 17.04 2.80 16.55
CA GLY A 1 17.87 1.96 15.67
C GLY A 1 17.49 0.49 15.83
N SER A 2 17.90 -0.34 14.88
CA SER A 2 17.64 -1.77 14.86
C SER A 2 18.31 -2.38 16.10
N SER A 3 17.65 -3.32 16.79
CA SER A 3 18.24 -3.93 17.97
C SER A 3 19.47 -4.76 17.60
N GLY A 4 19.37 -5.59 16.56
CA GLY A 4 20.46 -6.45 16.10
C GLY A 4 19.86 -7.62 15.35
N SER A 5 19.71 -7.54 14.04
CA SER A 5 19.12 -8.61 13.24
C SER A 5 19.78 -8.73 11.86
N SER A 6 19.46 -9.80 11.14
CA SER A 6 20.00 -10.04 9.80
C SER A 6 19.26 -9.15 8.79
N GLY A 7 19.73 -9.15 7.55
CA GLY A 7 19.20 -8.38 6.42
C GLY A 7 20.37 -7.82 5.64
N LYS A 8 21.21 -8.70 5.09
CA LYS A 8 22.39 -8.33 4.32
C LYS A 8 22.62 -9.45 3.31
N ASP A 9 22.97 -9.09 2.08
CA ASP A 9 23.25 -10.00 0.98
C ASP A 9 24.44 -9.46 0.20
N TYR A 10 25.01 -10.30 -0.65
CA TYR A 10 26.12 -9.94 -1.53
C TYR A 10 25.53 -9.19 -2.74
N TRP A 11 24.25 -9.47 -3.05
CA TRP A 11 23.50 -8.84 -4.11
C TRP A 11 23.11 -7.46 -3.60
N GLY A 12 23.37 -6.44 -4.40
CA GLY A 12 23.06 -5.04 -4.11
C GLY A 12 22.82 -4.38 -5.46
N LYS A 13 21.88 -3.44 -5.52
CA LYS A 13 21.52 -2.69 -6.72
C LYS A 13 20.99 -1.34 -6.25
N PHE A 14 20.93 -0.39 -7.17
CA PHE A 14 20.49 0.97 -6.96
C PHE A 14 19.00 1.20 -7.18
N GLY A 15 18.17 0.15 -7.32
CA GLY A 15 16.74 0.33 -7.54
C GLY A 15 15.95 0.54 -6.25
N GLU A 16 14.72 0.06 -6.31
CA GLU A 16 13.73 0.10 -5.25
C GLU A 16 12.98 -1.22 -5.20
N PHE A 17 12.25 -1.40 -4.09
CA PHE A 17 11.41 -2.55 -3.73
C PHE A 17 10.00 -2.05 -3.32
N CYS A 18 8.98 -2.92 -3.25
CA CYS A 18 7.60 -2.52 -2.89
C CYS A 18 7.59 -2.15 -1.43
N HIS A 19 7.36 -0.88 -1.07
CA HIS A 19 7.29 -0.36 0.31
C HIS A 19 6.11 -0.90 1.15
N GLY A 20 5.56 -2.03 0.72
CA GLY A 20 4.48 -2.79 1.30
C GLY A 20 4.90 -4.24 1.50
N CYS A 21 5.71 -4.81 0.58
CA CYS A 21 6.15 -6.20 0.75
C CYS A 21 7.67 -6.47 0.71
N SER A 22 8.53 -5.48 0.48
CA SER A 22 9.99 -5.59 0.39
C SER A 22 10.47 -6.38 -0.84
N LEU A 23 9.57 -6.95 -1.67
CA LEU A 23 9.96 -7.70 -2.87
C LEU A 23 10.14 -6.69 -4.02
N LEU A 24 10.98 -7.06 -4.99
CA LEU A 24 11.36 -6.28 -6.17
C LEU A 24 10.24 -6.15 -7.21
N MET A 25 10.32 -5.13 -8.07
CA MET A 25 9.43 -4.81 -9.18
C MET A 25 10.28 -4.82 -10.44
N THR A 26 9.65 -5.09 -11.58
CA THR A 26 10.30 -5.15 -12.86
C THR A 26 9.45 -4.58 -14.00
N GLY A 27 8.18 -4.25 -13.74
CA GLY A 27 7.25 -3.71 -14.72
C GLY A 27 6.68 -2.37 -14.25
N PRO A 28 5.42 -2.05 -14.61
CA PRO A 28 4.80 -0.80 -14.21
C PRO A 28 4.51 -0.79 -12.70
N PHE A 29 4.22 0.39 -12.18
CA PHE A 29 3.89 0.66 -10.78
C PHE A 29 2.90 1.83 -10.78
N MET A 30 2.35 2.16 -9.61
CA MET A 30 1.41 3.26 -9.45
C MET A 30 2.03 4.24 -8.46
N VAL A 31 1.74 5.53 -8.62
CA VAL A 31 2.24 6.57 -7.74
C VAL A 31 1.03 7.04 -6.95
N ALA A 32 1.15 7.07 -5.63
CA ALA A 32 0.12 7.49 -4.70
C ALA A 32 0.81 7.81 -3.39
N GLY A 33 0.35 8.85 -2.69
CA GLY A 33 0.93 9.21 -1.41
C GLY A 33 2.44 9.43 -1.48
N GLU A 34 2.94 9.93 -2.62
CA GLU A 34 4.34 10.22 -2.96
C GLU A 34 5.31 9.01 -2.95
N PHE A 35 4.86 7.82 -2.54
CA PHE A 35 5.67 6.60 -2.46
C PHE A 35 5.48 5.73 -3.71
N LYS A 36 6.03 4.51 -3.71
CA LYS A 36 5.93 3.54 -4.81
C LYS A 36 5.59 2.18 -4.21
N TYR A 37 4.70 1.44 -4.86
CA TYR A 37 4.27 0.11 -4.46
C TYR A 37 3.95 -0.71 -5.70
N HIS A 38 3.85 -2.04 -5.57
CA HIS A 38 3.52 -2.83 -6.77
C HIS A 38 2.11 -2.50 -7.32
N PRO A 39 1.87 -2.70 -8.63
CA PRO A 39 0.58 -2.46 -9.29
C PRO A 39 -0.52 -3.43 -8.87
N GLU A 40 -0.18 -4.44 -8.07
CA GLU A 40 -1.05 -5.47 -7.53
C GLU A 40 -1.16 -5.35 -6.00
N CYS A 41 -0.66 -4.28 -5.37
CA CYS A 41 -0.72 -4.14 -3.91
C CYS A 41 -1.45 -2.89 -3.43
N PHE A 42 -1.87 -2.01 -4.34
CA PHE A 42 -2.61 -0.81 -4.03
C PHE A 42 -4.07 -1.31 -4.04
N ALA A 43 -4.57 -1.72 -2.87
CA ALA A 43 -5.91 -2.27 -2.70
C ALA A 43 -6.60 -1.68 -1.47
N CYS A 44 -7.94 -1.63 -1.46
CA CYS A 44 -8.67 -1.09 -0.32
C CYS A 44 -8.48 -2.06 0.83
N MET A 45 -7.97 -1.64 1.98
CA MET A 45 -7.76 -2.55 3.11
C MET A 45 -9.09 -3.15 3.62
N SER A 46 -10.20 -2.42 3.50
CA SER A 46 -11.53 -2.83 3.93
C SER A 46 -12.21 -3.92 3.11
N CYS A 47 -11.95 -3.97 1.78
CA CYS A 47 -12.59 -4.95 0.88
C CYS A 47 -11.61 -5.81 0.08
N LYS A 48 -10.32 -5.47 0.08
CA LYS A 48 -9.25 -6.17 -0.62
C LYS A 48 -9.32 -6.10 -2.15
N VAL A 49 -10.24 -5.32 -2.73
CA VAL A 49 -10.29 -5.19 -4.18
C VAL A 49 -9.10 -4.33 -4.56
N ILE A 50 -8.47 -4.66 -5.69
CA ILE A 50 -7.35 -3.90 -6.20
C ILE A 50 -7.94 -2.55 -6.64
N ILE A 51 -7.14 -1.49 -6.53
CA ILE A 51 -7.54 -0.15 -6.92
C ILE A 51 -6.77 0.09 -8.20
N GLU A 52 -7.48 -0.01 -9.33
CA GLU A 52 -6.92 0.20 -10.66
C GLU A 52 -6.60 1.69 -10.80
N ASP A 53 -5.93 2.05 -11.89
CA ASP A 53 -5.55 3.43 -12.20
C ASP A 53 -6.77 4.30 -12.55
N GLY A 54 -8.00 3.82 -12.34
CA GLY A 54 -9.25 4.51 -12.64
C GLY A 54 -10.28 4.58 -11.52
N ASP A 55 -9.91 4.58 -10.23
CA ASP A 55 -10.87 4.70 -9.09
C ASP A 55 -10.33 5.77 -8.13
N ALA A 56 -11.05 6.10 -7.06
CA ALA A 56 -10.63 7.09 -6.08
C ALA A 56 -10.24 6.39 -4.78
N TYR A 57 -9.22 6.91 -4.11
CA TYR A 57 -8.71 6.39 -2.85
C TYR A 57 -8.44 7.54 -1.89
N ALA A 58 -8.18 7.21 -0.63
CA ALA A 58 -7.83 8.14 0.43
C ALA A 58 -6.88 7.39 1.34
N LEU A 59 -5.75 8.04 1.64
CA LEU A 59 -4.71 7.53 2.52
C LEU A 59 -5.00 8.19 3.85
N VAL A 60 -5.26 7.41 4.89
CA VAL A 60 -5.54 7.93 6.22
C VAL A 60 -4.20 7.94 6.95
N GLN A 61 -3.84 9.12 7.46
CA GLN A 61 -2.60 9.43 8.21
C GLN A 61 -1.39 8.69 7.62
N HIS A 62 -1.26 8.75 6.29
CA HIS A 62 -0.24 8.16 5.43
C HIS A 62 0.14 6.71 5.78
N ALA A 63 -0.74 5.94 6.44
CA ALA A 63 -0.44 4.57 6.85
C ALA A 63 -1.54 3.54 6.58
N THR A 64 -2.72 3.95 6.14
CA THR A 64 -3.85 3.07 5.84
C THR A 64 -4.45 3.52 4.50
N LEU A 65 -4.86 2.59 3.63
CA LEU A 65 -5.42 2.88 2.31
C LEU A 65 -6.85 2.38 2.17
N TYR A 66 -7.75 3.26 1.74
CA TYR A 66 -9.15 2.96 1.53
C TYR A 66 -9.63 3.50 0.19
N CYS A 67 -10.77 2.99 -0.31
CA CYS A 67 -11.36 3.41 -1.57
C CYS A 67 -12.34 4.52 -1.20
N GLY A 68 -12.76 5.35 -2.16
CA GLY A 68 -13.70 6.43 -1.93
C GLY A 68 -14.97 5.98 -1.20
N LYS A 69 -15.61 4.90 -1.64
CA LYS A 69 -16.86 4.41 -1.01
C LYS A 69 -16.65 3.98 0.44
N CYS A 70 -15.49 3.39 0.73
CA CYS A 70 -15.11 2.91 2.05
C CYS A 70 -14.71 4.08 2.94
N HIS A 71 -13.81 4.96 2.49
CA HIS A 71 -13.37 6.11 3.27
C HIS A 71 -14.55 7.03 3.61
N ASN A 72 -15.58 7.09 2.74
CA ASN A 72 -16.74 7.91 3.00
C ASN A 72 -17.48 7.50 4.28
N GLU A 73 -17.31 6.25 4.74
CA GLU A 73 -17.94 5.71 5.93
C GLU A 73 -17.18 6.15 7.19
N VAL A 74 -15.84 6.14 7.14
CA VAL A 74 -15.04 6.55 8.29
C VAL A 74 -15.18 8.05 8.55
N VAL A 75 -15.53 8.86 7.54
CA VAL A 75 -15.71 10.31 7.68
C VAL A 75 -17.18 10.68 7.91
N SER A 76 -18.09 9.75 7.67
CA SER A 76 -19.52 9.94 7.87
C SER A 76 -19.76 10.03 9.38
N GLY A 77 -20.84 10.71 9.78
CA GLY A 77 -21.17 10.87 11.18
C GLY A 77 -20.10 11.70 11.90
N PRO A 78 -19.82 11.44 13.18
CA PRO A 78 -18.83 12.19 13.93
C PRO A 78 -17.42 12.00 13.37
N SER A 79 -16.89 13.02 12.69
CA SER A 79 -15.58 13.15 12.05
C SER A 79 -15.47 14.56 11.45
N SER A 80 -14.28 15.02 11.08
CA SER A 80 -14.05 16.36 10.52
C SER A 80 -13.44 16.34 9.11
N GLY A 81 -13.24 17.50 8.49
CA GLY A 81 -12.66 17.60 7.15
C GLY A 81 -13.03 18.90 6.47
N GLY A 1 27.31 -12.84 26.67
CA GLY A 1 27.16 -13.49 25.36
C GLY A 1 25.69 -13.44 24.97
N SER A 2 25.39 -12.71 23.89
CA SER A 2 24.06 -12.52 23.35
C SER A 2 24.27 -12.31 21.85
N SER A 3 23.93 -13.32 21.05
CA SER A 3 24.05 -13.30 19.59
C SER A 3 22.89 -14.09 19.00
N GLY A 4 22.42 -13.72 17.80
CA GLY A 4 21.31 -14.41 17.15
C GLY A 4 20.53 -13.42 16.31
N SER A 5 21.17 -12.90 15.27
CA SER A 5 20.65 -11.95 14.31
C SER A 5 21.25 -12.30 12.94
N SER A 6 21.02 -11.46 11.94
CA SER A 6 21.50 -11.55 10.59
C SER A 6 21.34 -10.15 10.00
N GLY A 7 22.14 -9.82 8.99
CA GLY A 7 22.11 -8.54 8.31
C GLY A 7 21.24 -8.64 7.05
N LYS A 8 21.04 -7.51 6.37
CA LYS A 8 20.28 -7.42 5.13
C LYS A 8 21.24 -6.99 4.03
N ASP A 9 20.80 -7.12 2.79
CA ASP A 9 21.56 -6.79 1.58
C ASP A 9 20.81 -5.67 0.85
N TYR A 10 21.11 -4.41 1.14
CA TYR A 10 20.48 -3.21 0.55
C TYR A 10 21.47 -2.35 -0.24
N TRP A 11 22.78 -2.48 0.01
CA TRP A 11 23.78 -1.73 -0.72
C TRP A 11 23.86 -2.31 -2.14
N GLY A 12 24.51 -1.61 -3.07
CA GLY A 12 24.65 -2.07 -4.45
C GLY A 12 23.33 -2.16 -5.22
N LYS A 13 22.23 -1.57 -4.71
CA LYS A 13 20.94 -1.63 -5.39
C LYS A 13 20.99 -1.01 -6.78
N PHE A 14 19.97 -1.31 -7.56
CA PHE A 14 19.78 -0.84 -8.93
C PHE A 14 18.42 -0.19 -9.13
N GLY A 15 17.45 -0.44 -8.26
CA GLY A 15 16.13 0.13 -8.40
C GLY A 15 15.33 0.08 -7.11
N GLU A 16 14.05 0.45 -7.25
CA GLU A 16 13.06 0.50 -6.19
C GLU A 16 12.34 -0.84 -6.08
N PHE A 17 11.91 -1.17 -4.86
CA PHE A 17 11.20 -2.39 -4.50
C PHE A 17 9.93 -1.97 -3.72
N CYS A 18 8.83 -2.76 -3.76
CA CYS A 18 7.57 -2.45 -3.08
C CYS A 18 7.83 -2.22 -1.60
N HIS A 19 7.56 -1.02 -1.10
CA HIS A 19 7.73 -0.62 0.31
C HIS A 19 6.65 -1.21 1.23
N GLY A 20 6.16 -2.40 0.87
CA GLY A 20 5.16 -3.19 1.55
C GLY A 20 5.58 -4.66 1.62
N CYS A 21 6.34 -5.16 0.63
CA CYS A 21 6.82 -6.56 0.69
C CYS A 21 8.32 -6.73 0.44
N SER A 22 9.05 -5.66 0.18
CA SER A 22 10.48 -5.66 -0.11
C SER A 22 10.83 -6.26 -1.50
N LEU A 23 9.89 -6.87 -2.24
CA LEU A 23 10.17 -7.47 -3.56
C LEU A 23 10.10 -6.41 -4.68
N LEU A 24 10.82 -6.67 -5.77
CA LEU A 24 10.95 -5.83 -6.95
C LEU A 24 9.67 -5.74 -7.78
N MET A 25 9.37 -4.57 -8.36
CA MET A 25 8.16 -4.35 -9.20
C MET A 25 8.34 -4.91 -10.61
N THR A 26 9.59 -5.11 -11.01
CA THR A 26 9.99 -5.62 -12.31
C THR A 26 9.40 -4.77 -13.45
N GLY A 27 9.29 -3.45 -13.24
CA GLY A 27 8.76 -2.50 -14.18
C GLY A 27 7.80 -1.53 -13.51
N PRO A 28 6.48 -1.63 -13.76
CA PRO A 28 5.49 -0.72 -13.20
C PRO A 28 5.24 -0.91 -11.71
N PHE A 29 4.80 0.18 -11.09
CA PHE A 29 4.46 0.36 -9.69
C PHE A 29 3.38 1.43 -9.61
N MET A 30 2.85 1.66 -8.41
CA MET A 30 1.85 2.69 -8.15
C MET A 30 2.48 3.66 -7.14
N VAL A 31 2.09 4.94 -7.20
CA VAL A 31 2.61 5.98 -6.32
C VAL A 31 1.48 6.68 -5.58
N ALA A 32 1.62 6.81 -4.25
CA ALA A 32 0.69 7.46 -3.35
C ALA A 32 1.54 7.99 -2.20
N GLY A 33 1.34 9.25 -1.80
CA GLY A 33 2.13 9.87 -0.74
C GLY A 33 3.60 9.93 -1.14
N GLU A 34 3.91 9.81 -2.45
CA GLU A 34 5.22 9.80 -3.08
C GLU A 34 5.93 8.46 -2.89
N PHE A 35 5.34 7.53 -2.14
CA PHE A 35 5.86 6.20 -1.83
C PHE A 35 5.64 5.25 -3.02
N LYS A 36 6.33 4.11 -3.05
CA LYS A 36 6.23 3.12 -4.13
C LYS A 36 5.74 1.77 -3.62
N TYR A 37 4.67 1.25 -4.21
CA TYR A 37 4.10 -0.04 -3.83
C TYR A 37 3.71 -0.83 -5.08
N HIS A 38 3.66 -2.18 -4.99
CA HIS A 38 3.24 -2.95 -6.17
C HIS A 38 1.75 -2.66 -6.42
N PRO A 39 1.25 -2.72 -7.67
CA PRO A 39 -0.15 -2.47 -7.97
C PRO A 39 -1.08 -3.44 -7.24
N GLU A 40 -0.76 -4.74 -7.26
CA GLU A 40 -1.55 -5.79 -6.58
C GLU A 40 -1.56 -5.64 -5.05
N CYS A 41 -0.91 -4.61 -4.50
CA CYS A 41 -0.82 -4.34 -3.09
C CYS A 41 -1.40 -2.97 -2.73
N PHE A 42 -1.92 -2.21 -3.70
CA PHE A 42 -2.55 -0.93 -3.47
C PHE A 42 -4.00 -1.36 -3.27
N ALA A 43 -4.45 -1.48 -2.01
CA ALA A 43 -5.80 -1.94 -1.71
C ALA A 43 -6.43 -1.25 -0.51
N CYS A 44 -7.77 -1.33 -0.40
CA CYS A 44 -8.46 -0.73 0.75
C CYS A 44 -7.93 -1.58 1.91
N MET A 45 -7.32 -1.00 2.94
CA MET A 45 -6.78 -1.78 4.05
C MET A 45 -7.85 -2.60 4.76
N SER A 46 -9.07 -2.07 4.78
CA SER A 46 -10.23 -2.65 5.42
C SER A 46 -10.87 -3.83 4.63
N CYS A 47 -11.04 -3.72 3.30
CA CYS A 47 -11.68 -4.79 2.49
C CYS A 47 -10.71 -5.61 1.60
N LYS A 48 -9.43 -5.22 1.57
CA LYS A 48 -8.34 -5.83 0.81
C LYS A 48 -8.48 -5.81 -0.72
N VAL A 49 -9.56 -5.29 -1.30
CA VAL A 49 -9.70 -5.27 -2.75
C VAL A 49 -8.66 -4.32 -3.33
N ILE A 50 -8.13 -4.67 -4.50
CA ILE A 50 -7.12 -3.85 -5.17
C ILE A 50 -7.84 -2.64 -5.76
N ILE A 51 -7.18 -1.50 -5.64
CA ILE A 51 -7.56 -0.18 -6.08
C ILE A 51 -6.64 0.02 -7.29
N GLU A 52 -7.24 0.04 -8.48
CA GLU A 52 -6.49 0.20 -9.73
C GLU A 52 -5.82 1.58 -9.79
N ASP A 53 -4.87 1.73 -10.71
CA ASP A 53 -4.10 2.95 -11.00
C ASP A 53 -4.96 3.91 -11.82
N GLY A 54 -6.16 4.16 -11.34
CA GLY A 54 -7.21 5.01 -11.86
C GLY A 54 -8.43 5.02 -10.94
N ASP A 55 -8.61 4.00 -10.07
CA ASP A 55 -9.75 3.95 -9.15
C ASP A 55 -9.64 5.11 -8.16
N ALA A 56 -10.79 5.60 -7.69
CA ALA A 56 -10.85 6.70 -6.74
C ALA A 56 -10.41 6.23 -5.37
N TYR A 57 -9.10 6.28 -5.17
CA TYR A 57 -8.43 5.88 -3.94
C TYR A 57 -8.57 6.99 -2.90
N ALA A 58 -8.19 6.73 -1.65
CA ALA A 58 -8.25 7.71 -0.59
C ALA A 58 -7.18 7.43 0.44
N LEU A 59 -6.17 8.29 0.48
CA LEU A 59 -5.06 8.22 1.42
C LEU A 59 -5.45 9.04 2.65
N VAL A 60 -4.84 8.74 3.79
CA VAL A 60 -5.11 9.38 5.06
C VAL A 60 -3.77 9.88 5.63
N GLN A 61 -3.80 10.84 6.56
CA GLN A 61 -2.60 11.38 7.23
C GLN A 61 -1.80 10.32 8.01
N HIS A 62 -2.26 9.08 7.97
CA HIS A 62 -1.73 7.90 8.62
C HIS A 62 -1.18 6.96 7.54
N ALA A 63 -0.42 5.93 7.90
CA ALA A 63 0.12 4.97 6.93
C ALA A 63 -0.99 3.97 6.61
N THR A 64 -2.06 4.41 5.97
CA THR A 64 -3.21 3.59 5.60
C THR A 64 -3.84 4.14 4.32
N LEU A 65 -4.47 3.23 3.56
CA LEU A 65 -5.13 3.49 2.29
C LEU A 65 -6.54 2.92 2.34
N TYR A 66 -7.49 3.62 1.74
CA TYR A 66 -8.88 3.25 1.68
C TYR A 66 -9.44 3.46 0.29
N CYS A 67 -10.66 2.94 0.07
CA CYS A 67 -11.38 3.07 -1.18
C CYS A 67 -12.28 4.32 -1.00
N GLY A 68 -12.76 4.94 -2.07
CA GLY A 68 -13.60 6.13 -2.01
C GLY A 68 -14.86 5.92 -1.16
N LYS A 69 -15.56 4.79 -1.32
CA LYS A 69 -16.78 4.50 -0.57
C LYS A 69 -16.48 4.46 0.91
N CYS A 70 -15.58 3.56 1.30
CA CYS A 70 -15.17 3.35 2.67
C CYS A 70 -14.58 4.61 3.30
N HIS A 71 -13.89 5.48 2.54
CA HIS A 71 -13.35 6.70 3.12
C HIS A 71 -14.51 7.58 3.59
N ASN A 72 -15.61 7.65 2.83
CA ASN A 72 -16.78 8.42 3.22
C ASN A 72 -17.44 7.71 4.40
N GLU A 73 -17.50 6.38 4.37
CA GLU A 73 -18.09 5.51 5.38
C GLU A 73 -17.41 5.64 6.75
N VAL A 74 -16.13 6.04 6.81
CA VAL A 74 -15.41 6.20 8.07
C VAL A 74 -15.67 7.58 8.68
N VAL A 75 -15.68 8.65 7.88
CA VAL A 75 -15.91 10.00 8.39
C VAL A 75 -17.40 10.24 8.69
N SER A 76 -18.31 9.55 8.00
CA SER A 76 -19.75 9.71 8.22
C SER A 76 -20.15 9.24 9.62
N GLY A 77 -21.26 9.76 10.14
CA GLY A 77 -21.73 9.36 11.46
C GLY A 77 -22.65 10.41 12.10
N PRO A 78 -22.13 11.27 12.97
CA PRO A 78 -22.89 12.30 13.65
C PRO A 78 -22.93 13.60 12.83
N SER A 79 -23.32 14.72 13.47
CA SER A 79 -23.43 16.05 12.88
C SER A 79 -22.10 16.64 12.36
N SER A 80 -20.97 15.93 12.42
CA SER A 80 -19.69 16.44 11.93
C SER A 80 -19.69 16.72 10.41
N GLY A 81 -20.71 16.28 9.66
CA GLY A 81 -20.84 16.49 8.22
C GLY A 81 -19.72 15.80 7.46
N GLY A 1 5.42 -28.36 21.07
CA GLY A 1 6.41 -27.30 20.90
C GLY A 1 7.59 -27.83 20.13
N SER A 2 8.18 -26.99 19.28
CA SER A 2 9.31 -27.26 18.43
C SER A 2 9.88 -25.89 18.00
N SER A 3 10.92 -25.90 17.17
CA SER A 3 11.55 -24.70 16.66
C SER A 3 12.08 -24.98 15.25
N GLY A 4 11.73 -24.11 14.30
CA GLY A 4 12.11 -24.21 12.91
C GLY A 4 11.61 -23.00 12.11
N SER A 5 12.50 -22.06 11.79
CA SER A 5 12.22 -20.87 11.01
C SER A 5 13.47 -20.64 10.17
N SER A 6 13.31 -20.30 8.90
CA SER A 6 14.46 -20.09 8.01
C SER A 6 14.06 -19.24 6.81
N GLY A 7 15.07 -18.71 6.14
CA GLY A 7 14.97 -17.90 4.95
C GLY A 7 16.13 -18.29 4.04
N LYS A 8 16.28 -17.57 2.92
CA LYS A 8 17.35 -17.80 1.95
C LYS A 8 17.47 -16.52 1.14
N ASP A 9 18.69 -16.11 0.83
CA ASP A 9 19.01 -14.89 0.08
C ASP A 9 19.37 -15.22 -1.39
N TYR A 10 19.64 -14.20 -2.21
CA TYR A 10 20.01 -14.23 -3.63
C TYR A 10 20.70 -12.87 -3.90
N TRP A 11 21.02 -12.54 -5.15
CA TRP A 11 21.67 -11.29 -5.54
C TRP A 11 21.06 -10.86 -6.88
N GLY A 12 21.24 -9.60 -7.28
CA GLY A 12 20.70 -9.11 -8.54
C GLY A 12 20.48 -7.61 -8.52
N LYS A 13 19.75 -7.11 -9.52
CA LYS A 13 19.41 -5.70 -9.69
C LYS A 13 18.72 -5.23 -8.40
N PHE A 14 19.16 -4.09 -7.85
CA PHE A 14 18.56 -3.56 -6.63
C PHE A 14 17.09 -3.26 -6.89
N GLY A 15 16.79 -2.48 -7.93
CA GLY A 15 15.41 -2.15 -8.29
C GLY A 15 14.72 -1.30 -7.24
N GLU A 16 13.39 -1.28 -7.33
CA GLU A 16 12.54 -0.55 -6.43
C GLU A 16 11.70 -1.57 -5.68
N PHE A 17 12.01 -1.72 -4.41
CA PHE A 17 11.34 -2.67 -3.54
C PHE A 17 9.95 -2.15 -3.23
N CYS A 18 8.92 -2.99 -3.43
CA CYS A 18 7.57 -2.56 -3.12
C CYS A 18 7.47 -2.40 -1.60
N HIS A 19 7.26 -1.19 -1.07
CA HIS A 19 7.11 -0.96 0.38
C HIS A 19 5.95 -1.81 0.93
N GLY A 20 5.00 -2.21 0.07
CA GLY A 20 3.87 -3.03 0.42
C GLY A 20 4.21 -4.51 0.63
N CYS A 21 5.26 -5.05 -0.01
CA CYS A 21 5.63 -6.48 0.20
C CYS A 21 7.13 -6.82 0.34
N SER A 22 8.04 -5.86 0.25
CA SER A 22 9.47 -6.08 0.34
C SER A 22 9.94 -7.07 -0.76
N LEU A 23 9.61 -6.80 -2.03
CA LEU A 23 9.99 -7.63 -3.19
C LEU A 23 10.29 -6.70 -4.36
N LEU A 24 11.12 -7.19 -5.27
CA LEU A 24 11.58 -6.53 -6.47
C LEU A 24 10.51 -6.43 -7.55
N MET A 25 10.20 -5.21 -7.98
CA MET A 25 9.24 -5.01 -9.07
C MET A 25 10.02 -5.16 -10.39
N THR A 26 9.36 -5.57 -11.47
CA THR A 26 9.99 -5.74 -12.78
C THR A 26 9.13 -5.17 -13.93
N GLY A 27 7.86 -4.86 -13.66
CA GLY A 27 6.92 -4.30 -14.61
C GLY A 27 6.54 -2.87 -14.21
N PRO A 28 5.34 -2.41 -14.59
CA PRO A 28 4.87 -1.08 -14.25
C PRO A 28 4.68 -0.91 -12.74
N PHE A 29 4.46 0.32 -12.31
CA PHE A 29 4.29 0.65 -10.90
C PHE A 29 3.21 1.70 -10.69
N MET A 30 2.88 1.94 -9.41
CA MET A 30 1.90 2.92 -8.99
C MET A 30 2.53 3.74 -7.86
N VAL A 31 1.95 4.90 -7.59
CA VAL A 31 2.38 5.84 -6.57
C VAL A 31 1.15 6.28 -5.79
N ALA A 32 1.28 6.46 -4.48
CA ALA A 32 0.19 6.91 -3.61
C ALA A 32 0.83 7.65 -2.45
N GLY A 33 0.43 8.91 -2.23
CA GLY A 33 0.95 9.70 -1.12
C GLY A 33 2.45 9.90 -1.15
N GLU A 34 3.05 9.98 -2.34
CA GLU A 34 4.48 10.16 -2.54
C GLU A 34 5.27 8.87 -2.22
N PHE A 35 4.59 7.74 -1.96
CA PHE A 35 5.21 6.45 -1.67
C PHE A 35 5.03 5.52 -2.88
N LYS A 36 5.86 4.47 -2.98
CA LYS A 36 5.84 3.51 -4.09
C LYS A 36 5.24 2.16 -3.67
N TYR A 37 4.18 1.71 -4.35
CA TYR A 37 3.49 0.44 -4.10
C TYR A 37 3.25 -0.32 -5.41
N HIS A 38 3.22 -1.67 -5.38
CA HIS A 38 2.96 -2.40 -6.63
C HIS A 38 1.43 -2.33 -6.85
N PRO A 39 0.94 -2.47 -8.11
CA PRO A 39 -0.49 -2.44 -8.44
C PRO A 39 -1.28 -3.53 -7.72
N GLU A 40 -0.82 -4.78 -7.75
CA GLU A 40 -1.43 -5.97 -7.12
C GLU A 40 -1.57 -5.89 -5.58
N CYS A 41 -1.22 -4.76 -4.97
CA CYS A 41 -1.31 -4.51 -3.55
C CYS A 41 -1.84 -3.09 -3.28
N PHE A 42 -2.21 -2.34 -4.32
CA PHE A 42 -2.77 -1.01 -4.20
C PHE A 42 -4.23 -1.40 -3.96
N ALA A 43 -4.62 -1.68 -2.71
CA ALA A 43 -5.97 -2.13 -2.41
C ALA A 43 -6.53 -1.55 -1.13
N CYS A 44 -7.87 -1.45 -1.04
CA CYS A 44 -8.53 -0.91 0.14
C CYS A 44 -8.19 -1.87 1.29
N MET A 45 -7.60 -1.39 2.39
CA MET A 45 -7.24 -2.25 3.52
C MET A 45 -8.44 -3.02 4.06
N SER A 46 -9.53 -2.30 4.30
CA SER A 46 -10.79 -2.76 4.84
C SER A 46 -11.57 -3.80 4.03
N CYS A 47 -11.37 -3.83 2.70
CA CYS A 47 -12.13 -4.73 1.84
C CYS A 47 -11.30 -5.64 0.92
N LYS A 48 -10.00 -5.37 0.81
CA LYS A 48 -9.05 -6.10 -0.02
C LYS A 48 -9.55 -6.25 -1.46
N VAL A 49 -9.71 -5.11 -2.12
CA VAL A 49 -10.10 -4.98 -3.52
C VAL A 49 -9.01 -4.15 -4.14
N ILE A 50 -8.49 -4.55 -5.29
CA ILE A 50 -7.45 -3.78 -5.97
C ILE A 50 -8.14 -2.46 -6.38
N ILE A 51 -7.46 -1.35 -6.17
CA ILE A 51 -7.85 0.00 -6.45
C ILE A 51 -6.87 0.35 -7.57
N GLU A 52 -7.29 0.14 -8.81
CA GLU A 52 -6.45 0.44 -9.95
C GLU A 52 -6.32 1.95 -10.13
N ASP A 53 -5.49 2.37 -11.08
CA ASP A 53 -5.21 3.78 -11.40
C ASP A 53 -6.45 4.58 -11.81
N GLY A 54 -7.56 3.89 -12.07
CA GLY A 54 -8.84 4.46 -12.46
C GLY A 54 -9.88 4.48 -11.32
N ASP A 55 -9.64 3.85 -10.17
CA ASP A 55 -10.61 3.87 -9.05
C ASP A 55 -10.33 5.11 -8.21
N ALA A 56 -11.37 5.64 -7.58
CA ALA A 56 -11.28 6.82 -6.74
C ALA A 56 -10.76 6.45 -5.35
N TYR A 57 -9.44 6.44 -5.24
CA TYR A 57 -8.73 6.13 -4.00
C TYR A 57 -8.78 7.30 -3.02
N ALA A 58 -8.38 7.05 -1.77
CA ALA A 58 -8.33 8.01 -0.68
C ALA A 58 -7.13 7.66 0.21
N LEU A 59 -6.56 8.64 0.91
CA LEU A 59 -5.41 8.48 1.80
C LEU A 59 -5.66 9.16 3.12
N VAL A 60 -5.48 8.41 4.20
CA VAL A 60 -5.64 8.90 5.55
C VAL A 60 -4.26 9.34 6.03
N GLN A 61 -4.23 10.19 7.03
CA GLN A 61 -3.00 10.70 7.62
C GLN A 61 -2.08 9.58 8.13
N HIS A 62 -2.60 8.36 8.34
CA HIS A 62 -1.89 7.18 8.82
C HIS A 62 -1.29 6.40 7.63
N ALA A 63 -0.61 5.29 7.89
CA ALA A 63 0.00 4.44 6.87
C ALA A 63 -1.07 3.53 6.22
N THR A 64 -2.21 4.08 5.80
CA THR A 64 -3.30 3.33 5.18
C THR A 64 -3.97 4.16 4.08
N LEU A 65 -4.38 3.47 3.02
CA LEU A 65 -5.09 4.01 1.87
C LEU A 65 -6.39 3.23 1.80
N TYR A 66 -7.46 3.90 1.40
CA TYR A 66 -8.79 3.32 1.28
C TYR A 66 -9.39 3.70 -0.06
N CYS A 67 -10.57 3.15 -0.32
CA CYS A 67 -11.30 3.46 -1.53
C CYS A 67 -12.24 4.62 -1.11
N GLY A 68 -12.78 5.39 -2.04
CA GLY A 68 -13.70 6.49 -1.71
C GLY A 68 -14.91 6.02 -0.91
N LYS A 69 -15.52 4.91 -1.31
CA LYS A 69 -16.69 4.32 -0.66
C LYS A 69 -16.39 3.91 0.80
N CYS A 70 -15.15 3.49 1.07
CA CYS A 70 -14.65 3.10 2.39
C CYS A 70 -14.29 4.34 3.21
N HIS A 71 -13.65 5.35 2.63
CA HIS A 71 -13.31 6.55 3.40
C HIS A 71 -14.57 7.31 3.82
N ASN A 72 -15.56 7.43 2.91
CA ASN A 72 -16.83 8.10 3.19
C ASN A 72 -17.59 7.45 4.33
N GLU A 73 -17.30 6.19 4.63
CA GLU A 73 -17.94 5.42 5.68
C GLU A 73 -17.25 5.68 7.03
N VAL A 74 -15.91 5.69 7.09
CA VAL A 74 -15.19 5.92 8.35
C VAL A 74 -15.41 7.34 8.89
N VAL A 75 -15.49 8.35 8.01
CA VAL A 75 -15.72 9.74 8.43
C VAL A 75 -17.06 9.90 9.12
N SER A 76 -18.02 9.00 8.85
CA SER A 76 -19.33 9.08 9.45
C SER A 76 -19.31 8.66 10.94
N GLY A 77 -18.14 8.27 11.47
CA GLY A 77 -17.83 7.83 12.83
C GLY A 77 -19.04 7.43 13.66
N PRO A 78 -19.57 6.20 13.49
CA PRO A 78 -20.74 5.76 14.24
C PRO A 78 -20.50 5.76 15.76
N SER A 79 -19.27 5.53 16.19
CA SER A 79 -18.81 5.47 17.57
C SER A 79 -17.71 6.52 17.81
N SER A 80 -17.14 6.56 19.01
CA SER A 80 -16.09 7.49 19.40
C SER A 80 -14.84 7.41 18.53
N GLY A 81 -14.61 6.30 17.82
CA GLY A 81 -13.45 6.12 16.97
C GLY A 81 -12.21 6.08 17.83
N GLY A 1 14.03 -2.03 9.15
CA GLY A 1 13.76 -0.60 9.32
C GLY A 1 14.23 0.19 8.12
N SER A 2 15.07 1.20 8.30
CA SER A 2 15.63 2.04 7.24
C SER A 2 17.02 2.46 7.71
N SER A 3 18.01 2.46 6.81
CA SER A 3 19.40 2.79 7.13
C SER A 3 19.93 1.89 8.27
N GLY A 4 19.41 0.66 8.37
CA GLY A 4 19.78 -0.31 9.37
C GLY A 4 21.27 -0.59 9.26
N SER A 5 22.01 -0.51 10.37
CA SER A 5 23.44 -0.77 10.36
C SER A 5 23.68 -2.16 9.77
N SER A 6 24.55 -2.22 8.77
CA SER A 6 24.94 -3.43 8.07
C SER A 6 26.43 -3.33 7.77
N GLY A 7 27.07 -4.48 7.55
CA GLY A 7 28.47 -4.56 7.23
C GLY A 7 28.51 -4.60 5.71
N LYS A 8 28.25 -5.78 5.15
CA LYS A 8 28.20 -5.99 3.71
C LYS A 8 26.87 -5.45 3.21
N ASP A 9 26.80 -5.00 1.96
CA ASP A 9 25.60 -4.47 1.33
C ASP A 9 25.66 -4.78 -0.17
N TYR A 10 25.65 -6.08 -0.47
CA TYR A 10 25.69 -6.59 -1.83
C TYR A 10 24.46 -6.22 -2.66
N TRP A 11 23.41 -5.76 -1.99
CA TRP A 11 22.16 -5.32 -2.60
C TRP A 11 22.35 -4.00 -3.36
N GLY A 12 23.41 -3.25 -3.05
CA GLY A 12 23.77 -1.98 -3.66
C GLY A 12 22.55 -1.08 -3.90
N LYS A 13 22.45 -0.55 -5.12
CA LYS A 13 21.39 0.31 -5.60
C LYS A 13 21.18 -0.09 -7.05
N PHE A 14 19.99 -0.59 -7.36
CA PHE A 14 19.63 -1.04 -8.71
C PHE A 14 18.21 -0.66 -9.12
N GLY A 15 17.29 -0.52 -8.17
CA GLY A 15 15.92 -0.18 -8.51
C GLY A 15 15.05 0.00 -7.28
N GLU A 16 13.77 0.25 -7.52
CA GLU A 16 12.75 0.44 -6.50
C GLU A 16 12.13 -0.93 -6.19
N PHE A 17 11.58 -1.07 -4.99
CA PHE A 17 10.96 -2.27 -4.47
C PHE A 17 9.57 -1.89 -3.93
N CYS A 18 8.56 -2.75 -3.99
CA CYS A 18 7.22 -2.43 -3.48
C CYS A 18 7.34 -2.35 -1.96
N HIS A 19 7.26 -1.17 -1.32
CA HIS A 19 7.38 -1.09 0.14
C HIS A 19 6.45 -2.09 0.83
N GLY A 20 5.23 -2.23 0.30
CA GLY A 20 4.22 -3.14 0.83
C GLY A 20 4.74 -4.57 1.03
N CYS A 21 5.63 -5.08 0.16
CA CYS A 21 6.20 -6.44 0.37
C CYS A 21 7.73 -6.48 0.47
N SER A 22 8.41 -5.38 0.16
CA SER A 22 9.85 -5.18 0.13
C SER A 22 10.55 -5.90 -1.03
N LEU A 23 9.81 -6.63 -1.89
CA LEU A 23 10.36 -7.34 -3.05
C LEU A 23 10.42 -6.38 -4.25
N LEU A 24 11.26 -6.72 -5.21
CA LEU A 24 11.50 -5.98 -6.45
C LEU A 24 10.23 -5.90 -7.32
N MET A 25 10.24 -4.99 -8.29
CA MET A 25 9.18 -4.74 -9.26
C MET A 25 9.83 -4.85 -10.65
N THR A 26 9.05 -5.22 -11.65
CA THR A 26 9.54 -5.42 -13.01
C THR A 26 8.97 -4.47 -14.06
N GLY A 27 8.01 -3.63 -13.70
CA GLY A 27 7.38 -2.69 -14.61
C GLY A 27 6.85 -1.48 -13.84
N PRO A 28 5.61 -1.03 -14.12
CA PRO A 28 5.01 0.12 -13.45
C PRO A 28 4.78 -0.12 -11.96
N PHE A 29 4.43 0.96 -11.27
CA PHE A 29 4.14 1.04 -9.86
C PHE A 29 2.99 2.02 -9.70
N MET A 30 2.41 2.08 -8.50
CA MET A 30 1.33 3.00 -8.18
C MET A 30 1.88 3.91 -7.10
N VAL A 31 1.74 5.22 -7.32
CA VAL A 31 2.23 6.25 -6.41
C VAL A 31 1.03 6.91 -5.76
N ALA A 32 1.09 6.99 -4.43
CA ALA A 32 0.09 7.59 -3.56
C ALA A 32 0.86 7.98 -2.30
N GLY A 33 0.56 9.14 -1.72
CA GLY A 33 1.22 9.64 -0.52
C GLY A 33 2.75 9.73 -0.63
N GLU A 34 3.29 9.80 -1.86
CA GLU A 34 4.73 9.86 -2.21
C GLU A 34 5.43 8.50 -2.05
N PHE A 35 4.67 7.42 -1.88
CA PHE A 35 5.15 6.05 -1.71
C PHE A 35 5.21 5.28 -3.03
N LYS A 36 5.66 4.01 -3.00
CA LYS A 36 5.76 3.12 -4.15
C LYS A 36 5.16 1.78 -3.75
N TYR A 37 4.15 1.32 -4.50
CA TYR A 37 3.49 0.05 -4.25
C TYR A 37 3.30 -0.68 -5.58
N HIS A 38 3.30 -2.03 -5.54
CA HIS A 38 3.10 -2.81 -6.77
C HIS A 38 1.74 -2.48 -7.40
N PRO A 39 1.58 -2.56 -8.73
CA PRO A 39 0.33 -2.27 -9.44
C PRO A 39 -0.75 -3.34 -9.23
N GLU A 40 -0.41 -4.43 -8.55
CA GLU A 40 -1.27 -5.56 -8.23
C GLU A 40 -1.39 -5.68 -6.70
N CYS A 41 -1.02 -4.64 -5.95
CA CYS A 41 -1.06 -4.65 -4.48
C CYS A 41 -1.66 -3.38 -3.86
N PHE A 42 -2.13 -2.43 -4.65
CA PHE A 42 -2.76 -1.21 -4.17
C PHE A 42 -4.19 -1.72 -3.95
N ALA A 43 -4.69 -1.74 -2.72
CA ALA A 43 -6.03 -2.26 -2.44
C ALA A 43 -6.66 -1.61 -1.21
N CYS A 44 -8.00 -1.68 -1.09
CA CYS A 44 -8.66 -1.13 0.10
C CYS A 44 -8.12 -2.08 1.18
N MET A 45 -7.46 -1.61 2.24
CA MET A 45 -6.94 -2.51 3.27
C MET A 45 -8.09 -3.32 3.85
N SER A 46 -9.12 -2.61 4.31
CA SER A 46 -10.34 -3.11 4.90
C SER A 46 -10.98 -4.26 4.10
N CYS A 47 -11.35 -4.02 2.83
CA CYS A 47 -12.01 -5.02 2.01
C CYS A 47 -11.07 -5.90 1.17
N LYS A 48 -9.78 -5.57 1.12
CA LYS A 48 -8.71 -6.24 0.39
C LYS A 48 -8.83 -6.24 -1.13
N VAL A 49 -9.88 -5.66 -1.73
CA VAL A 49 -10.02 -5.64 -3.18
C VAL A 49 -8.97 -4.68 -3.78
N ILE A 50 -8.46 -5.05 -4.95
CA ILE A 50 -7.46 -4.29 -5.69
C ILE A 50 -8.10 -2.96 -6.15
N ILE A 51 -7.29 -1.91 -6.15
CA ILE A 51 -7.58 -0.54 -6.56
C ILE A 51 -6.68 -0.34 -7.79
N GLU A 52 -7.23 0.34 -8.78
CA GLU A 52 -6.62 0.65 -10.06
C GLU A 52 -6.70 2.15 -10.31
N ASP A 53 -6.11 2.62 -11.41
CA ASP A 53 -6.15 4.03 -11.80
C ASP A 53 -7.48 4.28 -12.54
N GLY A 54 -8.57 3.85 -11.89
CA GLY A 54 -9.96 3.94 -12.33
C GLY A 54 -10.93 3.85 -11.15
N ASP A 55 -10.47 3.48 -9.96
CA ASP A 55 -11.28 3.38 -8.74
C ASP A 55 -11.13 4.74 -8.05
N ALA A 56 -11.23 4.83 -6.72
CA ALA A 56 -11.10 6.04 -5.94
C ALA A 56 -10.37 5.66 -4.65
N TYR A 57 -9.49 6.51 -4.14
CA TYR A 57 -8.73 6.26 -2.91
C TYR A 57 -8.52 7.53 -2.10
N ALA A 58 -8.09 7.36 -0.85
CA ALA A 58 -7.80 8.43 0.10
C ALA A 58 -6.66 7.99 1.00
N LEU A 59 -5.59 8.78 1.08
CA LEU A 59 -4.46 8.50 1.96
C LEU A 59 -4.79 9.17 3.29
N VAL A 60 -4.37 8.54 4.38
CA VAL A 60 -4.60 8.96 5.75
C VAL A 60 -3.27 8.97 6.50
N GLN A 61 -3.22 9.71 7.61
CA GLN A 61 -2.08 9.85 8.50
C GLN A 61 -1.58 8.44 8.87
N HIS A 62 -2.47 7.62 9.44
CA HIS A 62 -2.14 6.25 9.80
C HIS A 62 -1.91 5.49 8.49
N ALA A 63 -1.00 4.52 8.52
CA ALA A 63 -0.59 3.68 7.42
C ALA A 63 -1.70 2.70 6.98
N THR A 64 -2.83 3.22 6.51
CA THR A 64 -3.95 2.41 6.06
C THR A 64 -4.52 3.06 4.81
N LEU A 65 -4.82 2.24 3.80
CA LEU A 65 -5.37 2.67 2.51
C LEU A 65 -6.83 2.21 2.43
N TYR A 66 -7.72 3.06 1.92
CA TYR A 66 -9.13 2.77 1.77
C TYR A 66 -9.59 3.18 0.37
N CYS A 67 -10.75 2.67 -0.05
CA CYS A 67 -11.37 2.95 -1.34
C CYS A 67 -12.30 4.15 -1.17
N GLY A 68 -12.71 4.82 -2.24
CA GLY A 68 -13.61 5.96 -2.22
C GLY A 68 -14.85 5.74 -1.36
N LYS A 69 -15.55 4.62 -1.53
CA LYS A 69 -16.75 4.29 -0.75
C LYS A 69 -16.39 4.14 0.73
N CYS A 70 -15.39 3.30 1.00
CA CYS A 70 -14.89 2.99 2.33
C CYS A 70 -14.45 4.28 3.06
N HIS A 71 -13.74 5.20 2.41
CA HIS A 71 -13.33 6.44 3.06
C HIS A 71 -14.57 7.31 3.31
N ASN A 72 -15.54 7.29 2.38
CA ASN A 72 -16.79 8.06 2.51
C ASN A 72 -17.62 7.58 3.72
N GLU A 73 -17.27 6.44 4.32
CA GLU A 73 -17.93 5.90 5.51
C GLU A 73 -17.05 6.26 6.71
N VAL A 74 -15.73 6.06 6.62
CA VAL A 74 -14.78 6.35 7.70
C VAL A 74 -14.80 7.83 8.14
N VAL A 75 -15.24 8.76 7.28
CA VAL A 75 -15.33 10.18 7.60
C VAL A 75 -16.45 10.44 8.63
N SER A 76 -17.31 9.45 8.90
CA SER A 76 -18.39 9.56 9.86
C SER A 76 -17.78 9.58 11.26
N GLY A 77 -18.38 10.37 12.15
CA GLY A 77 -17.93 10.46 13.53
C GLY A 77 -18.18 9.13 14.25
N PRO A 78 -17.53 8.89 15.40
CA PRO A 78 -17.69 7.65 16.14
C PRO A 78 -19.07 7.55 16.81
N SER A 79 -19.45 6.33 17.16
CA SER A 79 -20.71 6.03 17.83
C SER A 79 -20.52 6.23 19.33
N SER A 80 -21.59 6.53 20.05
CA SER A 80 -21.53 6.73 21.49
C SER A 80 -21.30 5.40 22.21
N GLY A 81 -21.09 5.46 23.52
CA GLY A 81 -20.87 4.32 24.38
C GLY A 81 -21.05 4.85 25.78
N GLY A 1 13.83 -15.19 24.20
CA GLY A 1 14.63 -16.07 23.33
C GLY A 1 15.38 -15.24 22.32
N SER A 2 16.71 -15.26 22.38
CA SER A 2 17.55 -14.51 21.47
C SER A 2 17.54 -15.19 20.10
N SER A 3 17.37 -14.40 19.06
CA SER A 3 17.36 -14.84 17.67
C SER A 3 17.59 -13.60 16.81
N GLY A 4 17.94 -13.79 15.55
CA GLY A 4 18.18 -12.70 14.62
C GLY A 4 19.16 -13.11 13.54
N SER A 5 19.31 -12.27 12.51
CA SER A 5 20.19 -12.52 11.40
C SER A 5 20.56 -11.21 10.70
N SER A 6 21.86 -10.94 10.56
CA SER A 6 22.36 -9.75 9.89
C SER A 6 22.30 -9.94 8.37
N GLY A 7 22.50 -8.85 7.61
CA GLY A 7 22.48 -8.86 6.15
C GLY A 7 21.05 -8.82 5.62
N LYS A 8 20.91 -8.50 4.34
CA LYS A 8 19.62 -8.41 3.66
C LYS A 8 19.85 -8.55 2.17
N ASP A 9 20.34 -7.49 1.53
CA ASP A 9 20.58 -7.47 0.09
C ASP A 9 22.02 -7.87 -0.19
N TYR A 10 22.29 -8.44 -1.36
CA TYR A 10 23.62 -8.89 -1.77
C TYR A 10 23.77 -9.14 -3.29
N TRP A 11 22.67 -9.37 -4.02
CA TRP A 11 22.69 -9.60 -5.46
C TRP A 11 23.06 -8.32 -6.23
N GLY A 12 22.89 -7.15 -5.60
CA GLY A 12 23.19 -5.87 -6.20
C GLY A 12 22.04 -5.50 -7.13
N LYS A 13 21.00 -4.87 -6.59
CA LYS A 13 19.84 -4.42 -7.33
C LYS A 13 19.29 -3.15 -6.65
N PHE A 14 19.90 -2.00 -6.93
CA PHE A 14 19.54 -0.69 -6.40
C PHE A 14 18.28 -0.12 -7.10
N GLY A 15 17.38 -1.00 -7.52
CA GLY A 15 16.13 -0.73 -8.20
C GLY A 15 15.03 -0.35 -7.21
N GLU A 16 13.80 -0.34 -7.70
CA GLU A 16 12.60 0.00 -6.95
C GLU A 16 11.91 -1.28 -6.50
N PHE A 17 11.34 -1.26 -5.30
CA PHE A 17 10.64 -2.36 -4.65
C PHE A 17 9.26 -1.87 -4.15
N CYS A 18 8.29 -2.76 -3.89
CA CYS A 18 6.98 -2.35 -3.36
C CYS A 18 7.27 -2.00 -1.91
N HIS A 19 7.28 -0.72 -1.55
CA HIS A 19 7.57 -0.30 -0.16
C HIS A 19 6.81 -1.11 0.88
N GLY A 20 5.52 -1.39 0.65
CA GLY A 20 4.70 -2.15 1.58
C GLY A 20 5.16 -3.60 1.78
N CYS A 21 5.82 -4.25 0.80
CA CYS A 21 6.26 -5.65 0.94
C CYS A 21 7.77 -5.91 0.80
N SER A 22 8.57 -4.91 0.44
CA SER A 22 10.02 -5.00 0.25
C SER A 22 10.44 -5.79 -0.99
N LEU A 23 9.57 -6.56 -1.65
CA LEU A 23 9.92 -7.34 -2.84
C LEU A 23 10.03 -6.43 -4.07
N LEU A 24 10.93 -6.80 -4.97
CA LEU A 24 11.22 -6.07 -6.21
C LEU A 24 9.98 -6.00 -7.10
N MET A 25 9.87 -4.97 -7.94
CA MET A 25 8.73 -4.78 -8.85
C MET A 25 9.06 -5.07 -10.31
N THR A 26 10.13 -4.47 -10.85
CA THR A 26 10.61 -4.60 -12.22
C THR A 26 9.47 -4.53 -13.27
N GLY A 27 8.38 -3.80 -12.98
CA GLY A 27 7.22 -3.64 -13.84
C GLY A 27 6.30 -2.51 -13.37
N PRO A 28 4.97 -2.61 -13.54
CA PRO A 28 4.05 -1.56 -13.15
C PRO A 28 4.05 -1.29 -11.65
N PHE A 29 3.66 -0.07 -11.29
CA PHE A 29 3.60 0.45 -9.93
C PHE A 29 2.49 1.49 -9.78
N MET A 30 2.18 1.83 -8.53
CA MET A 30 1.19 2.81 -8.12
C MET A 30 1.91 3.76 -7.16
N VAL A 31 1.50 5.03 -7.15
CA VAL A 31 2.10 6.09 -6.34
C VAL A 31 1.11 6.71 -5.38
N ALA A 32 1.52 6.80 -4.12
CA ALA A 32 0.76 7.39 -3.04
C ALA A 32 1.77 7.79 -1.97
N GLY A 33 1.54 8.95 -1.34
CA GLY A 33 2.40 9.47 -0.28
C GLY A 33 3.84 9.71 -0.72
N GLU A 34 4.10 9.82 -2.03
CA GLU A 34 5.40 10.04 -2.69
C GLU A 34 6.26 8.78 -2.77
N PHE A 35 5.71 7.63 -2.37
CA PHE A 35 6.38 6.33 -2.39
C PHE A 35 5.85 5.54 -3.60
N LYS A 36 6.30 4.29 -3.78
CA LYS A 36 5.88 3.41 -4.88
C LYS A 36 5.53 2.06 -4.30
N TYR A 37 4.47 1.44 -4.83
CA TYR A 37 3.98 0.15 -4.39
C TYR A 37 3.52 -0.68 -5.58
N HIS A 38 3.50 -2.01 -5.42
CA HIS A 38 3.00 -2.87 -6.51
C HIS A 38 1.49 -2.66 -6.60
N PRO A 39 0.87 -2.73 -7.79
CA PRO A 39 -0.56 -2.56 -7.94
C PRO A 39 -1.30 -3.68 -7.19
N GLU A 40 -0.74 -4.89 -7.08
CA GLU A 40 -1.33 -6.03 -6.35
C GLU A 40 -1.43 -5.75 -4.83
N CYS A 41 -0.83 -4.65 -4.36
CA CYS A 41 -0.80 -4.21 -2.98
C CYS A 41 -1.55 -2.89 -2.76
N PHE A 42 -2.05 -2.26 -3.83
CA PHE A 42 -2.81 -1.02 -3.75
C PHE A 42 -4.23 -1.54 -3.59
N ALA A 43 -4.72 -1.66 -2.35
CA ALA A 43 -6.05 -2.19 -2.09
C ALA A 43 -6.74 -1.60 -0.87
N CYS A 44 -8.04 -1.86 -0.74
CA CYS A 44 -8.84 -1.39 0.40
C CYS A 44 -8.66 -2.44 1.48
N MET A 45 -8.19 -2.06 2.67
CA MET A 45 -7.99 -2.94 3.80
C MET A 45 -9.32 -3.56 4.20
N SER A 46 -10.29 -2.70 4.53
CA SER A 46 -11.63 -3.03 4.97
C SER A 46 -12.43 -3.95 4.05
N CYS A 47 -12.05 -4.08 2.77
CA CYS A 47 -12.79 -4.93 1.84
C CYS A 47 -11.92 -5.91 1.04
N LYS A 48 -10.59 -5.75 1.10
CA LYS A 48 -9.57 -6.53 0.42
C LYS A 48 -9.83 -6.63 -1.09
N VAL A 49 -9.91 -5.48 -1.76
CA VAL A 49 -10.10 -5.39 -3.21
C VAL A 49 -8.95 -4.56 -3.76
N ILE A 50 -8.39 -4.97 -4.88
CA ILE A 50 -7.32 -4.26 -5.54
C ILE A 50 -7.97 -2.99 -6.11
N ILE A 51 -7.27 -1.86 -6.05
CA ILE A 51 -7.74 -0.59 -6.56
C ILE A 51 -7.02 -0.39 -7.88
N GLU A 52 -7.79 -0.50 -8.96
CA GLU A 52 -7.29 -0.31 -10.31
C GLU A 52 -7.12 1.19 -10.53
N ASP A 53 -6.25 1.55 -11.47
CA ASP A 53 -6.01 2.95 -11.79
C ASP A 53 -7.27 3.47 -12.49
N GLY A 54 -8.04 4.27 -11.76
CA GLY A 54 -9.28 4.86 -12.23
C GLY A 54 -10.29 4.94 -11.09
N ASP A 55 -10.21 4.08 -10.06
CA ASP A 55 -11.11 4.11 -8.91
C ASP A 55 -10.56 5.10 -7.88
N ALA A 56 -11.41 5.69 -7.04
CA ALA A 56 -11.01 6.66 -6.03
C ALA A 56 -10.40 5.97 -4.82
N TYR A 57 -9.45 6.65 -4.18
CA TYR A 57 -8.76 6.19 -2.99
C TYR A 57 -8.49 7.37 -2.06
N ALA A 58 -8.10 7.10 -0.83
CA ALA A 58 -7.76 8.06 0.20
C ALA A 58 -6.59 7.47 0.98
N LEU A 59 -5.64 8.32 1.33
CA LEU A 59 -4.44 7.95 2.07
C LEU A 59 -4.57 8.63 3.42
N VAL A 60 -4.70 7.83 4.48
CA VAL A 60 -4.86 8.28 5.85
C VAL A 60 -3.48 8.31 6.48
N GLN A 61 -2.96 9.53 6.71
CA GLN A 61 -1.66 9.83 7.30
C GLN A 61 -0.51 9.02 6.68
N HIS A 62 -0.61 8.63 5.40
CA HIS A 62 0.34 7.81 4.62
C HIS A 62 0.33 6.36 5.11
N ALA A 63 0.17 6.16 6.41
CA ALA A 63 0.15 4.89 7.10
C ALA A 63 -0.94 3.93 6.61
N THR A 64 -2.09 4.41 6.12
CA THR A 64 -3.16 3.54 5.67
C THR A 64 -3.74 4.01 4.34
N LEU A 65 -4.34 3.09 3.60
CA LEU A 65 -4.95 3.30 2.29
C LEU A 65 -6.38 2.79 2.35
N TYR A 66 -7.34 3.56 1.83
CA TYR A 66 -8.76 3.24 1.80
C TYR A 66 -9.31 3.57 0.40
N CYS A 67 -10.48 3.01 0.03
CA CYS A 67 -11.08 3.28 -1.28
C CYS A 67 -12.02 4.46 -1.03
N GLY A 68 -12.45 5.18 -2.06
CA GLY A 68 -13.37 6.31 -1.89
C GLY A 68 -14.63 5.92 -1.11
N LYS A 69 -15.29 4.82 -1.47
CA LYS A 69 -16.53 4.34 -0.81
C LYS A 69 -16.28 4.08 0.69
N CYS A 70 -15.33 3.20 0.96
CA CYS A 70 -14.86 2.77 2.27
C CYS A 70 -14.41 3.95 3.14
N HIS A 71 -13.69 4.92 2.58
CA HIS A 71 -13.23 6.07 3.32
C HIS A 71 -14.39 7.02 3.60
N ASN A 72 -15.23 7.29 2.59
CA ASN A 72 -16.39 8.17 2.71
C ASN A 72 -17.26 7.69 3.87
N GLU A 73 -17.38 6.38 4.04
CA GLU A 73 -18.14 5.72 5.08
C GLU A 73 -17.61 6.06 6.48
N VAL A 74 -16.30 5.90 6.71
CA VAL A 74 -15.71 6.17 8.02
C VAL A 74 -15.69 7.67 8.34
N VAL A 75 -15.64 8.56 7.35
CA VAL A 75 -15.63 10.00 7.62
C VAL A 75 -17.06 10.59 7.72
N SER A 76 -18.07 9.94 7.14
CA SER A 76 -19.45 10.41 7.19
C SER A 76 -20.10 9.97 8.51
N GLY A 77 -19.79 8.76 8.98
CA GLY A 77 -20.32 8.21 10.22
C GLY A 77 -19.81 8.97 11.45
N PRO A 78 -20.22 8.54 12.67
CA PRO A 78 -19.83 9.16 13.93
C PRO A 78 -18.32 9.03 14.10
N SER A 79 -17.59 10.12 13.88
CA SER A 79 -16.13 10.17 13.98
C SER A 79 -15.68 11.56 14.42
N SER A 80 -14.53 11.63 15.11
CA SER A 80 -13.93 12.84 15.66
C SER A 80 -12.44 12.94 15.29
N GLY A 81 -11.72 13.88 15.92
CA GLY A 81 -10.30 14.13 15.72
C GLY A 81 -10.11 15.57 15.35
N GLY A 1 19.67 -23.60 25.06
CA GLY A 1 20.85 -23.82 24.22
C GLY A 1 21.08 -22.62 23.31
N SER A 2 22.32 -22.43 22.90
CA SER A 2 22.79 -21.36 22.02
C SER A 2 24.03 -21.88 21.30
N SER A 3 24.28 -21.41 20.08
CA SER A 3 25.41 -21.75 19.22
C SER A 3 25.33 -20.86 17.97
N GLY A 4 26.41 -20.81 17.19
CA GLY A 4 26.50 -20.03 15.96
C GLY A 4 26.31 -18.53 16.15
N SER A 5 26.24 -17.83 15.03
CA SER A 5 26.06 -16.39 14.83
C SER A 5 26.28 -16.11 13.35
N SER A 6 25.82 -14.97 12.85
CA SER A 6 25.94 -14.50 11.47
C SER A 6 25.67 -12.99 11.49
N GLY A 7 26.00 -12.26 10.42
CA GLY A 7 25.80 -10.81 10.36
C GLY A 7 26.90 -10.21 9.50
N LYS A 8 26.56 -9.69 8.33
CA LYS A 8 27.42 -9.05 7.33
C LYS A 8 26.58 -7.98 6.63
N ASP A 9 27.03 -7.43 5.51
CA ASP A 9 26.25 -6.44 4.77
C ASP A 9 25.27 -7.23 3.91
N TYR A 10 24.07 -6.69 3.69
CA TYR A 10 23.02 -7.29 2.87
C TYR A 10 22.32 -6.25 2.01
N TRP A 11 22.27 -5.01 2.52
CA TRP A 11 21.63 -3.89 1.87
C TRP A 11 22.58 -3.28 0.82
N GLY A 12 22.10 -2.28 0.09
CA GLY A 12 22.86 -1.58 -0.93
C GLY A 12 22.39 -2.00 -2.32
N LYS A 13 21.19 -1.57 -2.71
CA LYS A 13 20.57 -1.87 -4.01
C LYS A 13 20.14 -0.54 -4.63
N PHE A 14 20.05 -0.49 -5.95
CA PHE A 14 19.65 0.71 -6.69
C PHE A 14 18.39 0.45 -7.47
N GLY A 15 17.31 0.21 -6.75
CA GLY A 15 16.02 -0.02 -7.34
C GLY A 15 14.95 0.27 -6.31
N GLU A 16 13.70 0.42 -6.75
CA GLU A 16 12.57 0.68 -5.89
C GLU A 16 11.89 -0.66 -5.61
N PHE A 17 11.35 -0.80 -4.40
CA PHE A 17 10.67 -1.99 -3.92
C PHE A 17 9.30 -1.59 -3.35
N CYS A 18 8.31 -2.49 -3.33
CA CYS A 18 7.00 -2.18 -2.77
C CYS A 18 7.22 -2.00 -1.26
N HIS A 19 6.90 -0.83 -0.69
CA HIS A 19 7.09 -0.54 0.73
C HIS A 19 6.33 -1.54 1.63
N GLY A 20 5.21 -2.06 1.14
CA GLY A 20 4.38 -3.00 1.86
C GLY A 20 5.01 -4.39 1.94
N CYS A 21 5.16 -5.08 0.81
CA CYS A 21 5.75 -6.43 0.85
C CYS A 21 7.27 -6.44 0.99
N SER A 22 7.94 -5.29 0.81
CA SER A 22 9.38 -5.14 0.89
C SER A 22 10.11 -5.92 -0.23
N LEU A 23 9.41 -6.25 -1.33
CA LEU A 23 9.93 -6.99 -2.48
C LEU A 23 10.03 -6.10 -3.72
N LEU A 24 10.95 -6.46 -4.61
CA LEU A 24 11.27 -5.80 -5.87
C LEU A 24 10.16 -6.02 -6.92
N MET A 25 10.23 -5.28 -8.03
CA MET A 25 9.32 -5.34 -9.16
C MET A 25 10.13 -5.15 -10.44
N THR A 26 9.57 -5.64 -11.54
CA THR A 26 10.15 -5.58 -12.88
C THR A 26 9.06 -5.19 -13.92
N GLY A 27 7.87 -4.83 -13.45
CA GLY A 27 6.69 -4.42 -14.22
C GLY A 27 6.32 -2.97 -13.86
N PRO A 28 5.12 -2.50 -14.24
CA PRO A 28 4.68 -1.14 -13.95
C PRO A 28 4.27 -0.98 -12.49
N PHE A 29 4.06 0.26 -12.06
CA PHE A 29 3.64 0.64 -10.71
C PHE A 29 2.83 1.93 -10.82
N MET A 30 2.16 2.33 -9.75
CA MET A 30 1.37 3.55 -9.65
C MET A 30 2.00 4.35 -8.51
N VAL A 31 1.72 5.66 -8.45
CA VAL A 31 2.29 6.53 -7.42
C VAL A 31 1.18 6.97 -6.48
N ALA A 32 1.41 6.82 -5.17
CA ALA A 32 0.49 7.21 -4.12
C ALA A 32 1.33 7.81 -3.00
N GLY A 33 1.20 9.11 -2.74
CA GLY A 33 1.93 9.82 -1.70
C GLY A 33 3.45 9.76 -1.90
N GLU A 34 3.93 9.61 -3.13
CA GLU A 34 5.35 9.53 -3.52
C GLU A 34 5.95 8.14 -3.21
N PHE A 35 5.16 7.22 -2.65
CA PHE A 35 5.56 5.86 -2.28
C PHE A 35 5.40 4.91 -3.46
N LYS A 36 5.96 3.70 -3.36
CA LYS A 36 5.91 2.67 -4.39
C LYS A 36 5.24 1.40 -3.86
N TYR A 37 4.30 0.85 -4.61
CA TYR A 37 3.56 -0.36 -4.28
C TYR A 37 3.25 -1.13 -5.57
N HIS A 38 3.05 -2.45 -5.47
CA HIS A 38 2.73 -3.26 -6.66
C HIS A 38 1.23 -3.12 -6.91
N PRO A 39 0.76 -3.18 -8.18
CA PRO A 39 -0.65 -3.04 -8.52
C PRO A 39 -1.53 -4.10 -7.86
N GLU A 40 -1.16 -5.38 -7.93
CA GLU A 40 -1.90 -6.51 -7.34
C GLU A 40 -2.01 -6.48 -5.81
N CYS A 41 -1.57 -5.39 -5.16
CA CYS A 41 -1.60 -5.18 -3.73
C CYS A 41 -2.14 -3.79 -3.37
N PHE A 42 -2.35 -2.88 -4.34
CA PHE A 42 -2.89 -1.54 -4.10
C PHE A 42 -4.39 -1.77 -3.95
N ALA A 43 -4.83 -2.03 -2.71
CA ALA A 43 -6.22 -2.32 -2.40
C ALA A 43 -6.72 -1.70 -1.10
N CYS A 44 -8.06 -1.68 -0.96
CA CYS A 44 -8.72 -1.15 0.23
C CYS A 44 -8.43 -2.11 1.37
N MET A 45 -7.87 -1.63 2.47
CA MET A 45 -7.53 -2.46 3.65
C MET A 45 -8.69 -3.39 4.03
N SER A 46 -9.87 -2.80 4.24
CA SER A 46 -11.08 -3.51 4.62
C SER A 46 -11.78 -4.35 3.55
N CYS A 47 -11.47 -4.26 2.24
CA CYS A 47 -12.18 -5.06 1.23
C CYS A 47 -11.29 -5.81 0.22
N LYS A 48 -9.97 -5.56 0.21
CA LYS A 48 -8.96 -6.18 -0.66
C LYS A 48 -9.13 -6.05 -2.19
N VAL A 49 -10.11 -5.29 -2.70
CA VAL A 49 -10.28 -5.15 -4.15
C VAL A 49 -9.11 -4.34 -4.70
N ILE A 50 -8.59 -4.74 -5.86
CA ILE A 50 -7.50 -4.06 -6.51
C ILE A 50 -8.04 -2.81 -7.20
N ILE A 51 -7.50 -1.67 -6.79
CA ILE A 51 -7.84 -0.37 -7.33
C ILE A 51 -6.96 -0.20 -8.58
N GLU A 52 -7.27 0.76 -9.44
CA GLU A 52 -6.54 1.04 -10.67
C GLU A 52 -6.29 2.55 -10.72
N ASP A 53 -5.42 2.99 -11.62
CA ASP A 53 -5.12 4.41 -11.81
C ASP A 53 -6.24 5.00 -12.67
N GLY A 54 -7.45 4.98 -12.12
CA GLY A 54 -8.67 5.45 -12.73
C GLY A 54 -9.85 5.25 -11.76
N ASP A 55 -9.60 5.19 -10.45
CA ASP A 55 -10.61 5.03 -9.41
C ASP A 55 -10.10 5.78 -8.17
N ALA A 56 -10.98 6.57 -7.57
CA ALA A 56 -10.74 7.39 -6.41
C ALA A 56 -10.33 6.58 -5.18
N TYR A 57 -9.16 6.88 -4.63
CA TYR A 57 -8.60 6.24 -3.44
C TYR A 57 -8.44 7.32 -2.36
N ALA A 58 -8.08 6.91 -1.15
CA ALA A 58 -7.87 7.78 -0.01
C ALA A 58 -6.67 7.26 0.77
N LEU A 59 -5.58 8.01 0.77
CA LEU A 59 -4.38 7.63 1.49
C LEU A 59 -4.57 7.98 2.97
N VAL A 60 -3.95 7.20 3.85
CA VAL A 60 -3.99 7.36 5.28
C VAL A 60 -2.58 7.05 5.80
N GLN A 61 -2.27 7.58 6.98
CA GLN A 61 -1.01 7.39 7.68
C GLN A 61 -0.79 5.90 8.03
N HIS A 62 0.35 5.56 8.62
CA HIS A 62 0.70 4.17 8.98
C HIS A 62 0.68 3.24 7.76
N ALA A 63 0.73 3.79 6.55
CA ALA A 63 0.69 3.11 5.26
C ALA A 63 -0.66 2.42 5.03
N THR A 64 -1.72 2.92 5.63
CA THR A 64 -3.07 2.38 5.47
C THR A 64 -3.67 3.01 4.19
N LEU A 65 -4.65 2.38 3.55
CA LEU A 65 -5.27 2.88 2.32
C LEU A 65 -6.72 2.41 2.27
N TYR A 66 -7.61 3.29 1.78
CA TYR A 66 -9.03 2.98 1.63
C TYR A 66 -9.52 3.45 0.27
N CYS A 67 -10.70 2.98 -0.12
CA CYS A 67 -11.32 3.35 -1.39
C CYS A 67 -12.21 4.56 -1.14
N GLY A 68 -12.60 5.31 -2.16
CA GLY A 68 -13.47 6.47 -2.01
C GLY A 68 -14.73 6.18 -1.19
N LYS A 69 -15.45 5.09 -1.48
CA LYS A 69 -16.68 4.73 -0.76
C LYS A 69 -16.42 4.46 0.73
N CYS A 70 -15.60 3.44 0.98
CA CYS A 70 -15.19 2.97 2.30
C CYS A 70 -14.59 4.11 3.14
N HIS A 71 -13.69 4.93 2.58
CA HIS A 71 -13.10 6.03 3.34
C HIS A 71 -14.19 7.02 3.73
N ASN A 72 -15.05 7.39 2.78
CA ASN A 72 -16.13 8.34 3.03
C ASN A 72 -17.09 7.81 4.11
N GLU A 73 -17.12 6.50 4.34
CA GLU A 73 -17.97 5.86 5.34
C GLU A 73 -17.39 6.10 6.72
N VAL A 74 -16.14 5.68 6.98
CA VAL A 74 -15.53 5.86 8.29
C VAL A 74 -15.43 7.33 8.70
N VAL A 75 -15.09 8.25 7.78
CA VAL A 75 -14.97 9.66 8.14
C VAL A 75 -16.33 10.33 8.39
N SER A 76 -17.43 9.68 8.02
CA SER A 76 -18.78 10.19 8.19
C SER A 76 -19.09 10.41 9.67
N GLY A 77 -20.24 11.04 9.93
CA GLY A 77 -20.72 11.33 11.27
C GLY A 77 -20.62 10.05 12.13
N PRO A 78 -19.77 9.98 13.17
CA PRO A 78 -19.61 8.79 13.99
C PRO A 78 -20.88 8.29 14.67
N SER A 79 -21.91 9.12 14.82
CA SER A 79 -23.20 8.80 15.44
C SER A 79 -23.12 8.79 16.97
N SER A 80 -22.03 9.29 17.56
CA SER A 80 -21.78 9.38 18.99
C SER A 80 -22.52 10.62 19.54
N GLY A 81 -23.85 10.59 19.46
CA GLY A 81 -24.74 11.64 19.91
C GLY A 81 -24.90 12.59 18.74
N GLY A 1 0.56 -18.85 17.46
CA GLY A 1 1.36 -17.75 16.92
C GLY A 1 2.71 -18.29 16.51
N SER A 2 3.17 -17.94 15.31
CA SER A 2 4.43 -18.36 14.74
C SER A 2 5.00 -17.21 13.90
N SER A 3 6.21 -17.38 13.38
CA SER A 3 6.88 -16.40 12.54
C SER A 3 7.67 -17.14 11.46
N GLY A 4 8.22 -16.36 10.53
CA GLY A 4 9.01 -16.78 9.39
C GLY A 4 9.52 -15.53 8.70
N SER A 5 10.18 -15.70 7.55
CA SER A 5 10.75 -14.67 6.69
C SER A 5 11.54 -15.37 5.57
N SER A 6 11.72 -14.67 4.45
CA SER A 6 12.44 -15.15 3.28
C SER A 6 13.87 -14.61 3.36
N GLY A 7 14.79 -15.42 3.86
CA GLY A 7 16.19 -15.03 4.01
C GLY A 7 16.37 -14.20 5.28
N LYS A 8 17.60 -13.81 5.55
CA LYS A 8 18.03 -13.02 6.71
C LYS A 8 18.88 -11.81 6.29
N ASP A 9 19.21 -11.70 5.01
CA ASP A 9 20.00 -10.62 4.41
C ASP A 9 19.36 -10.32 3.05
N TYR A 10 19.78 -9.23 2.40
CA TYR A 10 19.29 -8.83 1.10
C TYR A 10 20.34 -7.94 0.42
N TRP A 11 20.05 -7.43 -0.77
CA TRP A 11 20.92 -6.59 -1.55
C TRP A 11 20.10 -5.45 -2.13
N GLY A 12 20.33 -4.23 -1.64
CA GLY A 12 19.62 -3.05 -2.13
C GLY A 12 20.24 -2.60 -3.44
N LYS A 13 19.48 -1.86 -4.26
CA LYS A 13 19.91 -1.34 -5.55
C LYS A 13 19.33 0.05 -5.74
N PHE A 14 19.69 0.71 -6.83
CA PHE A 14 19.22 2.04 -7.20
C PHE A 14 17.74 2.07 -7.61
N GLY A 15 17.07 0.91 -7.68
CA GLY A 15 15.68 0.79 -8.06
C GLY A 15 14.72 0.90 -6.89
N GLU A 16 13.45 0.76 -7.19
CA GLU A 16 12.34 0.84 -6.27
C GLU A 16 11.77 -0.56 -6.03
N PHE A 17 11.22 -0.78 -4.84
CA PHE A 17 10.64 -2.03 -4.39
C PHE A 17 9.23 -1.76 -3.83
N CYS A 18 8.34 -2.76 -3.73
CA CYS A 18 7.00 -2.55 -3.16
C CYS A 18 7.26 -2.42 -1.66
N HIS A 19 7.29 -1.19 -1.13
CA HIS A 19 7.53 -0.90 0.28
C HIS A 19 6.67 -1.75 1.21
N GLY A 20 5.43 -2.03 0.79
CA GLY A 20 4.51 -2.84 1.56
C GLY A 20 5.02 -4.27 1.77
N CYS A 21 5.42 -4.98 0.71
CA CYS A 21 5.90 -6.37 0.87
C CYS A 21 7.41 -6.60 0.91
N SER A 22 8.23 -5.61 0.57
CA SER A 22 9.68 -5.73 0.54
C SER A 22 10.08 -6.76 -0.54
N LEU A 23 9.71 -6.48 -1.79
CA LEU A 23 10.01 -7.28 -2.99
C LEU A 23 10.15 -6.28 -4.14
N LEU A 24 11.07 -6.56 -5.06
CA LEU A 24 11.38 -5.75 -6.24
C LEU A 24 10.30 -5.90 -7.33
N MET A 25 10.36 -5.05 -8.36
CA MET A 25 9.48 -5.05 -9.52
C MET A 25 10.38 -4.91 -10.76
N THR A 26 9.82 -5.24 -11.93
CA THR A 26 10.52 -5.19 -13.21
C THR A 26 9.68 -4.47 -14.28
N GLY A 27 8.62 -3.76 -13.88
CA GLY A 27 7.72 -3.03 -14.76
C GLY A 27 7.21 -1.76 -14.08
N PRO A 28 6.04 -1.23 -14.49
CA PRO A 28 5.48 -0.02 -13.89
C PRO A 28 5.09 -0.25 -12.42
N PHE A 29 4.81 0.83 -11.71
CA PHE A 29 4.41 0.83 -10.31
C PHE A 29 3.42 1.96 -10.05
N MET A 30 2.78 1.91 -8.88
CA MET A 30 1.78 2.90 -8.47
C MET A 30 2.40 3.75 -7.36
N VAL A 31 2.36 5.08 -7.51
CA VAL A 31 2.88 6.03 -6.55
C VAL A 31 1.66 6.72 -5.95
N ALA A 32 1.57 6.78 -4.62
CA ALA A 32 0.45 7.39 -3.91
C ALA A 32 0.90 7.81 -2.52
N GLY A 33 0.41 8.94 -2.03
CA GLY A 33 0.75 9.45 -0.71
C GLY A 33 2.25 9.74 -0.55
N GLU A 34 3.02 9.71 -1.64
CA GLU A 34 4.46 9.92 -1.80
C GLU A 34 5.22 8.60 -1.62
N PHE A 35 4.51 7.48 -1.43
CA PHE A 35 5.04 6.14 -1.24
C PHE A 35 4.85 5.34 -2.54
N LYS A 36 5.42 4.12 -2.62
CA LYS A 36 5.34 3.30 -3.83
C LYS A 36 4.91 1.87 -3.50
N TYR A 37 4.08 1.28 -4.37
CA TYR A 37 3.56 -0.06 -4.20
C TYR A 37 3.39 -0.81 -5.52
N HIS A 38 3.29 -2.16 -5.43
CA HIS A 38 3.08 -2.93 -6.67
C HIS A 38 1.64 -2.66 -7.14
N PRO A 39 1.34 -2.63 -8.45
CA PRO A 39 0.00 -2.40 -8.96
C PRO A 39 -0.97 -3.49 -8.48
N GLU A 40 -0.53 -4.74 -8.53
CA GLU A 40 -1.29 -5.92 -8.09
C GLU A 40 -1.53 -5.92 -6.56
N CYS A 41 -0.99 -4.95 -5.83
CA CYS A 41 -1.11 -4.83 -4.38
C CYS A 41 -1.56 -3.42 -3.99
N PHE A 42 -1.97 -2.58 -4.94
CA PHE A 42 -2.47 -1.26 -4.64
C PHE A 42 -3.94 -1.60 -4.44
N ALA A 43 -4.31 -1.93 -3.21
CA ALA A 43 -5.66 -2.35 -2.89
C ALA A 43 -6.18 -1.73 -1.60
N CYS A 44 -7.51 -1.68 -1.44
CA CYS A 44 -8.12 -1.14 -0.22
C CYS A 44 -7.74 -2.08 0.93
N MET A 45 -7.13 -1.58 2.01
CA MET A 45 -6.71 -2.39 3.15
C MET A 45 -7.82 -3.31 3.67
N SER A 46 -8.91 -2.71 4.12
CA SER A 46 -10.07 -3.34 4.70
C SER A 46 -10.80 -4.37 3.83
N CYS A 47 -10.76 -4.24 2.50
CA CYS A 47 -11.49 -5.19 1.62
C CYS A 47 -10.62 -5.97 0.63
N LYS A 48 -9.35 -5.60 0.47
CA LYS A 48 -8.36 -6.22 -0.41
C LYS A 48 -8.66 -6.06 -1.91
N VAL A 49 -9.72 -5.36 -2.32
CA VAL A 49 -9.99 -5.16 -3.76
C VAL A 49 -8.88 -4.31 -4.33
N ILE A 50 -8.37 -4.71 -5.49
CA ILE A 50 -7.33 -3.99 -6.19
C ILE A 50 -7.95 -2.66 -6.67
N ILE A 51 -7.11 -1.65 -6.82
CA ILE A 51 -7.43 -0.31 -7.26
C ILE A 51 -6.45 -0.04 -8.41
N GLU A 52 -6.92 0.01 -9.65
CA GLU A 52 -6.09 0.29 -10.82
C GLU A 52 -5.96 1.82 -10.92
N ASP A 53 -5.05 2.32 -11.75
CA ASP A 53 -4.86 3.77 -11.92
C ASP A 53 -6.05 4.49 -12.57
N GLY A 54 -7.11 3.78 -12.90
CA GLY A 54 -8.34 4.30 -13.47
C GLY A 54 -9.45 4.37 -12.42
N ASP A 55 -9.26 3.79 -11.23
CA ASP A 55 -10.20 3.79 -10.11
C ASP A 55 -10.01 5.11 -9.34
N ALA A 56 -10.54 5.23 -8.12
CA ALA A 56 -10.41 6.43 -7.29
C ALA A 56 -10.13 5.99 -5.87
N TYR A 57 -8.94 6.33 -5.36
CA TYR A 57 -8.52 5.99 -4.00
C TYR A 57 -8.50 7.23 -3.13
N ALA A 58 -8.33 7.02 -1.84
CA ALA A 58 -8.23 8.02 -0.81
C ALA A 58 -7.41 7.36 0.29
N LEU A 59 -6.39 8.04 0.81
CA LEU A 59 -5.58 7.48 1.88
C LEU A 59 -5.60 8.45 3.05
N VAL A 60 -5.44 7.88 4.23
CA VAL A 60 -5.43 8.62 5.47
C VAL A 60 -3.97 8.93 5.77
N GLN A 61 -3.75 9.96 6.57
CA GLN A 61 -2.45 10.47 6.99
C GLN A 61 -1.49 9.39 7.51
N HIS A 62 -2.03 8.26 7.98
CA HIS A 62 -1.29 7.11 8.47
C HIS A 62 -0.60 6.39 7.31
N ALA A 63 -0.13 5.17 7.54
CA ALA A 63 0.52 4.32 6.54
C ALA A 63 -0.53 3.31 6.06
N THR A 64 -1.74 3.79 5.72
CA THR A 64 -2.85 2.97 5.28
C THR A 64 -3.58 3.62 4.09
N LEU A 65 -3.97 2.81 3.11
CA LEU A 65 -4.68 3.20 1.88
C LEU A 65 -6.12 2.70 1.94
N TYR A 66 -7.09 3.47 1.41
CA TYR A 66 -8.49 3.11 1.43
C TYR A 66 -9.18 3.31 0.07
N CYS A 67 -10.40 2.78 -0.03
CA CYS A 67 -11.24 2.88 -1.22
C CYS A 67 -12.12 4.12 -0.97
N GLY A 68 -12.37 4.96 -1.97
CA GLY A 68 -13.20 6.16 -1.82
C GLY A 68 -14.59 5.89 -1.23
N LYS A 69 -15.23 4.75 -1.56
CA LYS A 69 -16.57 4.42 -1.04
C LYS A 69 -16.55 4.32 0.48
N CYS A 70 -15.66 3.47 0.98
CA CYS A 70 -15.50 3.20 2.39
C CYS A 70 -14.85 4.37 3.14
N HIS A 71 -13.94 5.12 2.54
CA HIS A 71 -13.35 6.26 3.24
C HIS A 71 -14.45 7.26 3.58
N ASN A 72 -15.43 7.44 2.69
CA ASN A 72 -16.57 8.35 2.91
C ASN A 72 -17.42 7.90 4.10
N GLU A 73 -17.22 6.69 4.63
CA GLU A 73 -17.90 6.13 5.77
C GLU A 73 -17.03 6.25 7.03
N VAL A 74 -15.69 6.33 6.90
CA VAL A 74 -14.78 6.45 8.05
C VAL A 74 -14.95 7.78 8.79
N VAL A 75 -15.69 8.72 8.20
CA VAL A 75 -15.97 10.02 8.80
C VAL A 75 -16.97 9.86 9.94
N SER A 76 -17.65 8.70 9.99
CA SER A 76 -18.65 8.33 10.97
C SER A 76 -18.16 7.06 11.65
N GLY A 77 -17.62 7.18 12.85
CA GLY A 77 -17.10 6.07 13.65
C GLY A 77 -15.62 5.83 13.32
N PRO A 78 -14.99 4.86 14.01
CA PRO A 78 -13.58 4.52 13.81
C PRO A 78 -13.38 3.76 12.51
N SER A 79 -14.14 2.67 12.29
CA SER A 79 -14.10 1.82 11.11
C SER A 79 -12.66 1.52 10.64
N SER A 80 -11.70 1.37 11.56
CA SER A 80 -10.29 1.14 11.27
C SER A 80 -9.64 0.16 12.26
N GLY A 81 -8.36 -0.15 12.07
CA GLY A 81 -7.58 -1.06 12.90
C GLY A 81 -7.35 -2.32 12.12
N GLY A 1 46.09 -16.16 14.82
CA GLY A 1 44.73 -16.63 15.15
C GLY A 1 43.98 -16.95 13.87
N SER A 2 42.68 -17.15 13.94
CA SER A 2 41.81 -17.44 12.80
C SER A 2 40.41 -16.96 13.18
N SER A 3 39.47 -17.00 12.24
CA SER A 3 38.08 -16.58 12.43
C SER A 3 37.23 -17.18 11.29
N GLY A 4 35.92 -16.98 11.32
CA GLY A 4 34.97 -17.45 10.33
C GLY A 4 33.63 -16.76 10.61
N SER A 5 32.73 -16.75 9.62
CA SER A 5 31.41 -16.15 9.70
C SER A 5 30.63 -16.57 8.46
N SER A 6 29.35 -16.22 8.46
CA SER A 6 28.38 -16.44 7.41
C SER A 6 27.88 -15.04 7.00
N GLY A 7 27.00 -14.95 6.00
CA GLY A 7 26.45 -13.69 5.54
C GLY A 7 25.45 -13.93 4.42
N LYS A 8 24.62 -12.94 4.13
CA LYS A 8 23.59 -12.96 3.08
C LYS A 8 23.67 -11.66 2.30
N ASP A 9 22.90 -11.53 1.22
CA ASP A 9 22.87 -10.34 0.36
C ASP A 9 21.47 -9.71 0.38
N TYR A 10 21.43 -8.40 0.16
CA TYR A 10 20.21 -7.59 0.16
C TYR A 10 20.18 -6.52 -0.93
N TRP A 11 21.34 -6.16 -1.49
CA TRP A 11 21.47 -5.14 -2.52
C TRP A 11 21.03 -5.74 -3.86
N GLY A 12 19.74 -6.04 -4.02
CA GLY A 12 19.14 -6.62 -5.21
C GLY A 12 19.56 -5.87 -6.46
N LYS A 13 19.20 -4.59 -6.55
CA LYS A 13 19.53 -3.71 -7.67
C LYS A 13 19.11 -2.29 -7.32
N PHE A 14 19.43 -1.33 -8.18
CA PHE A 14 19.06 0.08 -8.01
C PHE A 14 17.56 0.28 -8.26
N GLY A 15 16.78 -0.78 -8.41
CA GLY A 15 15.37 -0.75 -8.64
C GLY A 15 14.63 -0.61 -7.32
N GLU A 16 13.41 -0.08 -7.43
CA GLU A 16 12.53 0.14 -6.31
C GLU A 16 11.80 -1.16 -5.99
N PHE A 17 11.38 -1.29 -4.73
CA PHE A 17 10.69 -2.42 -4.15
C PHE A 17 9.31 -1.91 -3.68
N CYS A 18 8.34 -2.82 -3.50
CA CYS A 18 7.01 -2.45 -3.03
C CYS A 18 7.17 -2.14 -1.55
N HIS A 19 7.11 -0.88 -1.14
CA HIS A 19 7.27 -0.43 0.25
C HIS A 19 6.46 -1.26 1.27
N GLY A 20 5.30 -1.77 0.85
CA GLY A 20 4.45 -2.59 1.68
C GLY A 20 5.13 -3.93 1.99
N CYS A 21 5.39 -4.75 0.96
CA CYS A 21 6.01 -6.07 1.17
C CYS A 21 7.54 -6.14 1.21
N SER A 22 8.23 -5.06 0.81
CA SER A 22 9.67 -4.93 0.73
C SER A 22 10.27 -5.94 -0.27
N LEU A 23 9.64 -6.14 -1.43
CA LEU A 23 10.11 -7.06 -2.49
C LEU A 23 10.17 -6.27 -3.80
N LEU A 24 11.20 -6.53 -4.59
CA LEU A 24 11.55 -5.93 -5.87
C LEU A 24 10.46 -6.10 -6.95
N MET A 25 10.58 -5.39 -8.08
CA MET A 25 9.68 -5.43 -9.23
C MET A 25 10.49 -5.36 -10.53
N THR A 26 9.86 -5.85 -11.59
CA THR A 26 10.39 -5.94 -12.95
C THR A 26 9.31 -5.51 -13.96
N GLY A 27 8.40 -4.63 -13.56
CA GLY A 27 7.32 -4.13 -14.40
C GLY A 27 6.84 -2.77 -13.90
N PRO A 28 5.70 -2.29 -14.41
CA PRO A 28 5.11 -1.01 -14.05
C PRO A 28 4.58 -1.05 -12.62
N PHE A 29 4.23 0.11 -12.08
CA PHE A 29 3.71 0.28 -10.74
C PHE A 29 2.76 1.47 -10.69
N MET A 30 2.10 1.64 -9.53
CA MET A 30 1.16 2.73 -9.28
C MET A 30 1.87 3.72 -8.36
N VAL A 31 1.65 5.01 -8.60
CA VAL A 31 2.19 6.11 -7.83
C VAL A 31 0.96 6.64 -7.07
N ALA A 32 1.07 6.78 -5.75
CA ALA A 32 0.04 7.26 -4.86
C ALA A 32 0.67 7.50 -3.50
N GLY A 33 0.24 8.57 -2.83
CA GLY A 33 0.75 8.90 -1.50
C GLY A 33 2.26 9.10 -1.45
N GLU A 34 2.89 9.57 -2.54
CA GLU A 34 4.34 9.82 -2.70
C GLU A 34 5.24 8.62 -2.37
N PHE A 35 4.68 7.43 -2.17
CA PHE A 35 5.34 6.17 -1.85
C PHE A 35 5.33 5.23 -3.07
N LYS A 36 5.84 3.98 -2.93
CA LYS A 36 5.88 3.03 -4.04
C LYS A 36 5.27 1.69 -3.64
N TYR A 37 4.27 1.24 -4.39
CA TYR A 37 3.59 -0.02 -4.14
C TYR A 37 3.37 -0.79 -5.45
N HIS A 38 3.31 -2.13 -5.36
CA HIS A 38 3.03 -2.95 -6.54
C HIS A 38 1.55 -2.65 -6.87
N PRO A 39 1.06 -2.73 -8.13
CA PRO A 39 -0.32 -2.41 -8.46
C PRO A 39 -1.28 -3.33 -7.72
N GLU A 40 -1.03 -4.64 -7.76
CA GLU A 40 -1.84 -5.65 -7.08
C GLU A 40 -1.81 -5.49 -5.54
N CYS A 41 -0.99 -4.58 -4.99
CA CYS A 41 -0.87 -4.34 -3.57
C CYS A 41 -1.24 -2.90 -3.20
N PHE A 42 -1.99 -2.25 -4.08
CA PHE A 42 -2.53 -0.91 -3.95
C PHE A 42 -4.02 -1.23 -3.95
N ALA A 43 -4.56 -1.55 -2.77
CA ALA A 43 -5.95 -1.94 -2.61
C ALA A 43 -6.61 -1.31 -1.38
N CYS A 44 -7.95 -1.28 -1.37
CA CYS A 44 -8.69 -0.72 -0.23
C CYS A 44 -8.43 -1.67 0.92
N MET A 45 -7.91 -1.22 2.06
CA MET A 45 -7.62 -2.12 3.19
C MET A 45 -8.83 -2.96 3.61
N SER A 46 -10.00 -2.34 3.84
CA SER A 46 -11.19 -3.07 4.26
C SER A 46 -11.64 -4.14 3.26
N CYS A 47 -11.97 -3.78 2.02
CA CYS A 47 -12.48 -4.75 1.05
C CYS A 47 -11.44 -5.56 0.29
N LYS A 48 -10.17 -5.18 0.34
CA LYS A 48 -9.03 -5.82 -0.33
C LYS A 48 -9.05 -5.70 -1.86
N VAL A 49 -10.02 -5.01 -2.46
CA VAL A 49 -10.07 -4.86 -3.91
C VAL A 49 -8.97 -3.89 -4.34
N ILE A 50 -8.31 -4.25 -5.44
CA ILE A 50 -7.24 -3.47 -6.05
C ILE A 50 -7.84 -2.15 -6.55
N ILE A 51 -7.07 -1.08 -6.56
CA ILE A 51 -7.47 0.24 -7.02
C ILE A 51 -6.64 0.50 -8.28
N GLU A 52 -7.22 1.25 -9.22
CA GLU A 52 -6.60 1.59 -10.49
C GLU A 52 -6.76 3.09 -10.72
N ASP A 53 -6.20 3.59 -11.82
CA ASP A 53 -6.25 4.99 -12.23
C ASP A 53 -7.65 5.38 -12.77
N GLY A 54 -8.68 4.61 -12.42
CA GLY A 54 -10.07 4.79 -12.82
C GLY A 54 -11.03 5.02 -11.65
N ASP A 55 -10.63 4.81 -10.40
CA ASP A 55 -11.49 4.99 -9.21
C ASP A 55 -10.93 6.08 -8.29
N ALA A 56 -11.41 6.17 -7.04
CA ALA A 56 -10.97 7.16 -6.06
C ALA A 56 -10.32 6.45 -4.88
N TYR A 57 -9.25 7.03 -4.36
CA TYR A 57 -8.52 6.50 -3.22
C TYR A 57 -8.33 7.61 -2.20
N ALA A 58 -8.02 7.23 -0.97
CA ALA A 58 -7.78 8.13 0.13
C ALA A 58 -6.64 7.53 0.94
N LEU A 59 -5.87 8.40 1.60
CA LEU A 59 -4.73 8.03 2.41
C LEU A 59 -4.99 8.62 3.79
N VAL A 60 -5.18 7.74 4.76
CA VAL A 60 -5.47 8.12 6.14
C VAL A 60 -4.15 8.16 6.89
N GLN A 61 -3.84 9.34 7.43
CA GLN A 61 -2.64 9.65 8.21
C GLN A 61 -1.35 9.15 7.54
N HIS A 62 -1.37 9.00 6.20
CA HIS A 62 -0.25 8.50 5.41
C HIS A 62 0.24 7.15 5.96
N ALA A 63 -0.70 6.36 6.52
CA ALA A 63 -0.47 5.06 7.13
C ALA A 63 -1.40 3.98 6.59
N THR A 64 -2.57 4.33 6.03
CA THR A 64 -3.52 3.35 5.51
C THR A 64 -4.15 3.84 4.21
N LEU A 65 -4.44 2.90 3.30
CA LEU A 65 -5.02 3.12 1.98
C LEU A 65 -6.47 2.63 1.93
N TYR A 66 -7.37 3.45 1.39
CA TYR A 66 -8.78 3.13 1.26
C TYR A 66 -9.32 3.61 -0.10
N CYS A 67 -10.51 3.12 -0.45
CA CYS A 67 -11.18 3.50 -1.69
C CYS A 67 -12.10 4.66 -1.30
N GLY A 68 -12.58 5.48 -2.25
CA GLY A 68 -13.48 6.60 -1.96
C GLY A 68 -14.74 6.19 -1.21
N LYS A 69 -15.40 5.10 -1.60
CA LYS A 69 -16.61 4.59 -0.94
C LYS A 69 -16.32 4.27 0.54
N CYS A 70 -15.28 3.45 0.76
CA CYS A 70 -14.80 3.03 2.06
C CYS A 70 -14.34 4.22 2.91
N HIS A 71 -13.71 5.22 2.30
CA HIS A 71 -13.29 6.40 3.05
C HIS A 71 -14.50 7.27 3.40
N ASN A 72 -15.65 7.07 2.75
CA ASN A 72 -16.88 7.81 3.01
C ASN A 72 -17.65 7.25 4.19
N GLU A 73 -17.31 6.05 4.68
CA GLU A 73 -18.00 5.44 5.82
C GLU A 73 -17.22 5.70 7.12
N VAL A 74 -15.89 5.79 7.07
CA VAL A 74 -15.10 6.01 8.27
C VAL A 74 -15.24 7.45 8.80
N VAL A 75 -15.36 8.43 7.90
CA VAL A 75 -15.47 9.83 8.25
C VAL A 75 -16.84 10.20 8.82
N SER A 76 -17.87 9.37 8.62
CA SER A 76 -19.19 9.69 9.14
C SER A 76 -19.16 9.62 10.67
N GLY A 77 -20.22 10.17 11.27
CA GLY A 77 -20.44 10.24 12.70
C GLY A 77 -20.36 8.86 13.36
N PRO A 78 -19.33 8.58 14.17
CA PRO A 78 -19.18 7.30 14.84
C PRO A 78 -20.06 7.25 16.10
N SER A 79 -19.95 6.15 16.83
CA SER A 79 -20.67 5.94 18.06
C SER A 79 -20.08 6.85 19.14
N SER A 80 -20.77 7.02 20.26
CA SER A 80 -20.31 7.86 21.36
C SER A 80 -19.32 7.11 22.27
N GLY A 81 -19.14 5.80 22.05
CA GLY A 81 -18.25 4.98 22.85
C GLY A 81 -18.84 4.85 24.23
N GLY A 1 14.18 -14.98 11.51
CA GLY A 1 15.09 -13.94 11.99
C GLY A 1 15.17 -12.80 11.00
N SER A 2 16.27 -12.06 11.02
CA SER A 2 16.50 -10.92 10.15
C SER A 2 17.97 -10.90 9.75
N SER A 3 18.29 -10.33 8.58
CA SER A 3 19.64 -10.20 8.06
C SER A 3 19.71 -8.94 7.21
N GLY A 4 19.84 -7.76 7.81
CA GLY A 4 19.94 -6.49 7.08
C GLY A 4 21.33 -6.43 6.43
N SER A 5 22.32 -6.90 7.19
CA SER A 5 23.71 -7.00 6.81
C SER A 5 24.05 -8.48 6.71
N SER A 6 25.26 -8.79 6.28
CA SER A 6 25.79 -10.14 6.14
C SER A 6 27.32 -10.03 6.12
N GLY A 7 27.85 -9.01 5.43
CA GLY A 7 29.26 -8.73 5.27
C GLY A 7 29.50 -8.70 3.76
N LYS A 8 28.91 -7.73 3.08
CA LYS A 8 29.03 -7.58 1.64
C LYS A 8 28.89 -6.09 1.32
N ASP A 9 29.97 -5.36 1.55
CA ASP A 9 30.12 -3.92 1.34
C ASP A 9 29.75 -3.58 -0.10
N TYR A 10 28.53 -3.08 -0.30
CA TYR A 10 27.98 -2.71 -1.59
C TYR A 10 26.79 -1.80 -1.31
N TRP A 11 26.47 -0.92 -2.27
CA TRP A 11 25.38 0.02 -2.10
C TRP A 11 24.01 -0.59 -2.38
N GLY A 12 23.94 -1.65 -3.18
CA GLY A 12 22.70 -2.32 -3.54
C GLY A 12 22.40 -2.13 -5.03
N LYS A 13 21.13 -2.31 -5.42
CA LYS A 13 20.69 -2.17 -6.81
C LYS A 13 19.87 -0.89 -7.00
N PHE A 14 19.72 -0.47 -8.25
CA PHE A 14 18.94 0.73 -8.60
C PHE A 14 17.44 0.41 -8.69
N GLY A 15 17.07 -0.88 -8.66
CA GLY A 15 15.68 -1.30 -8.74
C GLY A 15 14.86 -0.65 -7.64
N GLU A 16 13.56 -0.55 -7.89
CA GLU A 16 12.61 0.04 -6.97
C GLU A 16 11.85 -1.12 -6.33
N PHE A 17 11.30 -0.94 -5.13
CA PHE A 17 10.60 -1.99 -4.39
C PHE A 17 9.22 -1.57 -3.88
N CYS A 18 8.21 -2.47 -3.89
CA CYS A 18 6.86 -2.19 -3.38
C CYS A 18 7.08 -1.97 -1.90
N HIS A 19 6.96 -0.75 -1.40
CA HIS A 19 7.16 -0.45 0.02
C HIS A 19 6.40 -1.44 0.89
N GLY A 20 5.17 -1.76 0.48
CA GLY A 20 4.30 -2.68 1.17
C GLY A 20 4.90 -4.07 1.41
N CYS A 21 5.73 -4.60 0.49
CA CYS A 21 6.32 -5.94 0.67
C CYS A 21 7.85 -5.97 0.67
N SER A 22 8.53 -4.87 0.36
CA SER A 22 9.99 -4.76 0.29
C SER A 22 10.63 -5.61 -0.83
N LEU A 23 9.85 -6.36 -1.64
CA LEU A 23 10.37 -7.20 -2.72
C LEU A 23 10.69 -6.35 -3.96
N LEU A 24 11.46 -6.92 -4.88
CA LEU A 24 11.92 -6.32 -6.15
C LEU A 24 10.83 -6.44 -7.21
N MET A 25 10.80 -5.51 -8.18
CA MET A 25 9.87 -5.52 -9.29
C MET A 25 10.64 -5.20 -10.56
N THR A 26 10.07 -5.65 -11.68
CA THR A 26 10.62 -5.46 -13.02
C THR A 26 9.51 -5.01 -13.98
N GLY A 27 8.24 -5.05 -13.55
CA GLY A 27 7.05 -4.67 -14.29
C GLY A 27 6.54 -3.29 -13.87
N PRO A 28 5.28 -2.96 -14.22
CA PRO A 28 4.68 -1.69 -13.86
C PRO A 28 4.40 -1.64 -12.35
N PHE A 29 4.10 -0.46 -11.85
CA PHE A 29 3.81 -0.19 -10.44
C PHE A 29 2.81 0.97 -10.38
N MET A 30 2.34 1.28 -9.17
CA MET A 30 1.42 2.37 -8.94
C MET A 30 2.09 3.30 -7.95
N VAL A 31 2.04 4.60 -8.23
CA VAL A 31 2.63 5.63 -7.39
C VAL A 31 1.46 6.24 -6.62
N ALA A 32 1.58 6.35 -5.29
CA ALA A 32 0.56 6.93 -4.44
C ALA A 32 1.25 7.49 -3.22
N GLY A 33 0.91 8.72 -2.81
CA GLY A 33 1.50 9.39 -1.67
C GLY A 33 2.99 9.68 -1.90
N GLU A 34 3.47 9.49 -3.13
CA GLU A 34 4.83 9.64 -3.70
C GLU A 34 5.56 8.29 -3.67
N PHE A 35 5.11 7.39 -2.81
CA PHE A 35 5.64 6.05 -2.59
C PHE A 35 5.31 5.15 -3.77
N LYS A 36 6.04 4.03 -3.90
CA LYS A 36 5.84 3.06 -4.97
C LYS A 36 5.26 1.80 -4.32
N TYR A 37 4.12 1.36 -4.83
CA TYR A 37 3.43 0.17 -4.36
C TYR A 37 3.09 -0.70 -5.56
N HIS A 38 3.10 -2.02 -5.36
CA HIS A 38 2.72 -2.92 -6.45
C HIS A 38 1.21 -2.73 -6.64
N PRO A 39 0.66 -2.92 -7.85
CA PRO A 39 -0.77 -2.75 -8.06
C PRO A 39 -1.56 -3.77 -7.22
N GLU A 40 -1.12 -5.03 -7.19
CA GLU A 40 -1.71 -6.15 -6.44
C GLU A 40 -1.69 -5.97 -4.91
N CYS A 41 -1.22 -4.83 -4.40
CA CYS A 41 -1.16 -4.52 -2.98
C CYS A 41 -1.71 -3.11 -2.70
N PHE A 42 -1.99 -2.32 -3.73
CA PHE A 42 -2.57 -1.00 -3.59
C PHE A 42 -4.05 -1.35 -3.53
N ALA A 43 -4.51 -1.70 -2.33
CA ALA A 43 -5.86 -2.15 -2.04
C ALA A 43 -6.44 -1.54 -0.77
N CYS A 44 -7.78 -1.43 -0.71
CA CYS A 44 -8.47 -0.89 0.48
C CYS A 44 -8.13 -1.91 1.57
N MET A 45 -7.53 -1.48 2.68
CA MET A 45 -7.14 -2.37 3.77
C MET A 45 -8.31 -3.16 4.33
N SER A 46 -9.42 -2.48 4.65
CA SER A 46 -10.59 -3.13 5.21
C SER A 46 -11.22 -4.18 4.28
N CYS A 47 -11.63 -3.79 3.06
CA CYS A 47 -12.28 -4.72 2.16
C CYS A 47 -11.32 -5.67 1.44
N LYS A 48 -10.02 -5.34 1.37
CA LYS A 48 -8.97 -6.10 0.71
C LYS A 48 -9.23 -6.26 -0.78
N VAL A 49 -9.55 -5.15 -1.47
CA VAL A 49 -9.80 -5.13 -2.90
C VAL A 49 -8.82 -4.14 -3.50
N ILE A 50 -8.26 -4.50 -4.65
CA ILE A 50 -7.31 -3.68 -5.36
C ILE A 50 -8.03 -2.37 -5.77
N ILE A 51 -7.28 -1.29 -5.84
CA ILE A 51 -7.75 0.03 -6.20
C ILE A 51 -7.03 0.35 -7.51
N GLU A 52 -7.55 -0.15 -8.62
CA GLU A 52 -6.99 0.13 -9.93
C GLU A 52 -7.32 1.59 -10.25
N ASP A 53 -6.85 2.10 -11.39
CA ASP A 53 -7.05 3.48 -11.88
C ASP A 53 -8.52 3.90 -12.13
N GLY A 54 -9.49 3.12 -11.67
CA GLY A 54 -10.93 3.36 -11.78
C GLY A 54 -11.62 3.56 -10.44
N ASP A 55 -10.90 3.48 -9.32
CA ASP A 55 -11.42 3.70 -7.95
C ASP A 55 -10.46 4.71 -7.37
N ALA A 56 -11.00 5.70 -6.69
CA ALA A 56 -10.24 6.78 -6.10
C ALA A 56 -10.05 6.59 -4.62
N TYR A 57 -8.82 6.33 -4.18
CA TYR A 57 -8.44 6.13 -2.78
C TYR A 57 -8.50 7.48 -2.03
N ALA A 58 -8.17 7.47 -0.75
CA ALA A 58 -8.13 8.65 0.12
C ALA A 58 -7.10 8.30 1.17
N LEU A 59 -5.94 8.96 1.19
CA LEU A 59 -4.91 8.64 2.17
C LEU A 59 -5.33 9.26 3.49
N VAL A 60 -5.01 8.56 4.56
CA VAL A 60 -5.33 8.92 5.93
C VAL A 60 -4.02 9.19 6.67
N GLN A 61 -4.11 9.96 7.74
CA GLN A 61 -2.99 10.34 8.60
C GLN A 61 -2.18 9.12 9.06
N HIS A 62 -2.84 7.98 9.34
CA HIS A 62 -2.19 6.73 9.76
C HIS A 62 -1.84 6.00 8.45
N ALA A 63 -0.69 5.32 8.42
CA ALA A 63 -0.18 4.57 7.28
C ALA A 63 -1.03 3.34 6.91
N THR A 64 -2.24 3.58 6.40
CA THR A 64 -3.21 2.57 6.01
C THR A 64 -3.86 3.10 4.72
N LEU A 65 -4.27 2.22 3.80
CA LEU A 65 -4.89 2.60 2.53
C LEU A 65 -6.37 2.24 2.55
N TYR A 66 -7.22 3.09 1.98
CA TYR A 66 -8.66 2.92 1.92
C TYR A 66 -9.18 3.38 0.55
N CYS A 67 -10.40 2.96 0.20
CA CYS A 67 -10.99 3.36 -1.08
C CYS A 67 -11.85 4.57 -0.74
N GLY A 68 -12.18 5.42 -1.71
CA GLY A 68 -12.99 6.61 -1.49
C GLY A 68 -14.35 6.29 -0.89
N LYS A 69 -15.04 5.25 -1.38
CA LYS A 69 -16.36 4.87 -0.87
C LYS A 69 -16.25 4.53 0.61
N CYS A 70 -15.28 3.66 0.90
CA CYS A 70 -14.97 3.18 2.21
C CYS A 70 -14.56 4.34 3.13
N HIS A 71 -13.73 5.29 2.68
CA HIS A 71 -13.31 6.46 3.45
C HIS A 71 -14.54 7.33 3.77
N ASN A 72 -15.33 7.66 2.75
CA ASN A 72 -16.54 8.48 2.86
C ASN A 72 -17.58 7.87 3.80
N GLU A 73 -17.56 6.54 3.95
CA GLU A 73 -18.45 5.79 4.82
C GLU A 73 -17.96 5.90 6.27
N VAL A 74 -16.69 5.56 6.55
CA VAL A 74 -16.16 5.62 7.91
C VAL A 74 -16.16 7.03 8.48
N VAL A 75 -15.83 8.06 7.68
CA VAL A 75 -15.81 9.43 8.19
C VAL A 75 -17.19 9.83 8.71
N SER A 76 -18.25 9.30 8.09
CA SER A 76 -19.59 9.64 8.49
C SER A 76 -20.09 8.90 9.73
N GLY A 77 -19.25 8.08 10.37
CA GLY A 77 -19.58 7.32 11.55
C GLY A 77 -18.36 7.26 12.48
N PRO A 78 -18.40 6.43 13.52
CA PRO A 78 -17.28 6.29 14.44
C PRO A 78 -16.05 5.70 13.75
N SER A 79 -14.88 6.04 14.26
CA SER A 79 -13.58 5.60 13.77
C SER A 79 -12.61 5.60 14.97
N SER A 80 -11.44 4.97 14.83
CA SER A 80 -10.42 4.89 15.86
C SER A 80 -9.10 4.49 15.20
N GLY A 81 -7.96 4.67 15.87
CA GLY A 81 -6.67 4.32 15.30
C GLY A 81 -5.60 4.18 16.37
N GLY A 1 13.57 2.05 27.55
CA GLY A 1 14.42 0.89 27.88
C GLY A 1 15.29 0.51 26.70
N SER A 2 16.11 -0.54 26.84
CA SER A 2 17.01 -1.02 25.80
C SER A 2 17.06 -2.55 25.86
N SER A 3 16.69 -3.21 24.77
CA SER A 3 16.66 -4.66 24.62
C SER A 3 17.37 -5.07 23.33
N GLY A 4 17.71 -6.36 23.20
CA GLY A 4 18.38 -6.94 22.05
C GLY A 4 17.43 -7.07 20.88
N SER A 5 17.90 -6.76 19.68
CA SER A 5 17.13 -6.84 18.44
C SER A 5 18.01 -7.38 17.31
N SER A 6 17.37 -7.99 16.32
CA SER A 6 18.02 -8.56 15.15
C SER A 6 17.86 -7.61 13.96
N GLY A 7 18.63 -7.84 12.90
CA GLY A 7 18.58 -7.03 11.70
C GLY A 7 19.52 -7.58 10.64
N LYS A 8 19.09 -7.50 9.39
CA LYS A 8 19.80 -7.93 8.18
C LYS A 8 19.60 -6.81 7.17
N ASP A 9 20.67 -6.38 6.52
CA ASP A 9 20.71 -5.34 5.49
C ASP A 9 21.96 -5.53 4.64
N TYR A 10 22.10 -4.80 3.54
CA TYR A 10 23.22 -4.84 2.62
C TYR A 10 23.12 -3.58 1.79
N TRP A 11 24.23 -2.89 1.56
CA TRP A 11 24.26 -1.65 0.81
C TRP A 11 24.21 -1.90 -0.70
N GLY A 12 23.69 -0.91 -1.42
CA GLY A 12 23.54 -0.93 -2.86
C GLY A 12 22.36 -1.81 -3.26
N LYS A 13 21.79 -1.52 -4.43
CA LYS A 13 20.64 -2.25 -4.95
C LYS A 13 20.61 -2.17 -6.48
N PHE A 14 19.77 -2.96 -7.11
CA PHE A 14 19.59 -3.02 -8.54
C PHE A 14 18.67 -1.86 -8.99
N GLY A 15 17.47 -1.78 -8.41
CA GLY A 15 16.45 -0.79 -8.67
C GLY A 15 15.53 -0.67 -7.45
N GLU A 16 14.38 -0.02 -7.61
CA GLU A 16 13.41 0.17 -6.54
C GLU A 16 12.61 -1.12 -6.35
N PHE A 17 12.18 -1.37 -5.12
CA PHE A 17 11.40 -2.52 -4.67
C PHE A 17 10.10 -2.03 -4.02
N CYS A 18 9.07 -2.86 -3.89
CA CYS A 18 7.81 -2.48 -3.25
C CYS A 18 8.01 -2.69 -1.76
N HIS A 19 8.16 -1.65 -0.92
CA HIS A 19 8.35 -1.84 0.53
C HIS A 19 7.23 -2.74 1.07
N GLY A 20 5.99 -2.57 0.57
CA GLY A 20 4.83 -3.35 0.96
C GLY A 20 5.18 -4.85 1.02
N CYS A 21 5.81 -5.39 -0.03
CA CYS A 21 6.21 -6.82 0.00
C CYS A 21 7.72 -7.09 0.12
N SER A 22 8.56 -6.06 0.08
CA SER A 22 10.02 -6.15 0.14
C SER A 22 10.56 -7.04 -1.00
N LEU A 23 10.10 -6.81 -2.24
CA LEU A 23 10.49 -7.52 -3.46
C LEU A 23 10.59 -6.51 -4.60
N LEU A 24 11.40 -6.83 -5.61
CA LEU A 24 11.65 -6.01 -6.80
C LEU A 24 10.33 -5.76 -7.55
N MET A 25 10.29 -4.75 -8.44
CA MET A 25 9.11 -4.42 -9.21
C MET A 25 9.22 -4.51 -10.72
N THR A 26 10.35 -4.13 -11.32
CA THR A 26 10.65 -4.13 -12.76
C THR A 26 9.65 -3.31 -13.60
N GLY A 27 8.40 -3.74 -13.67
CA GLY A 27 7.31 -3.10 -14.39
C GLY A 27 6.88 -1.77 -13.76
N PRO A 28 5.67 -1.28 -14.10
CA PRO A 28 5.16 -0.02 -13.60
C PRO A 28 4.81 -0.08 -12.12
N PHE A 29 4.58 1.08 -11.52
CA PHE A 29 4.23 1.27 -10.13
C PHE A 29 3.15 2.31 -9.99
N MET A 30 2.45 2.28 -8.85
CA MET A 30 1.40 3.22 -8.50
C MET A 30 2.03 4.11 -7.43
N VAL A 31 1.72 5.41 -7.47
CA VAL A 31 2.22 6.38 -6.53
C VAL A 31 1.05 6.73 -5.61
N ALA A 32 1.25 6.68 -4.30
CA ALA A 32 0.21 7.00 -3.32
C ALA A 32 0.83 7.83 -2.21
N GLY A 33 0.43 9.09 -2.10
CA GLY A 33 0.91 10.00 -1.07
C GLY A 33 2.41 10.27 -1.07
N GLU A 34 3.12 9.92 -2.17
CA GLU A 34 4.56 10.03 -2.49
C GLU A 34 5.21 8.65 -2.40
N PHE A 35 4.55 7.68 -1.76
CA PHE A 35 5.03 6.31 -1.60
C PHE A 35 4.86 5.56 -2.92
N LYS A 36 5.56 4.44 -3.07
CA LYS A 36 5.54 3.62 -4.29
C LYS A 36 5.20 2.17 -3.94
N TYR A 37 4.15 1.60 -4.54
CA TYR A 37 3.71 0.23 -4.28
C TYR A 37 3.39 -0.51 -5.57
N HIS A 38 3.35 -1.86 -5.52
CA HIS A 38 3.02 -2.57 -6.77
C HIS A 38 1.52 -2.34 -7.04
N PRO A 39 1.07 -2.13 -8.30
CA PRO A 39 -0.33 -1.91 -8.62
C PRO A 39 -1.16 -3.12 -8.21
N GLU A 40 -0.66 -4.32 -8.50
CA GLU A 40 -1.26 -5.63 -8.19
C GLU A 40 -1.41 -5.88 -6.67
N CYS A 41 -1.00 -4.94 -5.83
CA CYS A 41 -1.09 -5.01 -4.38
C CYS A 41 -1.68 -3.72 -3.80
N PHE A 42 -1.95 -2.71 -4.62
CA PHE A 42 -2.54 -1.45 -4.19
C PHE A 42 -4.01 -1.79 -4.11
N ALA A 43 -4.45 -2.21 -2.93
CA ALA A 43 -5.82 -2.63 -2.68
C ALA A 43 -6.34 -2.11 -1.35
N CYS A 44 -7.67 -1.98 -1.23
CA CYS A 44 -8.29 -1.52 0.01
C CYS A 44 -7.94 -2.55 1.09
N MET A 45 -7.43 -2.11 2.23
CA MET A 45 -7.05 -3.01 3.31
C MET A 45 -8.21 -3.92 3.76
N SER A 46 -9.38 -3.32 3.98
CA SER A 46 -10.60 -3.98 4.42
C SER A 46 -11.26 -4.91 3.41
N CYS A 47 -11.34 -4.51 2.14
CA CYS A 47 -12.00 -5.31 1.10
C CYS A 47 -11.12 -6.03 0.09
N LYS A 48 -9.81 -5.78 0.05
CA LYS A 48 -8.84 -6.40 -0.88
C LYS A 48 -9.05 -6.11 -2.37
N VAL A 49 -10.00 -5.25 -2.77
CA VAL A 49 -10.21 -4.96 -4.18
C VAL A 49 -8.99 -4.24 -4.75
N ILE A 50 -8.58 -4.61 -5.96
CA ILE A 50 -7.44 -4.01 -6.66
C ILE A 50 -7.88 -2.64 -7.19
N ILE A 51 -7.10 -1.62 -6.88
CA ILE A 51 -7.32 -0.25 -7.29
C ILE A 51 -6.63 -0.10 -8.66
N GLU A 52 -7.31 0.56 -9.61
CA GLU A 52 -6.81 0.80 -10.96
C GLU A 52 -6.56 2.29 -11.13
N ASP A 53 -5.87 2.68 -12.21
CA ASP A 53 -5.54 4.08 -12.48
C ASP A 53 -6.77 5.00 -12.66
N GLY A 54 -7.91 4.39 -12.97
CA GLY A 54 -9.21 5.03 -13.17
C GLY A 54 -10.11 4.96 -11.93
N ASP A 55 -9.65 4.32 -10.84
CA ASP A 55 -10.41 4.21 -9.60
C ASP A 55 -10.09 5.45 -8.74
N ALA A 56 -10.37 5.44 -7.44
CA ALA A 56 -10.10 6.54 -6.51
C ALA A 56 -9.92 5.91 -5.15
N TYR A 57 -8.89 6.34 -4.42
CA TYR A 57 -8.54 5.82 -3.11
C TYR A 57 -8.59 6.93 -2.04
N ALA A 58 -8.24 6.57 -0.81
CA ALA A 58 -8.20 7.45 0.34
C ALA A 58 -7.01 7.00 1.18
N LEU A 59 -6.19 7.97 1.60
CA LEU A 59 -4.99 7.77 2.39
C LEU A 59 -5.20 8.36 3.77
N VAL A 60 -5.17 7.53 4.80
CA VAL A 60 -5.35 7.98 6.18
C VAL A 60 -3.96 8.28 6.75
N GLN A 61 -3.91 9.10 7.79
CA GLN A 61 -2.70 9.52 8.48
C GLN A 61 -1.82 8.30 8.79
N HIS A 62 -2.35 7.31 9.51
CA HIS A 62 -1.61 6.11 9.84
C HIS A 62 -1.55 5.18 8.62
N ALA A 63 -0.43 4.45 8.48
CA ALA A 63 -0.14 3.50 7.43
C ALA A 63 -1.29 2.50 7.23
N THR A 64 -2.17 2.79 6.28
CA THR A 64 -3.34 2.04 5.88
C THR A 64 -3.76 2.60 4.50
N LEU A 65 -4.59 1.85 3.76
CA LEU A 65 -5.06 2.21 2.43
C LEU A 65 -6.54 1.82 2.31
N TYR A 66 -7.38 2.77 1.88
CA TYR A 66 -8.80 2.54 1.70
C TYR A 66 -9.25 3.05 0.34
N CYS A 67 -10.46 2.63 -0.02
CA CYS A 67 -11.15 3.00 -1.23
C CYS A 67 -12.00 4.20 -0.80
N GLY A 68 -12.19 5.17 -1.69
CA GLY A 68 -12.99 6.35 -1.39
C GLY A 68 -14.42 6.02 -0.95
N LYS A 69 -15.07 5.03 -1.56
CA LYS A 69 -16.45 4.64 -1.25
C LYS A 69 -16.61 4.26 0.23
N CYS A 70 -15.81 3.32 0.71
CA CYS A 70 -15.87 2.89 2.10
C CYS A 70 -15.25 3.94 3.03
N HIS A 71 -14.27 4.74 2.56
CA HIS A 71 -13.68 5.81 3.40
C HIS A 71 -14.73 6.90 3.63
N ASN A 72 -15.69 7.08 2.72
CA ASN A 72 -16.76 8.07 2.84
C ASN A 72 -17.51 7.90 4.16
N GLU A 73 -17.64 6.67 4.64
CA GLU A 73 -18.31 6.33 5.89
C GLU A 73 -17.52 6.89 7.08
N VAL A 74 -16.19 6.89 7.01
CA VAL A 74 -15.28 7.38 8.04
C VAL A 74 -15.37 8.90 8.16
N VAL A 75 -15.66 9.63 7.07
CA VAL A 75 -15.78 11.08 7.10
C VAL A 75 -17.25 11.50 7.31
N SER A 76 -18.20 10.61 7.00
CA SER A 76 -19.62 10.87 7.15
C SER A 76 -19.93 11.20 8.60
N GLY A 77 -20.96 12.01 8.79
CA GLY A 77 -21.43 12.45 10.07
C GLY A 77 -21.25 13.97 10.12
N PRO A 78 -20.56 14.52 11.14
CA PRO A 78 -20.36 15.96 11.25
C PRO A 78 -19.33 16.45 10.23
N SER A 79 -19.74 16.67 8.98
CA SER A 79 -18.83 17.17 7.96
C SER A 79 -18.68 18.68 8.20
N SER A 80 -17.56 19.27 7.76
CA SER A 80 -17.30 20.70 7.92
C SER A 80 -18.09 21.51 6.88
N GLY A 81 -19.42 21.52 7.01
CA GLY A 81 -20.34 22.22 6.14
C GLY A 81 -20.65 21.34 4.94
N GLY A 1 -5.54 -18.04 15.92
CA GLY A 1 -4.82 -18.19 14.65
C GLY A 1 -3.34 -18.42 14.92
N SER A 2 -2.56 -18.69 13.88
CA SER A 2 -1.13 -18.92 14.01
C SER A 2 -0.39 -18.41 12.78
N SER A 3 0.81 -17.89 12.97
CA SER A 3 1.70 -17.36 11.94
C SER A 3 3.05 -17.06 12.58
N GLY A 4 4.09 -16.88 11.78
CA GLY A 4 5.44 -16.58 12.23
C GLY A 4 6.39 -16.60 11.05
N SER A 5 7.45 -15.80 11.13
CA SER A 5 8.47 -15.69 10.09
C SER A 5 9.81 -15.30 10.71
N SER A 6 10.81 -15.08 9.87
CA SER A 6 12.15 -14.70 10.23
C SER A 6 12.61 -13.67 9.19
N GLY A 7 13.35 -14.12 8.18
CA GLY A 7 13.85 -13.29 7.11
C GLY A 7 14.57 -14.12 6.06
N LYS A 8 14.56 -13.63 4.82
CA LYS A 8 15.18 -14.22 3.63
C LYS A 8 15.15 -13.14 2.55
N ASP A 9 15.86 -13.38 1.44
CA ASP A 9 15.97 -12.49 0.28
C ASP A 9 16.27 -11.05 0.71
N TYR A 10 17.22 -10.91 1.62
CA TYR A 10 17.68 -9.65 2.17
C TYR A 10 18.57 -8.89 1.19
N TRP A 11 19.43 -9.57 0.43
CA TRP A 11 20.31 -8.93 -0.55
C TRP A 11 19.51 -8.35 -1.71
N GLY A 12 20.17 -7.56 -2.55
CA GLY A 12 19.55 -6.96 -3.71
C GLY A 12 20.48 -6.12 -4.55
N LYS A 13 19.92 -5.63 -5.65
CA LYS A 13 20.57 -4.77 -6.64
C LYS A 13 20.13 -3.34 -6.31
N PHE A 14 20.51 -2.33 -7.09
CA PHE A 14 20.09 -0.95 -6.86
C PHE A 14 18.76 -0.75 -7.57
N GLY A 15 17.81 -1.62 -7.22
CA GLY A 15 16.47 -1.68 -7.76
C GLY A 15 15.51 -0.82 -6.95
N GLU A 16 14.23 -0.98 -7.25
CA GLU A 16 13.11 -0.31 -6.64
C GLU A 16 12.22 -1.44 -6.12
N PHE A 17 11.67 -1.30 -4.92
CA PHE A 17 10.83 -2.32 -4.30
C PHE A 17 9.52 -1.72 -3.81
N CYS A 18 8.46 -2.53 -3.72
CA CYS A 18 7.19 -2.05 -3.21
C CYS A 18 7.43 -1.96 -1.72
N HIS A 19 7.49 -0.76 -1.16
CA HIS A 19 7.72 -0.57 0.27
C HIS A 19 6.77 -1.48 1.06
N GLY A 20 5.51 -1.55 0.62
CA GLY A 20 4.45 -2.38 1.18
C GLY A 20 4.96 -3.75 1.63
N CYS A 21 5.61 -4.53 0.74
CA CYS A 21 6.14 -5.85 1.15
C CYS A 21 7.67 -5.97 1.07
N SER A 22 8.38 -4.89 0.66
CA SER A 22 9.83 -4.80 0.54
C SER A 22 10.43 -5.60 -0.62
N LEU A 23 9.60 -6.33 -1.38
CA LEU A 23 10.03 -7.14 -2.52
C LEU A 23 9.99 -6.33 -3.80
N LEU A 24 10.89 -6.72 -4.70
CA LEU A 24 11.14 -6.22 -6.05
C LEU A 24 9.92 -6.47 -6.95
N MET A 25 9.92 -5.87 -8.14
CA MET A 25 8.88 -5.99 -9.15
C MET A 25 9.48 -6.27 -10.50
N THR A 26 8.67 -6.91 -11.34
CA THR A 26 9.03 -7.26 -12.72
C THR A 26 7.93 -6.79 -13.69
N GLY A 27 6.78 -6.32 -13.17
CA GLY A 27 5.62 -5.83 -13.93
C GLY A 27 5.42 -4.32 -13.80
N PRO A 28 4.23 -3.82 -14.14
CA PRO A 28 3.89 -2.40 -14.08
C PRO A 28 3.70 -1.93 -12.63
N PHE A 29 3.60 -0.62 -12.40
CA PHE A 29 3.41 -0.03 -11.08
C PHE A 29 2.49 1.20 -11.14
N MET A 30 2.17 1.72 -9.96
CA MET A 30 1.32 2.88 -9.74
C MET A 30 2.00 3.74 -8.66
N VAL A 31 1.60 4.99 -8.51
CA VAL A 31 2.18 5.92 -7.54
C VAL A 31 1.09 6.58 -6.69
N ALA A 32 1.25 6.54 -5.37
CA ALA A 32 0.33 7.12 -4.40
C ALA A 32 1.11 7.51 -3.15
N GLY A 33 0.67 8.58 -2.49
CA GLY A 33 1.29 9.09 -1.27
C GLY A 33 2.76 9.41 -1.45
N GLU A 34 3.17 9.78 -2.67
CA GLU A 34 4.56 10.08 -3.05
C GLU A 34 5.51 8.90 -2.77
N PHE A 35 4.97 7.67 -2.67
CA PHE A 35 5.69 6.42 -2.43
C PHE A 35 5.65 5.53 -3.68
N LYS A 36 6.24 4.34 -3.59
CA LYS A 36 6.33 3.33 -4.65
C LYS A 36 5.76 2.03 -4.11
N TYR A 37 4.77 1.45 -4.78
CA TYR A 37 4.10 0.22 -4.37
C TYR A 37 3.83 -0.72 -5.55
N HIS A 38 3.41 -1.96 -5.24
CA HIS A 38 3.07 -2.94 -6.28
C HIS A 38 1.58 -2.82 -6.60
N PRO A 39 1.13 -3.12 -7.83
CA PRO A 39 -0.28 -3.05 -8.20
C PRO A 39 -1.07 -4.06 -7.36
N GLU A 40 -0.50 -5.24 -7.11
CA GLU A 40 -1.07 -6.33 -6.31
C GLU A 40 -1.08 -6.00 -4.81
N CYS A 41 -0.76 -4.76 -4.41
CA CYS A 41 -0.76 -4.32 -3.01
C CYS A 41 -1.36 -2.92 -2.81
N PHE A 42 -2.10 -2.40 -3.78
CA PHE A 42 -2.81 -1.13 -3.74
C PHE A 42 -4.28 -1.54 -3.73
N ALA A 43 -4.81 -1.83 -2.54
CA ALA A 43 -6.19 -2.29 -2.36
C ALA A 43 -6.82 -1.70 -1.09
N CYS A 44 -8.13 -1.91 -0.91
CA CYS A 44 -8.88 -1.45 0.27
C CYS A 44 -8.70 -2.49 1.36
N MET A 45 -8.21 -2.16 2.56
CA MET A 45 -8.03 -3.17 3.62
C MET A 45 -9.38 -3.85 3.90
N SER A 46 -10.36 -3.00 4.19
CA SER A 46 -11.74 -3.25 4.54
C SER A 46 -12.53 -4.10 3.55
N CYS A 47 -12.05 -4.29 2.31
CA CYS A 47 -12.80 -5.09 1.33
C CYS A 47 -11.90 -6.00 0.47
N LYS A 48 -10.58 -5.79 0.52
CA LYS A 48 -9.52 -6.49 -0.20
C LYS A 48 -9.54 -6.29 -1.73
N VAL A 49 -10.45 -5.51 -2.30
CA VAL A 49 -10.53 -5.25 -3.73
C VAL A 49 -9.30 -4.47 -4.20
N ILE A 50 -8.84 -4.78 -5.40
CA ILE A 50 -7.71 -4.13 -6.05
C ILE A 50 -8.23 -2.80 -6.60
N ILE A 51 -7.49 -1.72 -6.36
CA ILE A 51 -7.81 -0.39 -6.81
C ILE A 51 -6.85 -0.11 -7.98
N GLU A 52 -7.23 0.81 -8.87
CA GLU A 52 -6.45 1.18 -10.04
C GLU A 52 -5.96 2.61 -9.90
N ASP A 53 -5.01 3.00 -10.75
CA ASP A 53 -4.41 4.34 -10.74
C ASP A 53 -5.37 5.46 -11.14
N GLY A 54 -6.54 5.10 -11.67
CA GLY A 54 -7.58 6.04 -12.07
C GLY A 54 -8.84 5.85 -11.23
N ASP A 55 -8.76 5.10 -10.12
CA ASP A 55 -9.88 4.84 -9.23
C ASP A 55 -9.81 5.73 -7.98
N ALA A 56 -10.91 5.81 -7.24
CA ALA A 56 -11.06 6.61 -6.04
C ALA A 56 -10.42 5.95 -4.81
N TYR A 57 -9.49 6.63 -4.16
CA TYR A 57 -8.81 6.15 -2.96
C TYR A 57 -8.55 7.31 -1.99
N ALA A 58 -8.20 6.97 -0.76
CA ALA A 58 -7.90 7.92 0.30
C ALA A 58 -6.84 7.28 1.18
N LEU A 59 -5.67 7.90 1.22
CA LEU A 59 -4.55 7.45 2.01
C LEU A 59 -4.70 8.12 3.38
N VAL A 60 -4.37 7.41 4.44
CA VAL A 60 -4.46 7.81 5.83
C VAL A 60 -3.10 7.51 6.49
N GLN A 61 -2.80 8.15 7.62
CA GLN A 61 -1.56 7.96 8.38
C GLN A 61 -1.34 6.46 8.65
N HIS A 62 -0.17 6.09 9.18
CA HIS A 62 0.17 4.68 9.45
C HIS A 62 0.02 3.89 8.13
N ALA A 63 0.25 4.59 7.00
CA ALA A 63 0.18 4.16 5.62
C ALA A 63 -1.08 3.36 5.26
N THR A 64 -2.14 3.46 6.08
CA THR A 64 -3.39 2.74 5.86
C THR A 64 -4.05 3.37 4.63
N LEU A 65 -4.36 2.53 3.63
CA LEU A 65 -4.95 2.90 2.36
C LEU A 65 -6.40 2.43 2.29
N TYR A 66 -7.34 3.33 2.00
CA TYR A 66 -8.76 3.02 1.88
C TYR A 66 -9.27 3.44 0.50
N CYS A 67 -10.47 2.98 0.15
CA CYS A 67 -11.07 3.34 -1.13
C CYS A 67 -11.88 4.59 -0.82
N GLY A 68 -12.02 5.50 -1.79
CA GLY A 68 -12.76 6.74 -1.60
C GLY A 68 -14.14 6.55 -0.95
N LYS A 69 -14.88 5.53 -1.37
CA LYS A 69 -16.23 5.22 -0.88
C LYS A 69 -16.22 4.71 0.56
N CYS A 70 -15.52 3.61 0.75
CA CYS A 70 -15.36 2.91 2.00
C CYS A 70 -14.60 3.74 3.05
N HIS A 71 -13.96 4.84 2.63
CA HIS A 71 -13.28 5.78 3.51
C HIS A 71 -14.39 6.77 3.90
N ASN A 72 -15.13 7.29 2.91
CA ASN A 72 -16.23 8.23 3.12
C ASN A 72 -17.24 7.70 4.13
N GLU A 73 -17.45 6.39 4.10
CA GLU A 73 -18.35 5.64 4.97
C GLU A 73 -18.00 5.85 6.45
N VAL A 74 -16.72 6.04 6.79
CA VAL A 74 -16.23 6.24 8.14
C VAL A 74 -16.52 7.68 8.55
N VAL A 75 -15.90 8.66 7.88
CA VAL A 75 -16.07 10.09 8.17
C VAL A 75 -17.53 10.52 8.21
N SER A 76 -18.37 9.97 7.34
CA SER A 76 -19.78 10.34 7.29
C SER A 76 -20.60 9.64 8.38
N GLY A 77 -20.20 9.79 9.64
CA GLY A 77 -20.81 9.25 10.83
C GLY A 77 -20.34 10.04 12.06
N PRO A 78 -20.67 9.60 13.28
CA PRO A 78 -20.26 10.28 14.50
C PRO A 78 -18.74 10.12 14.68
N SER A 79 -18.00 11.23 14.59
CA SER A 79 -16.54 11.28 14.70
C SER A 79 -15.97 10.43 15.83
N SER A 80 -14.72 9.99 15.64
CA SER A 80 -14.00 9.14 16.58
C SER A 80 -12.69 9.79 17.03
N GLY A 81 -12.10 9.24 18.08
CA GLY A 81 -10.85 9.69 18.66
C GLY A 81 -9.67 9.01 17.99
N GLY A 1 -1.91 -17.68 15.95
CA GLY A 1 -0.89 -16.63 15.89
C GLY A 1 0.36 -17.12 15.19
N SER A 2 0.96 -16.28 14.34
CA SER A 2 2.16 -16.59 13.58
C SER A 2 2.91 -15.29 13.28
N SER A 3 4.23 -15.35 13.09
CA SER A 3 5.02 -14.17 12.80
C SER A 3 6.40 -14.57 12.28
N GLY A 4 6.66 -14.36 10.99
CA GLY A 4 7.96 -14.69 10.42
C GLY A 4 8.98 -13.64 10.87
N SER A 5 10.23 -14.03 11.08
CA SER A 5 11.28 -13.12 11.49
C SER A 5 12.64 -13.73 11.12
N SER A 6 13.19 -13.26 10.01
CA SER A 6 14.50 -13.72 9.54
C SER A 6 15.54 -12.62 9.67
N GLY A 7 15.12 -11.34 9.74
CA GLY A 7 16.03 -10.21 9.84
C GLY A 7 16.72 -9.97 8.51
N LYS A 8 16.26 -8.97 7.75
CA LYS A 8 16.85 -8.61 6.47
C LYS A 8 16.48 -7.18 6.14
N ASP A 9 17.42 -6.40 5.64
CA ASP A 9 17.25 -5.00 5.25
C ASP A 9 18.36 -4.68 4.26
N TYR A 10 18.07 -3.80 3.31
CA TYR A 10 18.99 -3.35 2.28
C TYR A 10 18.56 -1.95 1.82
N TRP A 11 19.49 -1.24 1.18
CA TRP A 11 19.36 0.13 0.68
C TRP A 11 18.87 0.23 -0.76
N GLY A 12 18.65 -0.88 -1.46
CA GLY A 12 18.17 -0.96 -2.84
C GLY A 12 18.74 0.04 -3.84
N LYS A 13 19.99 -0.15 -4.29
CA LYS A 13 20.57 0.78 -5.26
C LYS A 13 20.17 0.41 -6.69
N PHE A 14 20.23 -0.88 -7.03
CA PHE A 14 19.90 -1.37 -8.37
C PHE A 14 18.42 -1.21 -8.73
N GLY A 15 17.49 -1.75 -7.92
CA GLY A 15 16.04 -1.70 -8.13
C GLY A 15 15.26 -1.03 -7.00
N GLU A 16 13.92 -1.09 -7.06
CA GLU A 16 13.00 -0.54 -6.09
C GLU A 16 12.11 -1.64 -5.50
N PHE A 17 11.88 -1.58 -4.19
CA PHE A 17 11.07 -2.56 -3.48
C PHE A 17 9.68 -1.99 -3.15
N CYS A 18 8.64 -2.85 -3.09
CA CYS A 18 7.29 -2.40 -2.75
C CYS A 18 7.44 -2.08 -1.29
N HIS A 19 7.40 -0.82 -0.85
CA HIS A 19 7.56 -0.54 0.58
C HIS A 19 6.60 -1.39 1.42
N GLY A 20 5.39 -1.64 0.90
CA GLY A 20 4.39 -2.46 1.55
C GLY A 20 4.92 -3.85 1.94
N CYS A 21 5.85 -4.44 1.17
CA CYS A 21 6.41 -5.78 1.50
C CYS A 21 7.95 -5.93 1.47
N SER A 22 8.72 -4.92 1.05
CA SER A 22 10.18 -4.97 0.94
C SER A 22 10.66 -6.02 -0.11
N LEU A 23 9.84 -6.36 -1.11
CA LEU A 23 10.17 -7.32 -2.18
C LEU A 23 10.28 -6.56 -3.49
N LEU A 24 11.17 -7.02 -4.36
CA LEU A 24 11.47 -6.41 -5.66
C LEU A 24 10.31 -6.58 -6.64
N MET A 25 10.27 -5.74 -7.69
CA MET A 25 9.24 -5.78 -8.74
C MET A 25 9.86 -5.95 -10.11
N THR A 26 9.14 -6.66 -10.97
CA THR A 26 9.48 -6.97 -12.34
C THR A 26 8.22 -6.67 -13.16
N GLY A 27 7.80 -5.41 -13.17
CA GLY A 27 6.63 -4.92 -13.88
C GLY A 27 6.18 -3.56 -13.33
N PRO A 28 5.23 -2.89 -14.01
CA PRO A 28 4.71 -1.58 -13.64
C PRO A 28 3.90 -1.61 -12.33
N PHE A 29 3.58 -0.42 -11.82
CA PHE A 29 2.83 -0.19 -10.59
C PHE A 29 1.94 1.05 -10.74
N MET A 30 1.08 1.30 -9.74
CA MET A 30 0.16 2.43 -9.68
C MET A 30 0.84 3.54 -8.88
N VAL A 31 0.69 4.82 -9.22
CA VAL A 31 1.34 5.91 -8.49
C VAL A 31 0.34 6.63 -7.58
N ALA A 32 0.68 6.73 -6.29
CA ALA A 32 -0.10 7.41 -5.26
C ALA A 32 0.69 7.50 -3.96
N GLY A 33 0.16 8.27 -3.00
CA GLY A 33 0.73 8.41 -1.67
C GLY A 33 2.20 8.75 -1.63
N GLU A 34 2.72 9.52 -2.60
CA GLU A 34 4.11 9.95 -2.75
C GLU A 34 5.17 8.82 -2.73
N PHE A 35 4.78 7.54 -2.84
CA PHE A 35 5.71 6.41 -2.82
C PHE A 35 5.47 5.48 -4.01
N LYS A 36 5.70 4.18 -3.86
CA LYS A 36 5.52 3.14 -4.87
C LYS A 36 5.00 1.90 -4.15
N TYR A 37 3.94 1.26 -4.65
CA TYR A 37 3.36 0.06 -4.05
C TYR A 37 3.14 -0.98 -5.12
N HIS A 38 3.21 -2.29 -4.78
CA HIS A 38 2.97 -3.26 -5.86
C HIS A 38 1.52 -3.16 -6.33
N PRO A 39 1.23 -3.47 -7.62
CA PRO A 39 -0.12 -3.40 -8.18
C PRO A 39 -1.12 -4.28 -7.42
N GLU A 40 -0.69 -5.48 -7.01
CA GLU A 40 -1.54 -6.41 -6.29
C GLU A 40 -1.70 -6.06 -4.80
N CYS A 41 -1.01 -5.03 -4.31
CA CYS A 41 -1.04 -4.59 -2.91
C CYS A 41 -1.45 -3.13 -2.76
N PHE A 42 -1.96 -2.50 -3.82
CA PHE A 42 -2.45 -1.14 -3.79
C PHE A 42 -3.96 -1.33 -3.84
N ALA A 43 -4.56 -1.48 -2.66
CA ALA A 43 -5.98 -1.74 -2.53
C ALA A 43 -6.58 -1.19 -1.24
N CYS A 44 -7.92 -1.17 -1.18
CA CYS A 44 -8.63 -0.73 0.01
C CYS A 44 -8.33 -1.76 1.10
N MET A 45 -7.79 -1.38 2.26
CA MET A 45 -7.44 -2.28 3.35
C MET A 45 -8.60 -3.18 3.82
N SER A 46 -9.82 -2.64 3.82
CA SER A 46 -11.02 -3.33 4.25
C SER A 46 -11.68 -4.20 3.18
N CYS A 47 -11.31 -4.11 1.90
CA CYS A 47 -11.98 -4.92 0.87
C CYS A 47 -11.03 -5.59 -0.15
N LYS A 48 -9.74 -5.23 -0.15
CA LYS A 48 -8.69 -5.73 -1.03
C LYS A 48 -8.90 -5.43 -2.52
N VAL A 49 -9.95 -4.70 -2.92
CA VAL A 49 -10.15 -4.36 -4.32
C VAL A 49 -9.00 -3.44 -4.70
N ILE A 50 -8.41 -3.70 -5.85
CA ILE A 50 -7.32 -2.90 -6.37
C ILE A 50 -7.89 -1.54 -6.72
N ILE A 51 -7.13 -0.48 -6.49
CA ILE A 51 -7.52 0.89 -6.81
C ILE A 51 -6.71 1.16 -8.08
N GLU A 52 -7.37 1.19 -9.22
CA GLU A 52 -6.72 1.41 -10.51
C GLU A 52 -6.16 2.82 -10.61
N ASP A 53 -5.20 3.02 -11.52
CA ASP A 53 -4.57 4.32 -11.74
C ASP A 53 -5.53 5.17 -12.58
N GLY A 54 -6.62 5.57 -11.93
CA GLY A 54 -7.72 6.36 -12.45
C GLY A 54 -8.79 6.53 -11.37
N ASP A 55 -8.96 5.54 -10.48
CA ASP A 55 -9.93 5.58 -9.40
C ASP A 55 -9.40 6.50 -8.30
N ALA A 56 -10.30 7.31 -7.76
CA ALA A 56 -10.06 8.28 -6.71
C ALA A 56 -9.76 7.59 -5.37
N TYR A 57 -8.79 8.11 -4.61
CA TYR A 57 -8.37 7.61 -3.31
C TYR A 57 -8.14 8.78 -2.36
N ALA A 58 -7.70 8.48 -1.14
CA ALA A 58 -7.38 9.40 -0.05
C ALA A 58 -6.23 8.76 0.72
N LEU A 59 -5.31 9.56 1.27
CA LEU A 59 -4.17 9.08 2.04
C LEU A 59 -4.36 9.61 3.46
N VAL A 60 -4.41 8.69 4.42
CA VAL A 60 -4.61 8.99 5.84
C VAL A 60 -3.22 9.08 6.48
N GLN A 61 -3.13 9.76 7.63
CA GLN A 61 -1.90 9.95 8.40
C GLN A 61 -1.13 8.64 8.65
N HIS A 62 -1.86 7.53 8.85
CA HIS A 62 -1.27 6.23 9.12
C HIS A 62 -1.09 5.47 7.80
N ALA A 63 -0.08 4.60 7.76
CA ALA A 63 0.31 3.80 6.60
C ALA A 63 -0.73 2.71 6.24
N THR A 64 -1.90 3.10 5.75
CA THR A 64 -2.97 2.20 5.34
C THR A 64 -3.78 2.95 4.28
N LEU A 65 -4.22 2.25 3.23
CA LEU A 65 -4.97 2.81 2.13
C LEU A 65 -6.43 2.38 2.17
N TYR A 66 -7.32 3.27 1.73
CA TYR A 66 -8.76 3.05 1.65
C TYR A 66 -9.22 3.46 0.27
N CYS A 67 -10.43 3.01 -0.11
CA CYS A 67 -11.01 3.35 -1.40
C CYS A 67 -11.85 4.59 -1.13
N GLY A 68 -12.08 5.43 -2.12
CA GLY A 68 -12.87 6.64 -1.93
C GLY A 68 -14.21 6.39 -1.25
N LYS A 69 -14.98 5.38 -1.69
CA LYS A 69 -16.29 5.09 -1.09
C LYS A 69 -16.11 4.69 0.38
N CYS A 70 -15.26 3.70 0.63
CA CYS A 70 -14.96 3.18 1.95
C CYS A 70 -14.37 4.25 2.89
N HIS A 71 -13.58 5.21 2.39
CA HIS A 71 -13.02 6.27 3.23
C HIS A 71 -14.13 7.22 3.71
N ASN A 72 -15.30 7.21 3.07
CA ASN A 72 -16.44 8.02 3.47
C ASN A 72 -17.26 7.20 4.47
N GLU A 73 -17.25 5.87 4.33
CA GLU A 73 -17.95 4.94 5.20
C GLU A 73 -17.33 4.92 6.61
N VAL A 74 -16.04 5.25 6.76
CA VAL A 74 -15.38 5.26 8.07
C VAL A 74 -15.69 6.56 8.85
N VAL A 75 -16.29 7.57 8.23
CA VAL A 75 -16.65 8.83 8.89
C VAL A 75 -18.15 8.85 9.12
N SER A 76 -18.91 8.59 8.05
CA SER A 76 -20.36 8.60 8.04
C SER A 76 -20.96 7.75 9.17
N GLY A 77 -21.64 8.41 10.12
CA GLY A 77 -22.27 7.71 11.23
C GLY A 77 -22.80 8.66 12.28
N PRO A 78 -22.01 8.95 13.32
CA PRO A 78 -22.40 9.84 14.40
C PRO A 78 -22.47 11.29 13.94
N SER A 79 -23.12 12.12 14.74
CA SER A 79 -23.23 13.53 14.46
C SER A 79 -21.89 14.16 14.82
N SER A 80 -21.60 15.28 14.17
CA SER A 80 -20.40 16.08 14.37
C SER A 80 -20.77 17.56 14.18
N GLY A 81 -21.99 17.91 14.58
CA GLY A 81 -22.52 19.25 14.45
C GLY A 81 -22.92 19.38 13.01
#